data_6A1T
# 
_entry.id   6A1T 
# 
_audit_conform.dict_name       mmcif_pdbx.dic 
_audit_conform.dict_version    5.387 
_audit_conform.dict_location   http://mmcif.pdb.org/dictionaries/ascii/mmcif_pdbx.dic 
# 
loop_
_database_2.database_id 
_database_2.database_code 
_database_2.pdbx_database_accession 
_database_2.pdbx_DOI 
PDB   6A1T         pdb_00006a1t 10.2210/pdb6a1t/pdb 
WWPDB D_1300008032 ?            ?                   
# 
loop_
_pdbx_audit_revision_history.ordinal 
_pdbx_audit_revision_history.data_content_type 
_pdbx_audit_revision_history.major_revision 
_pdbx_audit_revision_history.minor_revision 
_pdbx_audit_revision_history.revision_date 
1 'Structure model' 1 0 2018-12-26 
2 'Structure model' 2 0 2020-07-29 
3 'Structure model' 2 1 2024-03-27 
# 
loop_
_pdbx_audit_revision_details.ordinal 
_pdbx_audit_revision_details.revision_ordinal 
_pdbx_audit_revision_details.data_content_type 
_pdbx_audit_revision_details.provider 
_pdbx_audit_revision_details.type 
_pdbx_audit_revision_details.description 
_pdbx_audit_revision_details.details 
1 1 'Structure model' repository 'Initial release' ?                          ? 
2 2 'Structure model' repository Remediation       'Carbohydrate remediation' ? 
# 
loop_
_pdbx_audit_revision_group.ordinal 
_pdbx_audit_revision_group.revision_ordinal 
_pdbx_audit_revision_group.data_content_type 
_pdbx_audit_revision_group.group 
1 2 'Structure model' 'Atomic model'            
2 2 'Structure model' 'Data collection'         
3 2 'Structure model' 'Derived calculations'    
4 2 'Structure model' 'Non-polymer description' 
5 2 'Structure model' 'Structure summary'       
6 3 'Structure model' 'Data collection'         
7 3 'Structure model' 'Database references'     
8 3 'Structure model' 'Structure summary'       
# 
loop_
_pdbx_audit_revision_category.ordinal 
_pdbx_audit_revision_category.revision_ordinal 
_pdbx_audit_revision_category.data_content_type 
_pdbx_audit_revision_category.category 
1  2 'Structure model' atom_site                     
2  2 'Structure model' chem_comp                     
3  2 'Structure model' entity                        
4  2 'Structure model' entity_name_com               
5  2 'Structure model' pdbx_branch_scheme            
6  2 'Structure model' pdbx_chem_comp_identifier     
7  2 'Structure model' pdbx_entity_branch            
8  2 'Structure model' pdbx_entity_branch_descriptor 
9  2 'Structure model' pdbx_entity_branch_link       
10 2 'Structure model' pdbx_entity_branch_list       
11 2 'Structure model' pdbx_entity_nonpoly           
12 2 'Structure model' pdbx_molecule_features        
13 2 'Structure model' pdbx_nonpoly_scheme           
14 2 'Structure model' struct_conn                   
15 2 'Structure model' struct_site                   
16 2 'Structure model' struct_site_gen               
17 3 'Structure model' chem_comp                     
18 3 'Structure model' chem_comp_atom                
19 3 'Structure model' chem_comp_bond                
20 3 'Structure model' database_2                    
# 
loop_
_pdbx_audit_revision_item.ordinal 
_pdbx_audit_revision_item.revision_ordinal 
_pdbx_audit_revision_item.data_content_type 
_pdbx_audit_revision_item.item 
1  2 'Structure model' '_atom_site.B_iso_or_equiv'           
2  2 'Structure model' '_atom_site.Cartn_x'                  
3  2 'Structure model' '_atom_site.Cartn_y'                  
4  2 'Structure model' '_atom_site.Cartn_z'                  
5  2 'Structure model' '_atom_site.auth_asym_id'             
6  2 'Structure model' '_atom_site.auth_atom_id'             
7  2 'Structure model' '_atom_site.auth_comp_id'             
8  2 'Structure model' '_atom_site.auth_seq_id'              
9  2 'Structure model' '_atom_site.label_atom_id'            
10 2 'Structure model' '_atom_site.label_comp_id'            
11 2 'Structure model' '_chem_comp.formula'                  
12 2 'Structure model' '_chem_comp.formula_weight'           
13 2 'Structure model' '_chem_comp.id'                       
14 2 'Structure model' '_chem_comp.mon_nstd_flag'            
15 2 'Structure model' '_chem_comp.name'                     
16 2 'Structure model' '_chem_comp.type'                     
17 2 'Structure model' '_entity.formula_weight'              
18 2 'Structure model' '_entity.pdbx_description'            
19 2 'Structure model' '_entity.type'                        
20 3 'Structure model' '_chem_comp.pdbx_synonyms'            
21 3 'Structure model' '_database_2.pdbx_DOI'                
22 3 'Structure model' '_database_2.pdbx_database_accession' 
# 
_pdbx_database_status.status_code                     REL 
_pdbx_database_status.status_code_sf                  REL 
_pdbx_database_status.status_code_mr                  ? 
_pdbx_database_status.entry_id                        6A1T 
_pdbx_database_status.recvd_initial_deposition_date   2018-06-08 
_pdbx_database_status.SG_entry                        N 
_pdbx_database_status.deposit_site                    PDBJ 
_pdbx_database_status.process_site                    PDBJ 
_pdbx_database_status.status_code_cs                  ? 
_pdbx_database_status.methods_development_category    ? 
_pdbx_database_status.pdb_format_compatible           Y 
_pdbx_database_status.status_code_nmr_data            ? 
# 
_audit_author.name               'Su, J.' 
_audit_author.pdbx_ordinal       1 
_audit_author.identifier_ORCID   ? 
# 
_citation.abstract                  ? 
_citation.abstract_id_CAS           ? 
_citation.book_id_ISBN              ? 
_citation.book_publisher            ? 
_citation.book_publisher_city       ? 
_citation.book_title                ? 
_citation.coordinate_linkage        ? 
_citation.country                   UK 
_citation.database_id_Medline       ? 
_citation.details                   ? 
_citation.id                        primary 
_citation.journal_abbrev            Glycobiology 
_citation.journal_id_ASTM           ? 
_citation.journal_id_CSD            9999 
_citation.journal_id_ISSN           1460-2423 
_citation.journal_full              ? 
_citation.journal_issue             ? 
_citation.journal_volume            29 
_citation.language                  ? 
_citation.page_first                85 
_citation.page_last                 93 
_citation.title                     
;Identification of key amino acid residues determining ligand binding specificity, homodimerization and cellular distribution of human galectin-10
;
_citation.year                      2019 
_citation.database_id_CSD           ? 
_citation.pdbx_database_id_DOI      10.1093/glycob/cwy087 
_citation.pdbx_database_id_PubMed   30239701 
_citation.unpublished_flag          ? 
# 
loop_
_citation_author.citation_id 
_citation_author.name 
_citation_author.ordinal 
_citation_author.identifier_ORCID 
primary 'Su, J.'   1 ? 
primary 'Song, C.' 2 ? 
primary 'Si, Y.'   3 ? 
primary 'Cui, L.'  4 ? 
primary 'Yang, T.' 5 ? 
primary 'Li, Y.'   6 ? 
primary 'Wang, H.' 7 ? 
primary 'Tai, G.'  8 ? 
primary 'Zhou, Y.' 9 ? 
# 
loop_
_entity.id 
_entity.type 
_entity.src_method 
_entity.pdbx_description 
_entity.formula_weight 
_entity.pdbx_number_of_molecules 
_entity.pdbx_ec 
_entity.pdbx_mutation 
_entity.pdbx_fragment 
_entity.details 
1 polymer  man Galectin-10                                         16696.072 1   ? E33A 'UNP residues 1-142' ? 
2 branched man 'beta-D-galactopyranose-(1-4)-beta-D-glucopyranose' 342.297   1   ? ?    ?                    ? 
3 water    nat water                                               18.015    211 ? ?    ?                    ? 
# 
loop_
_entity_name_com.entity_id 
_entity_name_com.name 
1 'Gal-10,Charcot-Leyden crystal protein,' 
2 beta-lactose                             
# 
_entity_poly.entity_id                      1 
_entity_poly.type                           'polypeptide(L)' 
_entity_poly.nstd_linkage                   no 
_entity_poly.nstd_monomer                   no 
_entity_poly.pdbx_seq_one_letter_code       
;GSHMSLLPVPYTEAASLSTGSTVTIKGRPLACFLNAPYLQVDFHTEMKEESDIVFHFQVCFGRRVVMNSREYGAWKQQVE
SKNMPFQDGQEFELSISVLPDKYQVMVNGQSSYTFDHRIKPEAVKMVQVWRDISLTKFNVSYLKR
;
_entity_poly.pdbx_seq_one_letter_code_can   
;GSHMSLLPVPYTEAASLSTGSTVTIKGRPLACFLNAPYLQVDFHTEMKEESDIVFHFQVCFGRRVVMNSREYGAWKQQVE
SKNMPFQDGQEFELSISVLPDKYQVMVNGQSSYTFDHRIKPEAVKMVQVWRDISLTKFNVSYLKR
;
_entity_poly.pdbx_strand_id                 A 
_entity_poly.pdbx_target_identifier         ? 
# 
_pdbx_entity_nonpoly.entity_id   3 
_pdbx_entity_nonpoly.name        water 
_pdbx_entity_nonpoly.comp_id     HOH 
# 
loop_
_entity_poly_seq.entity_id 
_entity_poly_seq.num 
_entity_poly_seq.mon_id 
_entity_poly_seq.hetero 
1 1   GLY n 
1 2   SER n 
1 3   HIS n 
1 4   MET n 
1 5   SER n 
1 6   LEU n 
1 7   LEU n 
1 8   PRO n 
1 9   VAL n 
1 10  PRO n 
1 11  TYR n 
1 12  THR n 
1 13  GLU n 
1 14  ALA n 
1 15  ALA n 
1 16  SER n 
1 17  LEU n 
1 18  SER n 
1 19  THR n 
1 20  GLY n 
1 21  SER n 
1 22  THR n 
1 23  VAL n 
1 24  THR n 
1 25  ILE n 
1 26  LYS n 
1 27  GLY n 
1 28  ARG n 
1 29  PRO n 
1 30  LEU n 
1 31  ALA n 
1 32  CYS n 
1 33  PHE n 
1 34  LEU n 
1 35  ASN n 
1 36  ALA n 
1 37  PRO n 
1 38  TYR n 
1 39  LEU n 
1 40  GLN n 
1 41  VAL n 
1 42  ASP n 
1 43  PHE n 
1 44  HIS n 
1 45  THR n 
1 46  GLU n 
1 47  MET n 
1 48  LYS n 
1 49  GLU n 
1 50  GLU n 
1 51  SER n 
1 52  ASP n 
1 53  ILE n 
1 54  VAL n 
1 55  PHE n 
1 56  HIS n 
1 57  PHE n 
1 58  GLN n 
1 59  VAL n 
1 60  CYS n 
1 61  PHE n 
1 62  GLY n 
1 63  ARG n 
1 64  ARG n 
1 65  VAL n 
1 66  VAL n 
1 67  MET n 
1 68  ASN n 
1 69  SER n 
1 70  ARG n 
1 71  GLU n 
1 72  TYR n 
1 73  GLY n 
1 74  ALA n 
1 75  TRP n 
1 76  LYS n 
1 77  GLN n 
1 78  GLN n 
1 79  VAL n 
1 80  GLU n 
1 81  SER n 
1 82  LYS n 
1 83  ASN n 
1 84  MET n 
1 85  PRO n 
1 86  PHE n 
1 87  GLN n 
1 88  ASP n 
1 89  GLY n 
1 90  GLN n 
1 91  GLU n 
1 92  PHE n 
1 93  GLU n 
1 94  LEU n 
1 95  SER n 
1 96  ILE n 
1 97  SER n 
1 98  VAL n 
1 99  LEU n 
1 100 PRO n 
1 101 ASP n 
1 102 LYS n 
1 103 TYR n 
1 104 GLN n 
1 105 VAL n 
1 106 MET n 
1 107 VAL n 
1 108 ASN n 
1 109 GLY n 
1 110 GLN n 
1 111 SER n 
1 112 SER n 
1 113 TYR n 
1 114 THR n 
1 115 PHE n 
1 116 ASP n 
1 117 HIS n 
1 118 ARG n 
1 119 ILE n 
1 120 LYS n 
1 121 PRO n 
1 122 GLU n 
1 123 ALA n 
1 124 VAL n 
1 125 LYS n 
1 126 MET n 
1 127 VAL n 
1 128 GLN n 
1 129 VAL n 
1 130 TRP n 
1 131 ARG n 
1 132 ASP n 
1 133 ILE n 
1 134 SER n 
1 135 LEU n 
1 136 THR n 
1 137 LYS n 
1 138 PHE n 
1 139 ASN n 
1 140 VAL n 
1 141 SER n 
1 142 TYR n 
1 143 LEU n 
1 144 LYS n 
1 145 ARG n 
# 
_entity_src_gen.entity_id                          1 
_entity_src_gen.pdbx_src_id                        1 
_entity_src_gen.pdbx_alt_source_flag               sample 
_entity_src_gen.pdbx_seq_type                      'Biological sequence' 
_entity_src_gen.pdbx_beg_seq_num                   1 
_entity_src_gen.pdbx_end_seq_num                   145 
_entity_src_gen.gene_src_common_name               Human 
_entity_src_gen.gene_src_genus                     ? 
_entity_src_gen.pdbx_gene_src_gene                 CLC 
_entity_src_gen.gene_src_species                   ? 
_entity_src_gen.gene_src_strain                    ? 
_entity_src_gen.gene_src_tissue                    ? 
_entity_src_gen.gene_src_tissue_fraction           ? 
_entity_src_gen.gene_src_details                   ? 
_entity_src_gen.pdbx_gene_src_fragment             ? 
_entity_src_gen.pdbx_gene_src_scientific_name      'Homo sapiens' 
_entity_src_gen.pdbx_gene_src_ncbi_taxonomy_id     9606 
_entity_src_gen.pdbx_gene_src_variant              ? 
_entity_src_gen.pdbx_gene_src_cell_line            ? 
_entity_src_gen.pdbx_gene_src_atcc                 ? 
_entity_src_gen.pdbx_gene_src_organ                ? 
_entity_src_gen.pdbx_gene_src_organelle            ? 
_entity_src_gen.pdbx_gene_src_cell                 ? 
_entity_src_gen.pdbx_gene_src_cellular_location    ? 
_entity_src_gen.host_org_common_name               ? 
_entity_src_gen.pdbx_host_org_scientific_name      'Escherichia coli' 
_entity_src_gen.pdbx_host_org_ncbi_taxonomy_id     562 
_entity_src_gen.host_org_genus                     ? 
_entity_src_gen.pdbx_host_org_gene                 ? 
_entity_src_gen.pdbx_host_org_organ                ? 
_entity_src_gen.host_org_species                   ? 
_entity_src_gen.pdbx_host_org_tissue               ? 
_entity_src_gen.pdbx_host_org_tissue_fraction      ? 
_entity_src_gen.pdbx_host_org_strain               ? 
_entity_src_gen.pdbx_host_org_variant              ? 
_entity_src_gen.pdbx_host_org_cell_line            ? 
_entity_src_gen.pdbx_host_org_atcc                 ? 
_entity_src_gen.pdbx_host_org_culture_collection   ? 
_entity_src_gen.pdbx_host_org_cell                 ? 
_entity_src_gen.pdbx_host_org_organelle            ? 
_entity_src_gen.pdbx_host_org_cellular_location    ? 
_entity_src_gen.pdbx_host_org_vector_type          ? 
_entity_src_gen.pdbx_host_org_vector               ? 
_entity_src_gen.host_org_details                   ? 
_entity_src_gen.expression_system_id               ? 
_entity_src_gen.plasmid_name                       ? 
_entity_src_gen.plasmid_details                    ? 
_entity_src_gen.pdbx_description                   ? 
# 
_pdbx_entity_branch.entity_id   2 
_pdbx_entity_branch.type        oligosaccharide 
# 
loop_
_pdbx_entity_branch_descriptor.ordinal 
_pdbx_entity_branch_descriptor.entity_id 
_pdbx_entity_branch_descriptor.descriptor 
_pdbx_entity_branch_descriptor.type 
_pdbx_entity_branch_descriptor.program 
_pdbx_entity_branch_descriptor.program_version 
1 2 DGalpb1-4DGlcpb1-ROH                                       'Glycam Condensed Sequence' GMML       1.0   
2 2 'WURCS=2.0/2,2,1/[a2122h-1b_1-5][a2112h-1b_1-5]/1-2/a4-b1' WURCS                       PDB2Glycan 1.1.0 
3 2 '[][b-D-Glcp]{[(4+1)][b-D-Galp]{}}'                        LINUCS                      PDB-CARE   ?     
# 
_pdbx_entity_branch_link.link_id                    1 
_pdbx_entity_branch_link.entity_id                  2 
_pdbx_entity_branch_link.entity_branch_list_num_1   2 
_pdbx_entity_branch_link.comp_id_1                  GAL 
_pdbx_entity_branch_link.atom_id_1                  C1 
_pdbx_entity_branch_link.leaving_atom_id_1          O1 
_pdbx_entity_branch_link.entity_branch_list_num_2   1 
_pdbx_entity_branch_link.comp_id_2                  BGC 
_pdbx_entity_branch_link.atom_id_2                  O4 
_pdbx_entity_branch_link.leaving_atom_id_2          HO4 
_pdbx_entity_branch_link.value_order                sing 
_pdbx_entity_branch_link.details                    ? 
# 
loop_
_chem_comp.id 
_chem_comp.type 
_chem_comp.mon_nstd_flag 
_chem_comp.name 
_chem_comp.pdbx_synonyms 
_chem_comp.formula 
_chem_comp.formula_weight 
ALA 'L-peptide linking'          y ALANINE                ?                                          'C3 H7 N O2'     89.093  
ARG 'L-peptide linking'          y ARGININE               ?                                          'C6 H15 N4 O2 1' 175.209 
ASN 'L-peptide linking'          y ASPARAGINE             ?                                          'C4 H8 N2 O3'    132.118 
ASP 'L-peptide linking'          y 'ASPARTIC ACID'        ?                                          'C4 H7 N O4'     133.103 
BGC 'D-saccharide, beta linking' . beta-D-glucopyranose   'beta-D-glucose; D-glucose; glucose'       'C6 H12 O6'      180.156 
CYS 'L-peptide linking'          y CYSTEINE               ?                                          'C3 H7 N O2 S'   121.158 
GAL 'D-saccharide, beta linking' . beta-D-galactopyranose 'beta-D-galactose; D-galactose; galactose' 'C6 H12 O6'      180.156 
GLN 'L-peptide linking'          y GLUTAMINE              ?                                          'C5 H10 N2 O3'   146.144 
GLU 'L-peptide linking'          y 'GLUTAMIC ACID'        ?                                          'C5 H9 N O4'     147.129 
GLY 'peptide linking'            y GLYCINE                ?                                          'C2 H5 N O2'     75.067  
HIS 'L-peptide linking'          y HISTIDINE              ?                                          'C6 H10 N3 O2 1' 156.162 
HOH non-polymer                  . WATER                  ?                                          'H2 O'           18.015  
ILE 'L-peptide linking'          y ISOLEUCINE             ?                                          'C6 H13 N O2'    131.173 
LEU 'L-peptide linking'          y LEUCINE                ?                                          'C6 H13 N O2'    131.173 
LYS 'L-peptide linking'          y LYSINE                 ?                                          'C6 H15 N2 O2 1' 147.195 
MET 'L-peptide linking'          y METHIONINE             ?                                          'C5 H11 N O2 S'  149.211 
PHE 'L-peptide linking'          y PHENYLALANINE          ?                                          'C9 H11 N O2'    165.189 
PRO 'L-peptide linking'          y PROLINE                ?                                          'C5 H9 N O2'     115.130 
SER 'L-peptide linking'          y SERINE                 ?                                          'C3 H7 N O3'     105.093 
THR 'L-peptide linking'          y THREONINE              ?                                          'C4 H9 N O3'     119.119 
TRP 'L-peptide linking'          y TRYPTOPHAN             ?                                          'C11 H12 N2 O2'  204.225 
TYR 'L-peptide linking'          y TYROSINE               ?                                          'C9 H11 N O3'    181.189 
VAL 'L-peptide linking'          y VALINE                 ?                                          'C5 H11 N O2'    117.146 
# 
loop_
_pdbx_chem_comp_identifier.comp_id 
_pdbx_chem_comp_identifier.type 
_pdbx_chem_comp_identifier.program 
_pdbx_chem_comp_identifier.program_version 
_pdbx_chem_comp_identifier.identifier 
BGC 'CONDENSED IUPAC CARBOHYDRATE SYMBOL' GMML     1.0 DGlcpb              
BGC 'COMMON NAME'                         GMML     1.0 b-D-glucopyranose   
BGC 'IUPAC CARBOHYDRATE SYMBOL'           PDB-CARE 1.0 b-D-Glcp            
BGC 'SNFG CARBOHYDRATE SYMBOL'            GMML     1.0 Glc                 
GAL 'CONDENSED IUPAC CARBOHYDRATE SYMBOL' GMML     1.0 DGalpb              
GAL 'COMMON NAME'                         GMML     1.0 b-D-galactopyranose 
GAL 'IUPAC CARBOHYDRATE SYMBOL'           PDB-CARE 1.0 b-D-Galp            
GAL 'SNFG CARBOHYDRATE SYMBOL'            GMML     1.0 Gal                 
# 
loop_
_pdbx_poly_seq_scheme.asym_id 
_pdbx_poly_seq_scheme.entity_id 
_pdbx_poly_seq_scheme.seq_id 
_pdbx_poly_seq_scheme.mon_id 
_pdbx_poly_seq_scheme.ndb_seq_num 
_pdbx_poly_seq_scheme.pdb_seq_num 
_pdbx_poly_seq_scheme.auth_seq_num 
_pdbx_poly_seq_scheme.pdb_mon_id 
_pdbx_poly_seq_scheme.auth_mon_id 
_pdbx_poly_seq_scheme.pdb_strand_id 
_pdbx_poly_seq_scheme.pdb_ins_code 
_pdbx_poly_seq_scheme.hetero 
A 1 1   GLY 1   -2  ?   ?   ?   A . n 
A 1 2   SER 2   -1  ?   ?   ?   A . n 
A 1 3   HIS 3   0   ?   ?   ?   A . n 
A 1 4   MET 4   1   ?   ?   ?   A . n 
A 1 5   SER 5   2   2   SER SER A . n 
A 1 6   LEU 6   3   3   LEU LEU A . n 
A 1 7   LEU 7   4   4   LEU LEU A . n 
A 1 8   PRO 8   5   5   PRO PRO A . n 
A 1 9   VAL 9   6   6   VAL VAL A . n 
A 1 10  PRO 10  7   7   PRO PRO A . n 
A 1 11  TYR 11  8   8   TYR TYR A . n 
A 1 12  THR 12  9   9   THR THR A . n 
A 1 13  GLU 13  10  10  GLU GLU A . n 
A 1 14  ALA 14  11  11  ALA ALA A . n 
A 1 15  ALA 15  12  12  ALA ALA A . n 
A 1 16  SER 16  13  13  SER SER A . n 
A 1 17  LEU 17  14  14  LEU LEU A . n 
A 1 18  SER 18  15  15  SER SER A . n 
A 1 19  THR 19  16  16  THR THR A . n 
A 1 20  GLY 20  17  17  GLY GLY A . n 
A 1 21  SER 21  18  18  SER SER A . n 
A 1 22  THR 22  19  19  THR THR A . n 
A 1 23  VAL 23  20  20  VAL VAL A . n 
A 1 24  THR 24  21  21  THR THR A . n 
A 1 25  ILE 25  22  22  ILE ILE A . n 
A 1 26  LYS 26  23  23  LYS LYS A . n 
A 1 27  GLY 27  24  24  GLY GLY A . n 
A 1 28  ARG 28  25  25  ARG ARG A . n 
A 1 29  PRO 29  26  26  PRO PRO A . n 
A 1 30  LEU 30  27  27  LEU LEU A . n 
A 1 31  ALA 31  28  28  ALA ALA A . n 
A 1 32  CYS 32  29  29  CYS CYS A . n 
A 1 33  PHE 33  30  30  PHE PHE A . n 
A 1 34  LEU 34  31  31  LEU LEU A . n 
A 1 35  ASN 35  32  32  ASN ASN A . n 
A 1 36  ALA 36  33  33  ALA ALA A . n 
A 1 37  PRO 37  34  34  PRO PRO A . n 
A 1 38  TYR 38  35  35  TYR TYR A . n 
A 1 39  LEU 39  36  36  LEU LEU A . n 
A 1 40  GLN 40  37  37  GLN GLN A . n 
A 1 41  VAL 41  38  38  VAL VAL A . n 
A 1 42  ASP 42  39  39  ASP ASP A . n 
A 1 43  PHE 43  40  40  PHE PHE A . n 
A 1 44  HIS 44  41  41  HIS HIS A . n 
A 1 45  THR 45  42  42  THR THR A . n 
A 1 46  GLU 46  43  43  GLU GLU A . n 
A 1 47  MET 47  44  44  MET MET A . n 
A 1 48  LYS 48  45  45  LYS LYS A . n 
A 1 49  GLU 49  46  46  GLU GLU A . n 
A 1 50  GLU 50  47  47  GLU GLU A . n 
A 1 51  SER 51  48  48  SER SER A . n 
A 1 52  ASP 52  49  49  ASP ASP A . n 
A 1 53  ILE 53  50  50  ILE ILE A . n 
A 1 54  VAL 54  51  51  VAL VAL A . n 
A 1 55  PHE 55  52  52  PHE PHE A . n 
A 1 56  HIS 56  53  53  HIS HIS A . n 
A 1 57  PHE 57  54  54  PHE PHE A . n 
A 1 58  GLN 58  55  55  GLN GLN A . n 
A 1 59  VAL 59  56  56  VAL VAL A . n 
A 1 60  CYS 60  57  57  CYS CYS A . n 
A 1 61  PHE 61  58  58  PHE PHE A . n 
A 1 62  GLY 62  59  59  GLY GLY A . n 
A 1 63  ARG 63  60  60  ARG ARG A . n 
A 1 64  ARG 64  61  61  ARG ARG A . n 
A 1 65  VAL 65  62  62  VAL VAL A . n 
A 1 66  VAL 66  63  63  VAL VAL A . n 
A 1 67  MET 67  64  64  MET MET A . n 
A 1 68  ASN 68  65  65  ASN ASN A . n 
A 1 69  SER 69  66  66  SER SER A . n 
A 1 70  ARG 70  67  67  ARG ARG A . n 
A 1 71  GLU 71  68  68  GLU GLU A . n 
A 1 72  TYR 72  69  69  TYR TYR A . n 
A 1 73  GLY 73  70  70  GLY GLY A . n 
A 1 74  ALA 74  71  71  ALA ALA A . n 
A 1 75  TRP 75  72  72  TRP TRP A . n 
A 1 76  LYS 76  73  73  LYS LYS A . n 
A 1 77  GLN 77  74  74  GLN GLN A . n 
A 1 78  GLN 78  75  75  GLN GLN A . n 
A 1 79  VAL 79  76  76  VAL VAL A . n 
A 1 80  GLU 80  77  77  GLU GLU A . n 
A 1 81  SER 81  78  78  SER SER A . n 
A 1 82  LYS 82  79  79  LYS LYS A . n 
A 1 83  ASN 83  80  80  ASN ASN A . n 
A 1 84  MET 84  81  81  MET MET A . n 
A 1 85  PRO 85  82  82  PRO PRO A . n 
A 1 86  PHE 86  83  83  PHE PHE A . n 
A 1 87  GLN 87  84  84  GLN GLN A . n 
A 1 88  ASP 88  85  85  ASP ASP A . n 
A 1 89  GLY 89  86  86  GLY GLY A . n 
A 1 90  GLN 90  87  87  GLN GLN A . n 
A 1 91  GLU 91  88  88  GLU GLU A . n 
A 1 92  PHE 92  89  89  PHE PHE A . n 
A 1 93  GLU 93  90  90  GLU GLU A . n 
A 1 94  LEU 94  91  91  LEU LEU A . n 
A 1 95  SER 95  92  92  SER SER A . n 
A 1 96  ILE 96  93  93  ILE ILE A . n 
A 1 97  SER 97  94  94  SER SER A . n 
A 1 98  VAL 98  95  95  VAL VAL A . n 
A 1 99  LEU 99  96  96  LEU LEU A . n 
A 1 100 PRO 100 97  97  PRO PRO A . n 
A 1 101 ASP 101 98  98  ASP ASP A . n 
A 1 102 LYS 102 99  99  LYS LYS A . n 
A 1 103 TYR 103 100 100 TYR TYR A . n 
A 1 104 GLN 104 101 101 GLN GLN A . n 
A 1 105 VAL 105 102 102 VAL VAL A . n 
A 1 106 MET 106 103 103 MET MET A . n 
A 1 107 VAL 107 104 104 VAL VAL A . n 
A 1 108 ASN 108 105 105 ASN ASN A . n 
A 1 109 GLY 109 106 106 GLY GLY A . n 
A 1 110 GLN 110 107 107 GLN GLN A . n 
A 1 111 SER 111 108 108 SER SER A . n 
A 1 112 SER 112 109 109 SER SER A . n 
A 1 113 TYR 113 110 110 TYR TYR A . n 
A 1 114 THR 114 111 111 THR THR A . n 
A 1 115 PHE 115 112 112 PHE PHE A . n 
A 1 116 ASP 116 113 113 ASP ASP A . n 
A 1 117 HIS 117 114 114 HIS HIS A . n 
A 1 118 ARG 118 115 115 ARG ARG A . n 
A 1 119 ILE 119 116 116 ILE ILE A . n 
A 1 120 LYS 120 117 117 LYS LYS A . n 
A 1 121 PRO 121 118 118 PRO PRO A . n 
A 1 122 GLU 122 119 119 GLU GLU A . n 
A 1 123 ALA 123 120 120 ALA ALA A . n 
A 1 124 VAL 124 121 121 VAL VAL A . n 
A 1 125 LYS 125 122 122 LYS LYS A . n 
A 1 126 MET 126 123 123 MET MET A . n 
A 1 127 VAL 127 124 124 VAL VAL A . n 
A 1 128 GLN 128 125 125 GLN GLN A . n 
A 1 129 VAL 129 126 126 VAL VAL A . n 
A 1 130 TRP 130 127 127 TRP TRP A . n 
A 1 131 ARG 131 128 128 ARG ARG A . n 
A 1 132 ASP 132 129 129 ASP ASP A . n 
A 1 133 ILE 133 130 130 ILE ILE A . n 
A 1 134 SER 134 131 131 SER SER A . n 
A 1 135 LEU 135 132 132 LEU LEU A . n 
A 1 136 THR 136 133 133 THR THR A . n 
A 1 137 LYS 137 134 134 LYS LYS A . n 
A 1 138 PHE 138 135 135 PHE PHE A . n 
A 1 139 ASN 139 136 136 ASN ASN A . n 
A 1 140 VAL 140 137 137 VAL VAL A . n 
A 1 141 SER 141 138 138 SER SER A . n 
A 1 142 TYR 142 139 139 TYR TYR A . n 
A 1 143 LEU 143 140 140 LEU LEU A . n 
A 1 144 LYS 144 141 141 LYS LYS A . n 
A 1 145 ARG 145 142 142 ARG ARG A . n 
# 
loop_
_pdbx_branch_scheme.asym_id 
_pdbx_branch_scheme.entity_id 
_pdbx_branch_scheme.mon_id 
_pdbx_branch_scheme.num 
_pdbx_branch_scheme.pdb_asym_id 
_pdbx_branch_scheme.pdb_mon_id 
_pdbx_branch_scheme.pdb_seq_num 
_pdbx_branch_scheme.auth_asym_id 
_pdbx_branch_scheme.auth_mon_id 
_pdbx_branch_scheme.auth_seq_num 
_pdbx_branch_scheme.hetero 
B 2 BGC 1 B BGC 1 A B4H 201 n 
B 2 GAL 2 B GAL 2 A B4H 201 n 
# 
loop_
_pdbx_nonpoly_scheme.asym_id 
_pdbx_nonpoly_scheme.entity_id 
_pdbx_nonpoly_scheme.mon_id 
_pdbx_nonpoly_scheme.ndb_seq_num 
_pdbx_nonpoly_scheme.pdb_seq_num 
_pdbx_nonpoly_scheme.auth_seq_num 
_pdbx_nonpoly_scheme.pdb_mon_id 
_pdbx_nonpoly_scheme.auth_mon_id 
_pdbx_nonpoly_scheme.pdb_strand_id 
_pdbx_nonpoly_scheme.pdb_ins_code 
C 3 HOH 1   301 159 HOH HOH A . 
C 3 HOH 2   302 55  HOH HOH A . 
C 3 HOH 3   303 7   HOH HOH A . 
C 3 HOH 4   304 26  HOH HOH A . 
C 3 HOH 5   305 161 HOH HOH A . 
C 3 HOH 6   306 98  HOH HOH A . 
C 3 HOH 7   307 64  HOH HOH A . 
C 3 HOH 8   308 124 HOH HOH A . 
C 3 HOH 9   309 105 HOH HOH A . 
C 3 HOH 10  310 102 HOH HOH A . 
C 3 HOH 11  311 41  HOH HOH A . 
C 3 HOH 12  312 91  HOH HOH A . 
C 3 HOH 13  313 193 HOH HOH A . 
C 3 HOH 14  314 123 HOH HOH A . 
C 3 HOH 15  315 100 HOH HOH A . 
C 3 HOH 16  316 62  HOH HOH A . 
C 3 HOH 17  317 90  HOH HOH A . 
C 3 HOH 18  318 70  HOH HOH A . 
C 3 HOH 19  319 61  HOH HOH A . 
C 3 HOH 20  320 107 HOH HOH A . 
C 3 HOH 21  321 194 HOH HOH A . 
C 3 HOH 22  322 44  HOH HOH A . 
C 3 HOH 23  323 4   HOH HOH A . 
C 3 HOH 24  324 186 HOH HOH A . 
C 3 HOH 25  325 36  HOH HOH A . 
C 3 HOH 26  326 158 HOH HOH A . 
C 3 HOH 27  327 191 HOH HOH A . 
C 3 HOH 28  328 29  HOH HOH A . 
C 3 HOH 29  329 110 HOH HOH A . 
C 3 HOH 30  330 166 HOH HOH A . 
C 3 HOH 31  331 27  HOH HOH A . 
C 3 HOH 32  332 139 HOH HOH A . 
C 3 HOH 33  333 3   HOH HOH A . 
C 3 HOH 34  334 151 HOH HOH A . 
C 3 HOH 35  335 154 HOH HOH A . 
C 3 HOH 36  336 30  HOH HOH A . 
C 3 HOH 37  337 17  HOH HOH A . 
C 3 HOH 38  338 97  HOH HOH A . 
C 3 HOH 39  339 10  HOH HOH A . 
C 3 HOH 40  340 66  HOH HOH A . 
C 3 HOH 41  341 197 HOH HOH A . 
C 3 HOH 42  342 117 HOH HOH A . 
C 3 HOH 43  343 112 HOH HOH A . 
C 3 HOH 44  344 51  HOH HOH A . 
C 3 HOH 45  345 58  HOH HOH A . 
C 3 HOH 46  346 148 HOH HOH A . 
C 3 HOH 47  347 16  HOH HOH A . 
C 3 HOH 48  348 113 HOH HOH A . 
C 3 HOH 49  349 53  HOH HOH A . 
C 3 HOH 50  350 59  HOH HOH A . 
C 3 HOH 51  351 122 HOH HOH A . 
C 3 HOH 52  352 38  HOH HOH A . 
C 3 HOH 53  353 76  HOH HOH A . 
C 3 HOH 54  354 127 HOH HOH A . 
C 3 HOH 55  355 65  HOH HOH A . 
C 3 HOH 56  356 43  HOH HOH A . 
C 3 HOH 57  357 81  HOH HOH A . 
C 3 HOH 58  358 183 HOH HOH A . 
C 3 HOH 59  359 14  HOH HOH A . 
C 3 HOH 60  360 23  HOH HOH A . 
C 3 HOH 61  361 126 HOH HOH A . 
C 3 HOH 62  362 111 HOH HOH A . 
C 3 HOH 63  363 31  HOH HOH A . 
C 3 HOH 64  364 108 HOH HOH A . 
C 3 HOH 65  365 118 HOH HOH A . 
C 3 HOH 66  366 18  HOH HOH A . 
C 3 HOH 67  367 93  HOH HOH A . 
C 3 HOH 68  368 28  HOH HOH A . 
C 3 HOH 69  369 48  HOH HOH A . 
C 3 HOH 70  370 40  HOH HOH A . 
C 3 HOH 71  371 96  HOH HOH A . 
C 3 HOH 72  372 83  HOH HOH A . 
C 3 HOH 73  373 85  HOH HOH A . 
C 3 HOH 74  374 6   HOH HOH A . 
C 3 HOH 75  375 121 HOH HOH A . 
C 3 HOH 76  376 67  HOH HOH A . 
C 3 HOH 77  377 57  HOH HOH A . 
C 3 HOH 78  378 73  HOH HOH A . 
C 3 HOH 79  379 128 HOH HOH A . 
C 3 HOH 80  380 39  HOH HOH A . 
C 3 HOH 81  381 63  HOH HOH A . 
C 3 HOH 82  382 22  HOH HOH A . 
C 3 HOH 83  383 8   HOH HOH A . 
C 3 HOH 84  384 21  HOH HOH A . 
C 3 HOH 85  385 78  HOH HOH A . 
C 3 HOH 86  386 178 HOH HOH A . 
C 3 HOH 87  387 12  HOH HOH A . 
C 3 HOH 88  388 134 HOH HOH A . 
C 3 HOH 89  389 72  HOH HOH A . 
C 3 HOH 90  390 49  HOH HOH A . 
C 3 HOH 91  391 104 HOH HOH A . 
C 3 HOH 92  392 172 HOH HOH A . 
C 3 HOH 93  393 145 HOH HOH A . 
C 3 HOH 94  394 190 HOH HOH A . 
C 3 HOH 95  395 164 HOH HOH A . 
C 3 HOH 96  396 5   HOH HOH A . 
C 3 HOH 97  397 137 HOH HOH A . 
C 3 HOH 98  398 114 HOH HOH A . 
C 3 HOH 99  399 120 HOH HOH A . 
C 3 HOH 100 400 79  HOH HOH A . 
C 3 HOH 101 401 171 HOH HOH A . 
C 3 HOH 102 402 74  HOH HOH A . 
C 3 HOH 103 403 196 HOH HOH A . 
C 3 HOH 104 404 173 HOH HOH A . 
C 3 HOH 105 405 56  HOH HOH A . 
C 3 HOH 106 406 86  HOH HOH A . 
C 3 HOH 107 407 84  HOH HOH A . 
C 3 HOH 108 408 35  HOH HOH A . 
C 3 HOH 109 409 9   HOH HOH A . 
C 3 HOH 110 410 68  HOH HOH A . 
C 3 HOH 111 411 174 HOH HOH A . 
C 3 HOH 112 412 46  HOH HOH A . 
C 3 HOH 113 413 87  HOH HOH A . 
C 3 HOH 114 414 34  HOH HOH A . 
C 3 HOH 115 415 13  HOH HOH A . 
C 3 HOH 116 416 54  HOH HOH A . 
C 3 HOH 117 417 15  HOH HOH A . 
C 3 HOH 118 418 19  HOH HOH A . 
C 3 HOH 119 419 33  HOH HOH A . 
C 3 HOH 120 420 42  HOH HOH A . 
C 3 HOH 121 421 115 HOH HOH A . 
C 3 HOH 122 422 119 HOH HOH A . 
C 3 HOH 123 423 80  HOH HOH A . 
C 3 HOH 124 424 101 HOH HOH A . 
C 3 HOH 125 425 50  HOH HOH A . 
C 3 HOH 126 426 20  HOH HOH A . 
C 3 HOH 127 427 156 HOH HOH A . 
C 3 HOH 128 428 77  HOH HOH A . 
C 3 HOH 129 429 169 HOH HOH A . 
C 3 HOH 130 430 132 HOH HOH A . 
C 3 HOH 131 431 89  HOH HOH A . 
C 3 HOH 132 432 198 HOH HOH A . 
C 3 HOH 133 433 199 HOH HOH A . 
C 3 HOH 134 434 75  HOH HOH A . 
C 3 HOH 135 435 184 HOH HOH A . 
C 3 HOH 136 436 187 HOH HOH A . 
C 3 HOH 137 437 176 HOH HOH A . 
C 3 HOH 138 438 152 HOH HOH A . 
C 3 HOH 139 439 2   HOH HOH A . 
C 3 HOH 140 440 144 HOH HOH A . 
C 3 HOH 141 441 11  HOH HOH A . 
C 3 HOH 142 442 168 HOH HOH A . 
C 3 HOH 143 443 106 HOH HOH A . 
C 3 HOH 144 444 142 HOH HOH A . 
C 3 HOH 145 445 82  HOH HOH A . 
C 3 HOH 146 446 116 HOH HOH A . 
C 3 HOH 147 447 103 HOH HOH A . 
C 3 HOH 148 448 188 HOH HOH A . 
C 3 HOH 149 449 71  HOH HOH A . 
C 3 HOH 150 450 94  HOH HOH A . 
C 3 HOH 151 451 207 HOH HOH A . 
C 3 HOH 152 452 213 HOH HOH A . 
C 3 HOH 153 453 146 HOH HOH A . 
C 3 HOH 154 454 60  HOH HOH A . 
C 3 HOH 155 455 160 HOH HOH A . 
C 3 HOH 156 456 170 HOH HOH A . 
C 3 HOH 157 457 205 HOH HOH A . 
C 3 HOH 158 458 95  HOH HOH A . 
C 3 HOH 159 459 201 HOH HOH A . 
C 3 HOH 160 460 162 HOH HOH A . 
C 3 HOH 161 461 138 HOH HOH A . 
C 3 HOH 162 462 69  HOH HOH A . 
C 3 HOH 163 463 133 HOH HOH A . 
C 3 HOH 164 464 189 HOH HOH A . 
C 3 HOH 165 465 157 HOH HOH A . 
C 3 HOH 166 466 147 HOH HOH A . 
C 3 HOH 167 467 177 HOH HOH A . 
C 3 HOH 168 468 200 HOH HOH A . 
C 3 HOH 169 469 204 HOH HOH A . 
C 3 HOH 170 470 141 HOH HOH A . 
C 3 HOH 171 471 195 HOH HOH A . 
C 3 HOH 172 472 149 HOH HOH A . 
C 3 HOH 173 473 25  HOH HOH A . 
C 3 HOH 174 474 185 HOH HOH A . 
C 3 HOH 175 475 203 HOH HOH A . 
C 3 HOH 176 476 47  HOH HOH A . 
C 3 HOH 177 477 175 HOH HOH A . 
C 3 HOH 178 478 153 HOH HOH A . 
C 3 HOH 179 479 136 HOH HOH A . 
C 3 HOH 180 480 180 HOH HOH A . 
C 3 HOH 181 481 1   HOH HOH A . 
C 3 HOH 182 482 130 HOH HOH A . 
C 3 HOH 183 483 209 HOH HOH A . 
C 3 HOH 184 484 88  HOH HOH A . 
C 3 HOH 185 485 92  HOH HOH A . 
C 3 HOH 186 486 143 HOH HOH A . 
C 3 HOH 187 487 211 HOH HOH A . 
C 3 HOH 188 488 181 HOH HOH A . 
C 3 HOH 189 489 125 HOH HOH A . 
C 3 HOH 190 490 212 HOH HOH A . 
C 3 HOH 191 491 52  HOH HOH A . 
C 3 HOH 192 492 129 HOH HOH A . 
C 3 HOH 193 493 24  HOH HOH A . 
C 3 HOH 194 494 208 HOH HOH A . 
C 3 HOH 195 495 45  HOH HOH A . 
C 3 HOH 196 496 155 HOH HOH A . 
C 3 HOH 197 497 140 HOH HOH A . 
C 3 HOH 198 498 192 HOH HOH A . 
C 3 HOH 199 499 131 HOH HOH A . 
C 3 HOH 200 500 165 HOH HOH A . 
C 3 HOH 201 501 163 HOH HOH A . 
C 3 HOH 202 502 210 HOH HOH A . 
C 3 HOH 203 503 182 HOH HOH A . 
C 3 HOH 204 504 206 HOH HOH A . 
C 3 HOH 205 505 99  HOH HOH A . 
C 3 HOH 206 506 109 HOH HOH A . 
C 3 HOH 207 507 202 HOH HOH A . 
C 3 HOH 208 508 37  HOH HOH A . 
C 3 HOH 209 509 135 HOH HOH A . 
C 3 HOH 210 510 179 HOH HOH A . 
C 3 HOH 211 511 214 HOH HOH A . 
# 
loop_
_pdbx_unobs_or_zero_occ_atoms.id 
_pdbx_unobs_or_zero_occ_atoms.PDB_model_num 
_pdbx_unobs_or_zero_occ_atoms.polymer_flag 
_pdbx_unobs_or_zero_occ_atoms.occupancy_flag 
_pdbx_unobs_or_zero_occ_atoms.auth_asym_id 
_pdbx_unobs_or_zero_occ_atoms.auth_comp_id 
_pdbx_unobs_or_zero_occ_atoms.auth_seq_id 
_pdbx_unobs_or_zero_occ_atoms.PDB_ins_code 
_pdbx_unobs_or_zero_occ_atoms.auth_atom_id 
_pdbx_unobs_or_zero_occ_atoms.label_alt_id 
_pdbx_unobs_or_zero_occ_atoms.label_asym_id 
_pdbx_unobs_or_zero_occ_atoms.label_comp_id 
_pdbx_unobs_or_zero_occ_atoms.label_seq_id 
_pdbx_unobs_or_zero_occ_atoms.label_atom_id 
1  1 Y 1 A ARG 25  ? CG  ? A ARG 28  CG  
2  1 Y 1 A ARG 25  ? CD  ? A ARG 28  CD  
3  1 Y 1 A ARG 25  ? NE  ? A ARG 28  NE  
4  1 Y 1 A ARG 25  ? CZ  ? A ARG 28  CZ  
5  1 Y 1 A ARG 25  ? NH1 ? A ARG 28  NH1 
6  1 Y 1 A ARG 25  ? NH2 ? A ARG 28  NH2 
7  1 Y 1 A GLU 90  ? CG  ? A GLU 93  CG  
8  1 Y 1 A GLU 90  ? CD  ? A GLU 93  CD  
9  1 Y 1 A GLU 90  ? OE1 ? A GLU 93  OE1 
10 1 Y 1 A GLU 90  ? OE2 ? A GLU 93  OE2 
11 1 Y 1 A LYS 134 ? CG  ? A LYS 137 CG  
12 1 Y 1 A LYS 134 ? CD  ? A LYS 137 CD  
13 1 Y 1 A LYS 134 ? CE  ? A LYS 137 CE  
14 1 Y 1 A LYS 134 ? NZ  ? A LYS 137 NZ  
# 
_software.citation_id            ? 
_software.classification         refinement 
_software.compiler_name          ? 
_software.compiler_version       ? 
_software.contact_author         ? 
_software.contact_author_email   ? 
_software.date                   ? 
_software.description            ? 
_software.dependencies           ? 
_software.hardware               ? 
_software.language               ? 
_software.location               ? 
_software.mods                   ? 
_software.name                   PHENIX 
_software.os                     ? 
_software.os_version             ? 
_software.type                   ? 
_software.version                '(1.13_2998: ???)' 
_software.pdbx_ordinal           1 
# 
_cell.angle_alpha                  90.000 
_cell.angle_alpha_esd              ? 
_cell.angle_beta                   90.000 
_cell.angle_beta_esd               ? 
_cell.angle_gamma                  120.000 
_cell.angle_gamma_esd              ? 
_cell.entry_id                     6A1T 
_cell.details                      ? 
_cell.formula_units_Z              ? 
_cell.length_a                     48.944 
_cell.length_a_esd                 ? 
_cell.length_b                     48.944 
_cell.length_b_esd                 ? 
_cell.length_c                     262.430 
_cell.length_c_esd                 ? 
_cell.volume                       ? 
_cell.volume_esd                   ? 
_cell.Z_PDB                        12 
_cell.reciprocal_angle_alpha       ? 
_cell.reciprocal_angle_beta        ? 
_cell.reciprocal_angle_gamma       ? 
_cell.reciprocal_angle_alpha_esd   ? 
_cell.reciprocal_angle_beta_esd    ? 
_cell.reciprocal_angle_gamma_esd   ? 
_cell.reciprocal_length_a          ? 
_cell.reciprocal_length_b          ? 
_cell.reciprocal_length_c          ? 
_cell.reciprocal_length_a_esd      ? 
_cell.reciprocal_length_b_esd      ? 
_cell.reciprocal_length_c_esd      ? 
_cell.pdbx_unique_axis             ? 
# 
_symmetry.entry_id                         6A1T 
_symmetry.cell_setting                     ? 
_symmetry.Int_Tables_number                179 
_symmetry.space_group_name_Hall            ? 
_symmetry.space_group_name_H-M             'P 65 2 2' 
_symmetry.pdbx_full_space_group_name_H-M   ? 
# 
_exptl.absorpt_coefficient_mu     ? 
_exptl.absorpt_correction_T_max   ? 
_exptl.absorpt_correction_T_min   ? 
_exptl.absorpt_correction_type    ? 
_exptl.absorpt_process_details    ? 
_exptl.entry_id                   6A1T 
_exptl.crystals_number            1 
_exptl.details                    ? 
_exptl.method                     'X-RAY DIFFRACTION' 
_exptl.method_details             ? 
# 
_exptl_crystal.colour                      ? 
_exptl_crystal.density_diffrn              ? 
_exptl_crystal.density_Matthews            2.78 
_exptl_crystal.density_method              ? 
_exptl_crystal.density_percent_sol         55.78 
_exptl_crystal.description                 ? 
_exptl_crystal.F_000                       ? 
_exptl_crystal.id                          1 
_exptl_crystal.preparation                 ? 
_exptl_crystal.size_max                    ? 
_exptl_crystal.size_mid                    ? 
_exptl_crystal.size_min                    ? 
_exptl_crystal.size_rad                    ? 
_exptl_crystal.colour_lustre               ? 
_exptl_crystal.colour_modifier             ? 
_exptl_crystal.colour_primary              ? 
_exptl_crystal.density_meas                ? 
_exptl_crystal.density_meas_esd            ? 
_exptl_crystal.density_meas_gt             ? 
_exptl_crystal.density_meas_lt             ? 
_exptl_crystal.density_meas_temp           ? 
_exptl_crystal.density_meas_temp_esd       ? 
_exptl_crystal.density_meas_temp_gt        ? 
_exptl_crystal.density_meas_temp_lt        ? 
_exptl_crystal.pdbx_crystal_image_url      ? 
_exptl_crystal.pdbx_crystal_image_format   ? 
_exptl_crystal.pdbx_mosaicity              ? 
_exptl_crystal.pdbx_mosaicity_esd          ? 
# 
_exptl_crystal_grow.apparatus       ? 
_exptl_crystal_grow.atmosphere      ? 
_exptl_crystal_grow.crystal_id      1 
_exptl_crystal_grow.details         ? 
_exptl_crystal_grow.method          'VAPOR DIFFUSION, HANGING DROP' 
_exptl_crystal_grow.method_ref      ? 
_exptl_crystal_grow.pH              ? 
_exptl_crystal_grow.pressure        ? 
_exptl_crystal_grow.pressure_esd    ? 
_exptl_crystal_grow.seeding         ? 
_exptl_crystal_grow.seeding_ref     ? 
_exptl_crystal_grow.temp            298 
_exptl_crystal_grow.temp_details    ? 
_exptl_crystal_grow.temp_esd        ? 
_exptl_crystal_grow.time            ? 
_exptl_crystal_grow.pdbx_details    Bistris 
_exptl_crystal_grow.pdbx_pH_range   ? 
# 
_diffrn.ambient_environment              ? 
_diffrn.ambient_temp                     100 
_diffrn.ambient_temp_details             ? 
_diffrn.ambient_temp_esd                 ? 
_diffrn.crystal_id                       1 
_diffrn.crystal_support                  ? 
_diffrn.crystal_treatment                ? 
_diffrn.details                          ? 
_diffrn.id                               1 
_diffrn.ambient_pressure                 ? 
_diffrn.ambient_pressure_esd             ? 
_diffrn.ambient_pressure_gt              ? 
_diffrn.ambient_pressure_lt              ? 
_diffrn.ambient_temp_gt                  ? 
_diffrn.ambient_temp_lt                  ? 
_diffrn.pdbx_serial_crystal_experiment   ? 
# 
_diffrn_detector.details                      ? 
_diffrn_detector.detector                     PIXEL 
_diffrn_detector.diffrn_id                    1 
_diffrn_detector.type                         'DECTRIS PILATUS 6M' 
_diffrn_detector.area_resol_mean              ? 
_diffrn_detector.dtime                        ? 
_diffrn_detector.pdbx_frames_total            ? 
_diffrn_detector.pdbx_collection_time_total   ? 
_diffrn_detector.pdbx_collection_date         2017-11-11 
_diffrn_detector.pdbx_frequency               ? 
# 
_diffrn_radiation.collimation                      ? 
_diffrn_radiation.diffrn_id                        1 
_diffrn_radiation.filter_edge                      ? 
_diffrn_radiation.inhomogeneity                    ? 
_diffrn_radiation.monochromator                    ? 
_diffrn_radiation.polarisn_norm                    ? 
_diffrn_radiation.polarisn_ratio                   ? 
_diffrn_radiation.probe                            ? 
_diffrn_radiation.type                             ? 
_diffrn_radiation.xray_symbol                      ? 
_diffrn_radiation.wavelength_id                    1 
_diffrn_radiation.pdbx_monochromatic_or_laue_m_l   M 
_diffrn_radiation.pdbx_wavelength_list             ? 
_diffrn_radiation.pdbx_wavelength                  ? 
_diffrn_radiation.pdbx_diffrn_protocol             'SINGLE WAVELENGTH' 
_diffrn_radiation.pdbx_analyzer                    ? 
_diffrn_radiation.pdbx_scattering_type             x-ray 
# 
_diffrn_radiation_wavelength.id           1 
_diffrn_radiation_wavelength.wavelength   0.98 
_diffrn_radiation_wavelength.wt           1.0 
# 
_diffrn_source.current                     ? 
_diffrn_source.details                     ? 
_diffrn_source.diffrn_id                   1 
_diffrn_source.power                       ? 
_diffrn_source.size                        ? 
_diffrn_source.source                      SYNCHROTRON 
_diffrn_source.target                      ? 
_diffrn_source.type                        'SSRF BEAMLINE BL18U1' 
_diffrn_source.voltage                     ? 
_diffrn_source.take-off_angle              ? 
_diffrn_source.pdbx_wavelength_list        0.98 
_diffrn_source.pdbx_wavelength             ? 
_diffrn_source.pdbx_synchrotron_beamline   BL18U1 
_diffrn_source.pdbx_synchrotron_site       SSRF 
# 
_reflns.B_iso_Wilson_estimate            ? 
_reflns.entry_id                         6A1T 
_reflns.data_reduction_details           ? 
_reflns.data_reduction_method            ? 
_reflns.d_resolution_high                1.97 
_reflns.d_resolution_low                 19.6520 
_reflns.details                          ? 
_reflns.limit_h_max                      ? 
_reflns.limit_h_min                      ? 
_reflns.limit_k_max                      ? 
_reflns.limit_k_min                      ? 
_reflns.limit_l_max                      ? 
_reflns.limit_l_min                      ? 
_reflns.number_all                       ? 
_reflns.number_obs                       14247 
_reflns.observed_criterion               ? 
_reflns.observed_criterion_F_max         ? 
_reflns.observed_criterion_F_min         ? 
_reflns.observed_criterion_I_max         ? 
_reflns.observed_criterion_I_min         ? 
_reflns.observed_criterion_sigma_F       ? 
_reflns.observed_criterion_sigma_I       ? 
_reflns.percent_possible_obs             99.8 
_reflns.R_free_details                   ? 
_reflns.Rmerge_F_all                     ? 
_reflns.Rmerge_F_obs                     ? 
_reflns.Friedel_coverage                 ? 
_reflns.number_gt                        ? 
_reflns.threshold_expression             ? 
_reflns.pdbx_redundancy                  3.5 
_reflns.pdbx_Rmerge_I_obs                ? 
_reflns.pdbx_Rmerge_I_all                ? 
_reflns.pdbx_Rsym_value                  ? 
_reflns.pdbx_netI_over_av_sigmaI         ? 
_reflns.pdbx_netI_over_sigmaI            12.9 
_reflns.pdbx_res_netI_over_av_sigmaI_2   ? 
_reflns.pdbx_res_netI_over_sigmaI_2      ? 
_reflns.pdbx_chi_squared                 ? 
_reflns.pdbx_scaling_rejects             ? 
_reflns.pdbx_d_res_high_opt              ? 
_reflns.pdbx_d_res_low_opt               ? 
_reflns.pdbx_d_res_opt_method            ? 
_reflns.phase_calculation_details        ? 
_reflns.pdbx_Rrim_I_all                  ? 
_reflns.pdbx_Rpim_I_all                  ? 
_reflns.pdbx_d_opt                       ? 
_reflns.pdbx_number_measured_all         ? 
_reflns.pdbx_diffrn_id                   1 
_reflns.pdbx_ordinal                     1 
_reflns.pdbx_CC_half                     ? 
_reflns.pdbx_R_split                     ? 
# 
_reflns_shell.d_res_high                  1.97 
_reflns_shell.d_res_low                   2.02 
_reflns_shell.meanI_over_sigI_all         ? 
_reflns_shell.meanI_over_sigI_obs         ? 
_reflns_shell.number_measured_all         ? 
_reflns_shell.number_measured_obs         ? 
_reflns_shell.number_possible             ? 
_reflns_shell.number_unique_all           ? 
_reflns_shell.number_unique_obs           ? 
_reflns_shell.percent_possible_all        ? 
_reflns_shell.percent_possible_obs        ? 
_reflns_shell.Rmerge_F_all                ? 
_reflns_shell.Rmerge_F_obs                ? 
_reflns_shell.Rmerge_I_all                ? 
_reflns_shell.Rmerge_I_obs                ? 
_reflns_shell.meanI_over_sigI_gt          ? 
_reflns_shell.meanI_over_uI_all           ? 
_reflns_shell.meanI_over_uI_gt            ? 
_reflns_shell.number_measured_gt          ? 
_reflns_shell.number_unique_gt            ? 
_reflns_shell.percent_possible_gt         ? 
_reflns_shell.Rmerge_F_gt                 ? 
_reflns_shell.Rmerge_I_gt                 ? 
_reflns_shell.pdbx_redundancy             ? 
_reflns_shell.pdbx_Rsym_value             ? 
_reflns_shell.pdbx_chi_squared            ? 
_reflns_shell.pdbx_netI_over_sigmaI_all   ? 
_reflns_shell.pdbx_netI_over_sigmaI_obs   ? 
_reflns_shell.pdbx_Rrim_I_all             ? 
_reflns_shell.pdbx_Rpim_I_all             ? 
_reflns_shell.pdbx_rejects                ? 
_reflns_shell.pdbx_ordinal                1 
_reflns_shell.pdbx_diffrn_id              1 
_reflns_shell.pdbx_CC_half                ? 
_reflns_shell.pdbx_R_split                ? 
# 
_refine.aniso_B[1][1]                            ? 
_refine.aniso_B[1][2]                            ? 
_refine.aniso_B[1][3]                            ? 
_refine.aniso_B[2][2]                            ? 
_refine.aniso_B[2][3]                            ? 
_refine.aniso_B[3][3]                            ? 
_refine.B_iso_max                                94.810 
_refine.B_iso_mean                               15.5568 
_refine.B_iso_min                                5.050 
_refine.correlation_coeff_Fo_to_Fc               ? 
_refine.correlation_coeff_Fo_to_Fc_free          ? 
_refine.details                                  ? 
_refine.diff_density_max                         ? 
_refine.diff_density_max_esd                     ? 
_refine.diff_density_min                         ? 
_refine.diff_density_min_esd                     ? 
_refine.diff_density_rms                         ? 
_refine.diff_density_rms_esd                     ? 
_refine.entry_id                                 6A1T 
_refine.pdbx_refine_id                           'X-RAY DIFFRACTION' 
_refine.ls_abs_structure_details                 ? 
_refine.ls_abs_structure_Flack                   ? 
_refine.ls_abs_structure_Flack_esd               ? 
_refine.ls_abs_structure_Rogers                  ? 
_refine.ls_abs_structure_Rogers_esd              ? 
_refine.ls_d_res_high                            1.9700 
_refine.ls_d_res_low                             19.6520 
_refine.ls_extinction_coef                       ? 
_refine.ls_extinction_coef_esd                   ? 
_refine.ls_extinction_expression                 ? 
_refine.ls_extinction_method                     ? 
_refine.ls_goodness_of_fit_all                   ? 
_refine.ls_goodness_of_fit_all_esd               ? 
_refine.ls_goodness_of_fit_obs                   ? 
_refine.ls_goodness_of_fit_obs_esd               ? 
_refine.ls_hydrogen_treatment                    ? 
_refine.ls_matrix_type                           ? 
_refine.ls_number_constraints                    ? 
_refine.ls_number_parameters                     ? 
_refine.ls_number_reflns_all                     ? 
_refine.ls_number_reflns_obs                     14141 
_refine.ls_number_reflns_R_free                  1414 
_refine.ls_number_reflns_R_work                  ? 
_refine.ls_number_restraints                     ? 
_refine.ls_percent_reflns_obs                    99.7000 
_refine.ls_percent_reflns_R_free                 10.0000 
_refine.ls_R_factor_all                          ? 
_refine.ls_R_factor_obs                          0.1924 
_refine.ls_R_factor_R_free                       0.2298 
_refine.ls_R_factor_R_free_error                 ? 
_refine.ls_R_factor_R_free_error_details         ? 
_refine.ls_R_factor_R_work                       0.1882 
_refine.ls_R_Fsqd_factor_obs                     ? 
_refine.ls_R_I_factor_obs                        ? 
_refine.ls_redundancy_reflns_all                 ? 
_refine.ls_redundancy_reflns_obs                 ? 
_refine.ls_restrained_S_all                      ? 
_refine.ls_restrained_S_obs                      ? 
_refine.ls_shift_over_esd_max                    ? 
_refine.ls_shift_over_esd_mean                   ? 
_refine.ls_structure_factor_coef                 ? 
_refine.ls_weighting_details                     ? 
_refine.ls_weighting_scheme                      ? 
_refine.ls_wR_factor_all                         ? 
_refine.ls_wR_factor_obs                         ? 
_refine.ls_wR_factor_R_free                      ? 
_refine.ls_wR_factor_R_work                      ? 
_refine.occupancy_max                            ? 
_refine.occupancy_min                            ? 
_refine.solvent_model_details                    'FLAT BULK SOLVENT MODEL' 
_refine.solvent_model_param_bsol                 ? 
_refine.solvent_model_param_ksol                 ? 
_refine.ls_R_factor_gt                           ? 
_refine.ls_goodness_of_fit_gt                    ? 
_refine.ls_goodness_of_fit_ref                   ? 
_refine.ls_shift_over_su_max                     ? 
_refine.ls_shift_over_su_max_lt                  ? 
_refine.ls_shift_over_su_mean                    ? 
_refine.ls_shift_over_su_mean_lt                 ? 
_refine.pdbx_ls_sigma_I                          ? 
_refine.pdbx_ls_sigma_F                          1.340 
_refine.pdbx_ls_sigma_Fsqd                       ? 
_refine.pdbx_data_cutoff_high_absF               ? 
_refine.pdbx_data_cutoff_high_rms_absF           ? 
_refine.pdbx_data_cutoff_low_absF                ? 
_refine.pdbx_isotropic_thermal_model             ? 
_refine.pdbx_ls_cross_valid_method               THROUGHOUT 
_refine.pdbx_method_to_determine_struct          'MOLECULAR REPLACEMENT' 
_refine.pdbx_starting_model                      ? 
_refine.pdbx_stereochemistry_target_values       ML 
_refine.pdbx_R_Free_selection_details            ? 
_refine.pdbx_stereochem_target_val_spec_case     ? 
_refine.pdbx_overall_ESU_R                       ? 
_refine.pdbx_overall_ESU_R_Free                  ? 
_refine.pdbx_solvent_vdw_probe_radii             1.1100 
_refine.pdbx_solvent_ion_probe_radii             ? 
_refine.pdbx_solvent_shrinkage_radii             0.9000 
_refine.pdbx_real_space_R                        ? 
_refine.pdbx_density_correlation                 ? 
_refine.pdbx_pd_number_of_powder_patterns        ? 
_refine.pdbx_pd_number_of_points                 ? 
_refine.pdbx_pd_meas_number_of_points            ? 
_refine.pdbx_pd_proc_ls_prof_R_factor            ? 
_refine.pdbx_pd_proc_ls_prof_wR_factor           ? 
_refine.pdbx_pd_Marquardt_correlation_coeff      ? 
_refine.pdbx_pd_Fsqrd_R_factor                   ? 
_refine.pdbx_pd_ls_matrix_band_width             ? 
_refine.pdbx_overall_phase_error                 20.7400 
_refine.pdbx_overall_SU_R_free_Cruickshank_DPI   ? 
_refine.pdbx_overall_SU_R_free_Blow_DPI          ? 
_refine.pdbx_overall_SU_R_Blow_DPI               ? 
_refine.pdbx_TLS_residual_ADP_flag               ? 
_refine.pdbx_diffrn_id                           1 
_refine.overall_SU_B                             ? 
_refine.overall_SU_ML                            0.1600 
_refine.overall_SU_R_Cruickshank_DPI             ? 
_refine.overall_SU_R_free                        ? 
_refine.overall_FOM_free_R_set                   ? 
_refine.overall_FOM_work_R_set                   ? 
_refine.pdbx_average_fsc_overall                 ? 
_refine.pdbx_average_fsc_work                    ? 
_refine.pdbx_average_fsc_free                    ? 
# 
_refine_hist.cycle_id                         final 
_refine_hist.pdbx_refine_id                   'X-RAY DIFFRACTION' 
_refine_hist.d_res_high                       1.9700 
_refine_hist.d_res_low                        19.6520 
_refine_hist.pdbx_number_atoms_ligand         23 
_refine_hist.number_atoms_solvent             211 
_refine_hist.number_atoms_total               1364 
_refine_hist.pdbx_number_residues_total       141 
_refine_hist.pdbx_B_iso_mean_ligand           64.24 
_refine_hist.pdbx_B_iso_mean_solvent          23.21 
_refine_hist.pdbx_number_atoms_protein        1130 
_refine_hist.pdbx_number_atoms_nucleic_acid   0 
# 
_struct.entry_id                     6A1T 
_struct.title                        'Charcot-Leyden crystal protein/Galectin-10 variant E33A with lactose' 
_struct.pdbx_model_details           ? 
_struct.pdbx_formula_weight          ? 
_struct.pdbx_formula_weight_method   ? 
_struct.pdbx_model_type_details      ? 
_struct.pdbx_CASP_flag               N 
# 
_struct_keywords.entry_id        6A1T 
_struct_keywords.text            'Protein binding' 
_struct_keywords.pdbx_keywords   'PROTEIN BINDING' 
# 
loop_
_struct_asym.id 
_struct_asym.pdbx_blank_PDB_chainid_flag 
_struct_asym.pdbx_modified 
_struct_asym.entity_id 
_struct_asym.details 
A N N 1 ? 
B N N 2 ? 
C N N 3 ? 
# 
_struct_ref.id                         1 
_struct_ref.db_name                    UNP 
_struct_ref.db_code                    LEG10_HUMAN 
_struct_ref.pdbx_db_accession          Q05315 
_struct_ref.pdbx_db_isoform            ? 
_struct_ref.entity_id                  1 
_struct_ref.pdbx_seq_one_letter_code   
;MSLLPVPYTEAASLSTGSTVTIKGRPLACFLNEPYLQVDFHTEMKEESDIVFHFQVCFGRRVVMNSREYGAWKQQVESKN
MPFQDGQEFELSISVLPDKYQVMVNGQSSYTFDHRIKPEAVKMVQVWRDISLTKFNVSYLKR
;
_struct_ref.pdbx_align_begin           1 
# 
_struct_ref_seq.align_id                      1 
_struct_ref_seq.ref_id                        1 
_struct_ref_seq.pdbx_PDB_id_code              6A1T 
_struct_ref_seq.pdbx_strand_id                A 
_struct_ref_seq.seq_align_beg                 4 
_struct_ref_seq.pdbx_seq_align_beg_ins_code   ? 
_struct_ref_seq.seq_align_end                 145 
_struct_ref_seq.pdbx_seq_align_end_ins_code   ? 
_struct_ref_seq.pdbx_db_accession             Q05315 
_struct_ref_seq.db_align_beg                  1 
_struct_ref_seq.pdbx_db_align_beg_ins_code    ? 
_struct_ref_seq.db_align_end                  142 
_struct_ref_seq.pdbx_db_align_end_ins_code    ? 
_struct_ref_seq.pdbx_auth_seq_align_beg       1 
_struct_ref_seq.pdbx_auth_seq_align_end       142 
# 
loop_
_struct_ref_seq_dif.align_id 
_struct_ref_seq_dif.pdbx_pdb_id_code 
_struct_ref_seq_dif.mon_id 
_struct_ref_seq_dif.pdbx_pdb_strand_id 
_struct_ref_seq_dif.seq_num 
_struct_ref_seq_dif.pdbx_pdb_ins_code 
_struct_ref_seq_dif.pdbx_seq_db_name 
_struct_ref_seq_dif.pdbx_seq_db_accession_code 
_struct_ref_seq_dif.db_mon_id 
_struct_ref_seq_dif.pdbx_seq_db_seq_num 
_struct_ref_seq_dif.details 
_struct_ref_seq_dif.pdbx_auth_seq_num 
_struct_ref_seq_dif.pdbx_ordinal 
1 6A1T GLY A 1  ? UNP Q05315 ?   ?  'expression tag'      -2 1 
1 6A1T SER A 2  ? UNP Q05315 ?   ?  'expression tag'      -1 2 
1 6A1T HIS A 3  ? UNP Q05315 ?   ?  'expression tag'      0  3 
1 6A1T ALA A 36 ? UNP Q05315 GLU 33 'engineered mutation' 33 4 
# 
_pdbx_struct_assembly.id                   1 
_pdbx_struct_assembly.details              author_and_software_defined_assembly 
_pdbx_struct_assembly.method_details       PISA 
_pdbx_struct_assembly.oligomeric_details   dimeric 
_pdbx_struct_assembly.oligomeric_count     2 
# 
loop_
_pdbx_struct_assembly_prop.biol_id 
_pdbx_struct_assembly_prop.type 
_pdbx_struct_assembly_prop.value 
_pdbx_struct_assembly_prop.details 
1 'ABSA (A^2)' 1760  ? 
1 MORE         -2    ? 
1 'SSA (A^2)'  12850 ? 
# 
_pdbx_struct_assembly_gen.assembly_id       1 
_pdbx_struct_assembly_gen.oper_expression   1,2 
_pdbx_struct_assembly_gen.asym_id_list      A,B,C 
# 
_pdbx_struct_assembly_auth_evidence.id                     1 
_pdbx_struct_assembly_auth_evidence.assembly_id            1 
_pdbx_struct_assembly_auth_evidence.experimental_support   'gel filtration' 
_pdbx_struct_assembly_auth_evidence.details                ? 
# 
loop_
_pdbx_struct_oper_list.id 
_pdbx_struct_oper_list.type 
_pdbx_struct_oper_list.name 
_pdbx_struct_oper_list.symmetry_operation 
_pdbx_struct_oper_list.matrix[1][1] 
_pdbx_struct_oper_list.matrix[1][2] 
_pdbx_struct_oper_list.matrix[1][3] 
_pdbx_struct_oper_list.vector[1] 
_pdbx_struct_oper_list.matrix[2][1] 
_pdbx_struct_oper_list.matrix[2][2] 
_pdbx_struct_oper_list.matrix[2][3] 
_pdbx_struct_oper_list.vector[2] 
_pdbx_struct_oper_list.matrix[3][1] 
_pdbx_struct_oper_list.matrix[3][2] 
_pdbx_struct_oper_list.matrix[3][3] 
_pdbx_struct_oper_list.vector[3] 
1 'identity operation'         1_555  x,y,z          1.0000000000  0.0000000000  0.0000000000 0.0000000000  0.0000000000  1.0000000000 0.0000000000  0.0000000000  0.0000000000 0.0000000000  1.0000000000  0.0000000000  
2 'crystal symmetry operation' 12_544 x,x-y-1,-z-1/6 -0.9996362942 -0.0226151091 0.0146913650 26.7024187932 -0.0226151091 0.4062000843 -0.9135042684 -5.2036982045 0.0146913650 -0.9135042684 -0.4065637902 -8.6713540826 
# 
loop_
_struct_conf.conf_type_id 
_struct_conf.id 
_struct_conf.pdbx_PDB_helix_id 
_struct_conf.beg_label_comp_id 
_struct_conf.beg_label_asym_id 
_struct_conf.beg_label_seq_id 
_struct_conf.pdbx_beg_PDB_ins_code 
_struct_conf.end_label_comp_id 
_struct_conf.end_label_asym_id 
_struct_conf.end_label_seq_id 
_struct_conf.pdbx_end_PDB_ins_code 
_struct_conf.beg_auth_comp_id 
_struct_conf.beg_auth_asym_id 
_struct_conf.beg_auth_seq_id 
_struct_conf.end_auth_comp_id 
_struct_conf.end_auth_asym_id 
_struct_conf.end_auth_seq_id 
_struct_conf.pdbx_PDB_helix_class 
_struct_conf.details 
_struct_conf.pdbx_PDB_helix_length 
HELX_P HELX_P1 AA1 CYS A 32  ? ALA A 36  ? CYS A 29  ALA A 33  5 ? 5 
HELX_P HELX_P2 AA2 LYS A 120 ? VAL A 124 ? LYS A 117 VAL A 121 5 ? 5 
# 
_struct_conf_type.id          HELX_P 
_struct_conf_type.criteria    ? 
_struct_conf_type.reference   ? 
# 
_struct_conn.id                            covale1 
_struct_conn.conn_type_id                  covale 
_struct_conn.pdbx_leaving_atom_flag        both 
_struct_conn.pdbx_PDB_id                   ? 
_struct_conn.ptnr1_label_asym_id           B 
_struct_conn.ptnr1_label_comp_id           BGC 
_struct_conn.ptnr1_label_seq_id            . 
_struct_conn.ptnr1_label_atom_id           O4 
_struct_conn.pdbx_ptnr1_label_alt_id       ? 
_struct_conn.pdbx_ptnr1_PDB_ins_code       ? 
_struct_conn.pdbx_ptnr1_standard_comp_id   ? 
_struct_conn.ptnr1_symmetry                1_555 
_struct_conn.ptnr2_label_asym_id           B 
_struct_conn.ptnr2_label_comp_id           GAL 
_struct_conn.ptnr2_label_seq_id            . 
_struct_conn.ptnr2_label_atom_id           C1 
_struct_conn.pdbx_ptnr2_label_alt_id       ? 
_struct_conn.pdbx_ptnr2_PDB_ins_code       ? 
_struct_conn.ptnr1_auth_asym_id            B 
_struct_conn.ptnr1_auth_comp_id            BGC 
_struct_conn.ptnr1_auth_seq_id             1 
_struct_conn.ptnr2_auth_asym_id            B 
_struct_conn.ptnr2_auth_comp_id            GAL 
_struct_conn.ptnr2_auth_seq_id             2 
_struct_conn.ptnr2_symmetry                1_555 
_struct_conn.pdbx_ptnr3_label_atom_id      ? 
_struct_conn.pdbx_ptnr3_label_seq_id       ? 
_struct_conn.pdbx_ptnr3_label_comp_id      ? 
_struct_conn.pdbx_ptnr3_label_asym_id      ? 
_struct_conn.pdbx_ptnr3_label_alt_id       ? 
_struct_conn.pdbx_ptnr3_PDB_ins_code       ? 
_struct_conn.details                       ? 
_struct_conn.pdbx_dist_value               1.380 
_struct_conn.pdbx_value_order              sing 
_struct_conn.pdbx_role                     ? 
# 
_struct_conn_type.id          covale 
_struct_conn_type.criteria    ? 
_struct_conn_type.reference   ? 
# 
_struct_mon_prot_cis.pdbx_id                1 
_struct_mon_prot_cis.label_comp_id          VAL 
_struct_mon_prot_cis.label_seq_id           9 
_struct_mon_prot_cis.label_asym_id          A 
_struct_mon_prot_cis.label_alt_id           . 
_struct_mon_prot_cis.pdbx_PDB_ins_code      ? 
_struct_mon_prot_cis.auth_comp_id           VAL 
_struct_mon_prot_cis.auth_seq_id            6 
_struct_mon_prot_cis.auth_asym_id           A 
_struct_mon_prot_cis.pdbx_label_comp_id_2   PRO 
_struct_mon_prot_cis.pdbx_label_seq_id_2    10 
_struct_mon_prot_cis.pdbx_label_asym_id_2   A 
_struct_mon_prot_cis.pdbx_PDB_ins_code_2    ? 
_struct_mon_prot_cis.pdbx_auth_comp_id_2    PRO 
_struct_mon_prot_cis.pdbx_auth_seq_id_2     7 
_struct_mon_prot_cis.pdbx_auth_asym_id_2    A 
_struct_mon_prot_cis.pdbx_PDB_model_num     1 
_struct_mon_prot_cis.pdbx_omega_angle       -0.56 
# 
loop_
_struct_sheet.id 
_struct_sheet.type 
_struct_sheet.number_strands 
_struct_sheet.details 
AA1 ? 6 ? 
AA2 ? 6 ? 
AA3 ? 5 ? 
# 
loop_
_struct_sheet_order.sheet_id 
_struct_sheet_order.range_id_1 
_struct_sheet_order.range_id_2 
_struct_sheet_order.offset 
_struct_sheet_order.sense 
AA1 1 2 ? anti-parallel 
AA1 2 3 ? anti-parallel 
AA1 3 4 ? anti-parallel 
AA1 4 5 ? anti-parallel 
AA1 5 6 ? anti-parallel 
AA2 1 2 ? anti-parallel 
AA2 2 3 ? anti-parallel 
AA2 3 4 ? anti-parallel 
AA2 4 5 ? anti-parallel 
AA2 5 6 ? anti-parallel 
AA3 1 2 ? anti-parallel 
AA3 2 3 ? anti-parallel 
AA3 3 4 ? anti-parallel 
AA3 4 5 ? anti-parallel 
# 
loop_
_struct_sheet_range.sheet_id 
_struct_sheet_range.id 
_struct_sheet_range.beg_label_comp_id 
_struct_sheet_range.beg_label_asym_id 
_struct_sheet_range.beg_label_seq_id 
_struct_sheet_range.pdbx_beg_PDB_ins_code 
_struct_sheet_range.end_label_comp_id 
_struct_sheet_range.end_label_asym_id 
_struct_sheet_range.end_label_seq_id 
_struct_sheet_range.pdbx_end_PDB_ins_code 
_struct_sheet_range.beg_auth_comp_id 
_struct_sheet_range.beg_auth_asym_id 
_struct_sheet_range.beg_auth_seq_id 
_struct_sheet_range.end_auth_comp_id 
_struct_sheet_range.end_auth_asym_id 
_struct_sheet_range.end_auth_seq_id 
AA1 1 TYR A 11  ? ALA A 14  ? TYR A 8   ALA A 11  
AA1 2 MET A 126 ? ARG A 131 ? MET A 123 ARG A 128 
AA1 3 TYR A 38  ? HIS A 44  ? TYR A 35  HIS A 41  
AA1 4 ILE A 53  ? CYS A 60  ? ILE A 50  CYS A 57  
AA1 5 ARG A 64  ? GLU A 71  ? ARG A 61  GLU A 68  
AA1 6 ALA A 74  ? TRP A 75  ? ALA A 71  TRP A 72  
AA2 1 TYR A 11  ? ALA A 14  ? TYR A 8   ALA A 11  
AA2 2 MET A 126 ? ARG A 131 ? MET A 123 ARG A 128 
AA2 3 TYR A 38  ? HIS A 44  ? TYR A 35  HIS A 41  
AA2 4 ILE A 53  ? CYS A 60  ? ILE A 50  CYS A 57  
AA2 5 ARG A 64  ? GLU A 71  ? ARG A 61  GLU A 68  
AA2 6 VAL A 79  ? SER A 81  ? VAL A 76  SER A 78  
AA3 1 GLN A 110 ? ASP A 116 ? GLN A 107 ASP A 113 
AA3 2 LYS A 102 ? VAL A 107 ? LYS A 99  VAL A 104 
AA3 3 PHE A 92  ? VAL A 98  ? PHE A 89  VAL A 95  
AA3 4 THR A 22  ? PRO A 29  ? THR A 19  PRO A 26  
AA3 5 ILE A 133 ? VAL A 140 ? ILE A 130 VAL A 137 
# 
loop_
_pdbx_struct_sheet_hbond.sheet_id 
_pdbx_struct_sheet_hbond.range_id_1 
_pdbx_struct_sheet_hbond.range_id_2 
_pdbx_struct_sheet_hbond.range_1_label_atom_id 
_pdbx_struct_sheet_hbond.range_1_label_comp_id 
_pdbx_struct_sheet_hbond.range_1_label_asym_id 
_pdbx_struct_sheet_hbond.range_1_label_seq_id 
_pdbx_struct_sheet_hbond.range_1_PDB_ins_code 
_pdbx_struct_sheet_hbond.range_1_auth_atom_id 
_pdbx_struct_sheet_hbond.range_1_auth_comp_id 
_pdbx_struct_sheet_hbond.range_1_auth_asym_id 
_pdbx_struct_sheet_hbond.range_1_auth_seq_id 
_pdbx_struct_sheet_hbond.range_2_label_atom_id 
_pdbx_struct_sheet_hbond.range_2_label_comp_id 
_pdbx_struct_sheet_hbond.range_2_label_asym_id 
_pdbx_struct_sheet_hbond.range_2_label_seq_id 
_pdbx_struct_sheet_hbond.range_2_PDB_ins_code 
_pdbx_struct_sheet_hbond.range_2_auth_atom_id 
_pdbx_struct_sheet_hbond.range_2_auth_comp_id 
_pdbx_struct_sheet_hbond.range_2_auth_asym_id 
_pdbx_struct_sheet_hbond.range_2_auth_seq_id 
AA1 1 2 N TYR A 11  ? N TYR A 8   O VAL A 129 ? O VAL A 126 
AA1 2 3 O MET A 126 ? O MET A 123 N HIS A 44  ? N HIS A 41  
AA1 3 4 N LEU A 39  ? N LEU A 36  O VAL A 59  ? O VAL A 56  
AA1 4 5 N CYS A 60  ? N CYS A 57  O ARG A 64  ? O ARG A 61  
AA1 5 6 N GLU A 71  ? N GLU A 68  O ALA A 74  ? O ALA A 71  
AA2 1 2 N TYR A 11  ? N TYR A 8   O VAL A 129 ? O VAL A 126 
AA2 2 3 O MET A 126 ? O MET A 123 N HIS A 44  ? N HIS A 41  
AA2 3 4 N LEU A 39  ? N LEU A 36  O VAL A 59  ? O VAL A 56  
AA2 4 5 N CYS A 60  ? N CYS A 57  O ARG A 64  ? O ARG A 61  
AA2 5 6 N VAL A 65  ? N VAL A 62  O SER A 81  ? O SER A 78  
AA3 1 2 O TYR A 113 ? O TYR A 110 N VAL A 105 ? N VAL A 102 
AA3 2 3 O MET A 106 ? O MET A 103 N SER A 95  ? N SER A 92  
AA3 3 4 O LEU A 94  ? O LEU A 91  N ILE A 25  ? N ILE A 22  
AA3 4 5 N THR A 24  ? N THR A 21  O ASN A 139 ? O ASN A 136 
# 
loop_
_pdbx_validate_torsion.id 
_pdbx_validate_torsion.PDB_model_num 
_pdbx_validate_torsion.auth_comp_id 
_pdbx_validate_torsion.auth_asym_id 
_pdbx_validate_torsion.auth_seq_id 
_pdbx_validate_torsion.PDB_ins_code 
_pdbx_validate_torsion.label_alt_id 
_pdbx_validate_torsion.phi 
_pdbx_validate_torsion.psi 
1 1 ARG A 60  ? ? -125.91 -63.11  
2 1 LYS A 73  ? ? -98.83  -140.16 
3 1 ARG A 128 ? ? 78.96   -146.36 
4 1 ASP A 129 ? ? -93.66  58.71   
# 
_pdbx_molecule_features.prd_id    PRD_900004 
_pdbx_molecule_features.name      beta-lactose 
_pdbx_molecule_features.type      Oligosaccharide 
_pdbx_molecule_features.class     Nutrient 
_pdbx_molecule_features.details   oligosaccharide 
# 
_pdbx_molecule.instance_id   1 
_pdbx_molecule.prd_id        PRD_900004 
_pdbx_molecule.asym_id       B 
# 
loop_
_pdbx_struct_special_symmetry.id 
_pdbx_struct_special_symmetry.PDB_model_num 
_pdbx_struct_special_symmetry.auth_asym_id 
_pdbx_struct_special_symmetry.auth_comp_id 
_pdbx_struct_special_symmetry.auth_seq_id 
_pdbx_struct_special_symmetry.PDB_ins_code 
_pdbx_struct_special_symmetry.label_asym_id 
_pdbx_struct_special_symmetry.label_comp_id 
_pdbx_struct_special_symmetry.label_seq_id 
1 1 A HOH 378 ? C HOH . 
2 1 A HOH 408 ? C HOH . 
3 1 A HOH 491 ? C HOH . 
# 
loop_
_pdbx_distant_solvent_atoms.id 
_pdbx_distant_solvent_atoms.PDB_model_num 
_pdbx_distant_solvent_atoms.auth_atom_id 
_pdbx_distant_solvent_atoms.label_alt_id 
_pdbx_distant_solvent_atoms.auth_asym_id 
_pdbx_distant_solvent_atoms.auth_comp_id 
_pdbx_distant_solvent_atoms.auth_seq_id 
_pdbx_distant_solvent_atoms.PDB_ins_code 
_pdbx_distant_solvent_atoms.neighbor_macromolecule_distance 
_pdbx_distant_solvent_atoms.neighbor_ligand_distance 
1 1 O ? A HOH 508 ? 6.02 .    
2 1 O ? A HOH 509 ? 6.47 .    
3 1 O ? A HOH 510 ? 7.34 .    
4 1 O ? A HOH 511 ? .    7.69 
# 
loop_
_pdbx_unobs_or_zero_occ_residues.id 
_pdbx_unobs_or_zero_occ_residues.PDB_model_num 
_pdbx_unobs_or_zero_occ_residues.polymer_flag 
_pdbx_unobs_or_zero_occ_residues.occupancy_flag 
_pdbx_unobs_or_zero_occ_residues.auth_asym_id 
_pdbx_unobs_or_zero_occ_residues.auth_comp_id 
_pdbx_unobs_or_zero_occ_residues.auth_seq_id 
_pdbx_unobs_or_zero_occ_residues.PDB_ins_code 
_pdbx_unobs_or_zero_occ_residues.label_asym_id 
_pdbx_unobs_or_zero_occ_residues.label_comp_id 
_pdbx_unobs_or_zero_occ_residues.label_seq_id 
1 1 Y 1 A GLY -2 ? A GLY 1 
2 1 Y 1 A SER -1 ? A SER 2 
3 1 Y 1 A HIS 0  ? A HIS 3 
4 1 Y 1 A MET 1  ? A MET 4 
# 
loop_
_chem_comp_atom.comp_id 
_chem_comp_atom.atom_id 
_chem_comp_atom.type_symbol 
_chem_comp_atom.pdbx_aromatic_flag 
_chem_comp_atom.pdbx_stereo_config 
_chem_comp_atom.pdbx_ordinal 
ALA N    N N N 1   
ALA CA   C N S 2   
ALA C    C N N 3   
ALA O    O N N 4   
ALA CB   C N N 5   
ALA OXT  O N N 6   
ALA H    H N N 7   
ALA H2   H N N 8   
ALA HA   H N N 9   
ALA HB1  H N N 10  
ALA HB2  H N N 11  
ALA HB3  H N N 12  
ALA HXT  H N N 13  
ARG N    N N N 14  
ARG CA   C N S 15  
ARG C    C N N 16  
ARG O    O N N 17  
ARG CB   C N N 18  
ARG CG   C N N 19  
ARG CD   C N N 20  
ARG NE   N N N 21  
ARG CZ   C N N 22  
ARG NH1  N N N 23  
ARG NH2  N N N 24  
ARG OXT  O N N 25  
ARG H    H N N 26  
ARG H2   H N N 27  
ARG HA   H N N 28  
ARG HB2  H N N 29  
ARG HB3  H N N 30  
ARG HG2  H N N 31  
ARG HG3  H N N 32  
ARG HD2  H N N 33  
ARG HD3  H N N 34  
ARG HE   H N N 35  
ARG HH11 H N N 36  
ARG HH12 H N N 37  
ARG HH21 H N N 38  
ARG HH22 H N N 39  
ARG HXT  H N N 40  
ASN N    N N N 41  
ASN CA   C N S 42  
ASN C    C N N 43  
ASN O    O N N 44  
ASN CB   C N N 45  
ASN CG   C N N 46  
ASN OD1  O N N 47  
ASN ND2  N N N 48  
ASN OXT  O N N 49  
ASN H    H N N 50  
ASN H2   H N N 51  
ASN HA   H N N 52  
ASN HB2  H N N 53  
ASN HB3  H N N 54  
ASN HD21 H N N 55  
ASN HD22 H N N 56  
ASN HXT  H N N 57  
ASP N    N N N 58  
ASP CA   C N S 59  
ASP C    C N N 60  
ASP O    O N N 61  
ASP CB   C N N 62  
ASP CG   C N N 63  
ASP OD1  O N N 64  
ASP OD2  O N N 65  
ASP OXT  O N N 66  
ASP H    H N N 67  
ASP H2   H N N 68  
ASP HA   H N N 69  
ASP HB2  H N N 70  
ASP HB3  H N N 71  
ASP HD2  H N N 72  
ASP HXT  H N N 73  
BGC C2   C N R 74  
BGC C3   C N S 75  
BGC C4   C N S 76  
BGC C5   C N R 77  
BGC C6   C N N 78  
BGC C1   C N R 79  
BGC O1   O N N 80  
BGC O2   O N N 81  
BGC O3   O N N 82  
BGC O4   O N N 83  
BGC O5   O N N 84  
BGC O6   O N N 85  
BGC H2   H N N 86  
BGC H3   H N N 87  
BGC H4   H N N 88  
BGC H5   H N N 89  
BGC H61  H N N 90  
BGC H62  H N N 91  
BGC H1   H N N 92  
BGC HO1  H N N 93  
BGC HO2  H N N 94  
BGC HO3  H N N 95  
BGC HO4  H N N 96  
BGC HO6  H N N 97  
CYS N    N N N 98  
CYS CA   C N R 99  
CYS C    C N N 100 
CYS O    O N N 101 
CYS CB   C N N 102 
CYS SG   S N N 103 
CYS OXT  O N N 104 
CYS H    H N N 105 
CYS H2   H N N 106 
CYS HA   H N N 107 
CYS HB2  H N N 108 
CYS HB3  H N N 109 
CYS HG   H N N 110 
CYS HXT  H N N 111 
GAL C1   C N R 112 
GAL C2   C N R 113 
GAL C3   C N S 114 
GAL C4   C N R 115 
GAL C5   C N R 116 
GAL C6   C N N 117 
GAL O1   O N N 118 
GAL O2   O N N 119 
GAL O3   O N N 120 
GAL O4   O N N 121 
GAL O5   O N N 122 
GAL O6   O N N 123 
GAL H1   H N N 124 
GAL H2   H N N 125 
GAL H3   H N N 126 
GAL H4   H N N 127 
GAL H5   H N N 128 
GAL H61  H N N 129 
GAL H62  H N N 130 
GAL HO1  H N N 131 
GAL HO2  H N N 132 
GAL HO3  H N N 133 
GAL HO4  H N N 134 
GAL HO6  H N N 135 
GLN N    N N N 136 
GLN CA   C N S 137 
GLN C    C N N 138 
GLN O    O N N 139 
GLN CB   C N N 140 
GLN CG   C N N 141 
GLN CD   C N N 142 
GLN OE1  O N N 143 
GLN NE2  N N N 144 
GLN OXT  O N N 145 
GLN H    H N N 146 
GLN H2   H N N 147 
GLN HA   H N N 148 
GLN HB2  H N N 149 
GLN HB3  H N N 150 
GLN HG2  H N N 151 
GLN HG3  H N N 152 
GLN HE21 H N N 153 
GLN HE22 H N N 154 
GLN HXT  H N N 155 
GLU N    N N N 156 
GLU CA   C N S 157 
GLU C    C N N 158 
GLU O    O N N 159 
GLU CB   C N N 160 
GLU CG   C N N 161 
GLU CD   C N N 162 
GLU OE1  O N N 163 
GLU OE2  O N N 164 
GLU OXT  O N N 165 
GLU H    H N N 166 
GLU H2   H N N 167 
GLU HA   H N N 168 
GLU HB2  H N N 169 
GLU HB3  H N N 170 
GLU HG2  H N N 171 
GLU HG3  H N N 172 
GLU HE2  H N N 173 
GLU HXT  H N N 174 
GLY N    N N N 175 
GLY CA   C N N 176 
GLY C    C N N 177 
GLY O    O N N 178 
GLY OXT  O N N 179 
GLY H    H N N 180 
GLY H2   H N N 181 
GLY HA2  H N N 182 
GLY HA3  H N N 183 
GLY HXT  H N N 184 
HIS N    N N N 185 
HIS CA   C N S 186 
HIS C    C N N 187 
HIS O    O N N 188 
HIS CB   C N N 189 
HIS CG   C Y N 190 
HIS ND1  N Y N 191 
HIS CD2  C Y N 192 
HIS CE1  C Y N 193 
HIS NE2  N Y N 194 
HIS OXT  O N N 195 
HIS H    H N N 196 
HIS H2   H N N 197 
HIS HA   H N N 198 
HIS HB2  H N N 199 
HIS HB3  H N N 200 
HIS HD1  H N N 201 
HIS HD2  H N N 202 
HIS HE1  H N N 203 
HIS HE2  H N N 204 
HIS HXT  H N N 205 
HOH O    O N N 206 
HOH H1   H N N 207 
HOH H2   H N N 208 
ILE N    N N N 209 
ILE CA   C N S 210 
ILE C    C N N 211 
ILE O    O N N 212 
ILE CB   C N S 213 
ILE CG1  C N N 214 
ILE CG2  C N N 215 
ILE CD1  C N N 216 
ILE OXT  O N N 217 
ILE H    H N N 218 
ILE H2   H N N 219 
ILE HA   H N N 220 
ILE HB   H N N 221 
ILE HG12 H N N 222 
ILE HG13 H N N 223 
ILE HG21 H N N 224 
ILE HG22 H N N 225 
ILE HG23 H N N 226 
ILE HD11 H N N 227 
ILE HD12 H N N 228 
ILE HD13 H N N 229 
ILE HXT  H N N 230 
LEU N    N N N 231 
LEU CA   C N S 232 
LEU C    C N N 233 
LEU O    O N N 234 
LEU CB   C N N 235 
LEU CG   C N N 236 
LEU CD1  C N N 237 
LEU CD2  C N N 238 
LEU OXT  O N N 239 
LEU H    H N N 240 
LEU H2   H N N 241 
LEU HA   H N N 242 
LEU HB2  H N N 243 
LEU HB3  H N N 244 
LEU HG   H N N 245 
LEU HD11 H N N 246 
LEU HD12 H N N 247 
LEU HD13 H N N 248 
LEU HD21 H N N 249 
LEU HD22 H N N 250 
LEU HD23 H N N 251 
LEU HXT  H N N 252 
LYS N    N N N 253 
LYS CA   C N S 254 
LYS C    C N N 255 
LYS O    O N N 256 
LYS CB   C N N 257 
LYS CG   C N N 258 
LYS CD   C N N 259 
LYS CE   C N N 260 
LYS NZ   N N N 261 
LYS OXT  O N N 262 
LYS H    H N N 263 
LYS H2   H N N 264 
LYS HA   H N N 265 
LYS HB2  H N N 266 
LYS HB3  H N N 267 
LYS HG2  H N N 268 
LYS HG3  H N N 269 
LYS HD2  H N N 270 
LYS HD3  H N N 271 
LYS HE2  H N N 272 
LYS HE3  H N N 273 
LYS HZ1  H N N 274 
LYS HZ2  H N N 275 
LYS HZ3  H N N 276 
LYS HXT  H N N 277 
MET N    N N N 278 
MET CA   C N S 279 
MET C    C N N 280 
MET O    O N N 281 
MET CB   C N N 282 
MET CG   C N N 283 
MET SD   S N N 284 
MET CE   C N N 285 
MET OXT  O N N 286 
MET H    H N N 287 
MET H2   H N N 288 
MET HA   H N N 289 
MET HB2  H N N 290 
MET HB3  H N N 291 
MET HG2  H N N 292 
MET HG3  H N N 293 
MET HE1  H N N 294 
MET HE2  H N N 295 
MET HE3  H N N 296 
MET HXT  H N N 297 
PHE N    N N N 298 
PHE CA   C N S 299 
PHE C    C N N 300 
PHE O    O N N 301 
PHE CB   C N N 302 
PHE CG   C Y N 303 
PHE CD1  C Y N 304 
PHE CD2  C Y N 305 
PHE CE1  C Y N 306 
PHE CE2  C Y N 307 
PHE CZ   C Y N 308 
PHE OXT  O N N 309 
PHE H    H N N 310 
PHE H2   H N N 311 
PHE HA   H N N 312 
PHE HB2  H N N 313 
PHE HB3  H N N 314 
PHE HD1  H N N 315 
PHE HD2  H N N 316 
PHE HE1  H N N 317 
PHE HE2  H N N 318 
PHE HZ   H N N 319 
PHE HXT  H N N 320 
PRO N    N N N 321 
PRO CA   C N S 322 
PRO C    C N N 323 
PRO O    O N N 324 
PRO CB   C N N 325 
PRO CG   C N N 326 
PRO CD   C N N 327 
PRO OXT  O N N 328 
PRO H    H N N 329 
PRO HA   H N N 330 
PRO HB2  H N N 331 
PRO HB3  H N N 332 
PRO HG2  H N N 333 
PRO HG3  H N N 334 
PRO HD2  H N N 335 
PRO HD3  H N N 336 
PRO HXT  H N N 337 
SER N    N N N 338 
SER CA   C N S 339 
SER C    C N N 340 
SER O    O N N 341 
SER CB   C N N 342 
SER OG   O N N 343 
SER OXT  O N N 344 
SER H    H N N 345 
SER H2   H N N 346 
SER HA   H N N 347 
SER HB2  H N N 348 
SER HB3  H N N 349 
SER HG   H N N 350 
SER HXT  H N N 351 
THR N    N N N 352 
THR CA   C N S 353 
THR C    C N N 354 
THR O    O N N 355 
THR CB   C N R 356 
THR OG1  O N N 357 
THR CG2  C N N 358 
THR OXT  O N N 359 
THR H    H N N 360 
THR H2   H N N 361 
THR HA   H N N 362 
THR HB   H N N 363 
THR HG1  H N N 364 
THR HG21 H N N 365 
THR HG22 H N N 366 
THR HG23 H N N 367 
THR HXT  H N N 368 
TRP N    N N N 369 
TRP CA   C N S 370 
TRP C    C N N 371 
TRP O    O N N 372 
TRP CB   C N N 373 
TRP CG   C Y N 374 
TRP CD1  C Y N 375 
TRP CD2  C Y N 376 
TRP NE1  N Y N 377 
TRP CE2  C Y N 378 
TRP CE3  C Y N 379 
TRP CZ2  C Y N 380 
TRP CZ3  C Y N 381 
TRP CH2  C Y N 382 
TRP OXT  O N N 383 
TRP H    H N N 384 
TRP H2   H N N 385 
TRP HA   H N N 386 
TRP HB2  H N N 387 
TRP HB3  H N N 388 
TRP HD1  H N N 389 
TRP HE1  H N N 390 
TRP HE3  H N N 391 
TRP HZ2  H N N 392 
TRP HZ3  H N N 393 
TRP HH2  H N N 394 
TRP HXT  H N N 395 
TYR N    N N N 396 
TYR CA   C N S 397 
TYR C    C N N 398 
TYR O    O N N 399 
TYR CB   C N N 400 
TYR CG   C Y N 401 
TYR CD1  C Y N 402 
TYR CD2  C Y N 403 
TYR CE1  C Y N 404 
TYR CE2  C Y N 405 
TYR CZ   C Y N 406 
TYR OH   O N N 407 
TYR OXT  O N N 408 
TYR H    H N N 409 
TYR H2   H N N 410 
TYR HA   H N N 411 
TYR HB2  H N N 412 
TYR HB3  H N N 413 
TYR HD1  H N N 414 
TYR HD2  H N N 415 
TYR HE1  H N N 416 
TYR HE2  H N N 417 
TYR HH   H N N 418 
TYR HXT  H N N 419 
VAL N    N N N 420 
VAL CA   C N S 421 
VAL C    C N N 422 
VAL O    O N N 423 
VAL CB   C N N 424 
VAL CG1  C N N 425 
VAL CG2  C N N 426 
VAL OXT  O N N 427 
VAL H    H N N 428 
VAL H2   H N N 429 
VAL HA   H N N 430 
VAL HB   H N N 431 
VAL HG11 H N N 432 
VAL HG12 H N N 433 
VAL HG13 H N N 434 
VAL HG21 H N N 435 
VAL HG22 H N N 436 
VAL HG23 H N N 437 
VAL HXT  H N N 438 
# 
loop_
_chem_comp_bond.comp_id 
_chem_comp_bond.atom_id_1 
_chem_comp_bond.atom_id_2 
_chem_comp_bond.value_order 
_chem_comp_bond.pdbx_aromatic_flag 
_chem_comp_bond.pdbx_stereo_config 
_chem_comp_bond.pdbx_ordinal 
ALA N   CA   sing N N 1   
ALA N   H    sing N N 2   
ALA N   H2   sing N N 3   
ALA CA  C    sing N N 4   
ALA CA  CB   sing N N 5   
ALA CA  HA   sing N N 6   
ALA C   O    doub N N 7   
ALA C   OXT  sing N N 8   
ALA CB  HB1  sing N N 9   
ALA CB  HB2  sing N N 10  
ALA CB  HB3  sing N N 11  
ALA OXT HXT  sing N N 12  
ARG N   CA   sing N N 13  
ARG N   H    sing N N 14  
ARG N   H2   sing N N 15  
ARG CA  C    sing N N 16  
ARG CA  CB   sing N N 17  
ARG CA  HA   sing N N 18  
ARG C   O    doub N N 19  
ARG C   OXT  sing N N 20  
ARG CB  CG   sing N N 21  
ARG CB  HB2  sing N N 22  
ARG CB  HB3  sing N N 23  
ARG CG  CD   sing N N 24  
ARG CG  HG2  sing N N 25  
ARG CG  HG3  sing N N 26  
ARG CD  NE   sing N N 27  
ARG CD  HD2  sing N N 28  
ARG CD  HD3  sing N N 29  
ARG NE  CZ   sing N N 30  
ARG NE  HE   sing N N 31  
ARG CZ  NH1  sing N N 32  
ARG CZ  NH2  doub N N 33  
ARG NH1 HH11 sing N N 34  
ARG NH1 HH12 sing N N 35  
ARG NH2 HH21 sing N N 36  
ARG NH2 HH22 sing N N 37  
ARG OXT HXT  sing N N 38  
ASN N   CA   sing N N 39  
ASN N   H    sing N N 40  
ASN N   H2   sing N N 41  
ASN CA  C    sing N N 42  
ASN CA  CB   sing N N 43  
ASN CA  HA   sing N N 44  
ASN C   O    doub N N 45  
ASN C   OXT  sing N N 46  
ASN CB  CG   sing N N 47  
ASN CB  HB2  sing N N 48  
ASN CB  HB3  sing N N 49  
ASN CG  OD1  doub N N 50  
ASN CG  ND2  sing N N 51  
ASN ND2 HD21 sing N N 52  
ASN ND2 HD22 sing N N 53  
ASN OXT HXT  sing N N 54  
ASP N   CA   sing N N 55  
ASP N   H    sing N N 56  
ASP N   H2   sing N N 57  
ASP CA  C    sing N N 58  
ASP CA  CB   sing N N 59  
ASP CA  HA   sing N N 60  
ASP C   O    doub N N 61  
ASP C   OXT  sing N N 62  
ASP CB  CG   sing N N 63  
ASP CB  HB2  sing N N 64  
ASP CB  HB3  sing N N 65  
ASP CG  OD1  doub N N 66  
ASP CG  OD2  sing N N 67  
ASP OD2 HD2  sing N N 68  
ASP OXT HXT  sing N N 69  
BGC C2  C3   sing N N 70  
BGC C2  C1   sing N N 71  
BGC C2  O2   sing N N 72  
BGC C2  H2   sing N N 73  
BGC C3  C4   sing N N 74  
BGC C3  O3   sing N N 75  
BGC C3  H3   sing N N 76  
BGC C4  C5   sing N N 77  
BGC C4  O4   sing N N 78  
BGC C4  H4   sing N N 79  
BGC C5  C6   sing N N 80  
BGC C5  O5   sing N N 81  
BGC C5  H5   sing N N 82  
BGC C6  O6   sing N N 83  
BGC C6  H61  sing N N 84  
BGC C6  H62  sing N N 85  
BGC C1  O1   sing N N 86  
BGC C1  O5   sing N N 87  
BGC C1  H1   sing N N 88  
BGC O1  HO1  sing N N 89  
BGC O2  HO2  sing N N 90  
BGC O3  HO3  sing N N 91  
BGC O4  HO4  sing N N 92  
BGC O6  HO6  sing N N 93  
CYS N   CA   sing N N 94  
CYS N   H    sing N N 95  
CYS N   H2   sing N N 96  
CYS CA  C    sing N N 97  
CYS CA  CB   sing N N 98  
CYS CA  HA   sing N N 99  
CYS C   O    doub N N 100 
CYS C   OXT  sing N N 101 
CYS CB  SG   sing N N 102 
CYS CB  HB2  sing N N 103 
CYS CB  HB3  sing N N 104 
CYS SG  HG   sing N N 105 
CYS OXT HXT  sing N N 106 
GAL C1  C2   sing N N 107 
GAL C1  O1   sing N N 108 
GAL C1  O5   sing N N 109 
GAL C1  H1   sing N N 110 
GAL C2  C3   sing N N 111 
GAL C2  O2   sing N N 112 
GAL C2  H2   sing N N 113 
GAL C3  C4   sing N N 114 
GAL C3  O3   sing N N 115 
GAL C3  H3   sing N N 116 
GAL C4  C5   sing N N 117 
GAL C4  O4   sing N N 118 
GAL C4  H4   sing N N 119 
GAL C5  C6   sing N N 120 
GAL C5  O5   sing N N 121 
GAL C5  H5   sing N N 122 
GAL C6  O6   sing N N 123 
GAL C6  H61  sing N N 124 
GAL C6  H62  sing N N 125 
GAL O1  HO1  sing N N 126 
GAL O2  HO2  sing N N 127 
GAL O3  HO3  sing N N 128 
GAL O4  HO4  sing N N 129 
GAL O6  HO6  sing N N 130 
GLN N   CA   sing N N 131 
GLN N   H    sing N N 132 
GLN N   H2   sing N N 133 
GLN CA  C    sing N N 134 
GLN CA  CB   sing N N 135 
GLN CA  HA   sing N N 136 
GLN C   O    doub N N 137 
GLN C   OXT  sing N N 138 
GLN CB  CG   sing N N 139 
GLN CB  HB2  sing N N 140 
GLN CB  HB3  sing N N 141 
GLN CG  CD   sing N N 142 
GLN CG  HG2  sing N N 143 
GLN CG  HG3  sing N N 144 
GLN CD  OE1  doub N N 145 
GLN CD  NE2  sing N N 146 
GLN NE2 HE21 sing N N 147 
GLN NE2 HE22 sing N N 148 
GLN OXT HXT  sing N N 149 
GLU N   CA   sing N N 150 
GLU N   H    sing N N 151 
GLU N   H2   sing N N 152 
GLU CA  C    sing N N 153 
GLU CA  CB   sing N N 154 
GLU CA  HA   sing N N 155 
GLU C   O    doub N N 156 
GLU C   OXT  sing N N 157 
GLU CB  CG   sing N N 158 
GLU CB  HB2  sing N N 159 
GLU CB  HB3  sing N N 160 
GLU CG  CD   sing N N 161 
GLU CG  HG2  sing N N 162 
GLU CG  HG3  sing N N 163 
GLU CD  OE1  doub N N 164 
GLU CD  OE2  sing N N 165 
GLU OE2 HE2  sing N N 166 
GLU OXT HXT  sing N N 167 
GLY N   CA   sing N N 168 
GLY N   H    sing N N 169 
GLY N   H2   sing N N 170 
GLY CA  C    sing N N 171 
GLY CA  HA2  sing N N 172 
GLY CA  HA3  sing N N 173 
GLY C   O    doub N N 174 
GLY C   OXT  sing N N 175 
GLY OXT HXT  sing N N 176 
HIS N   CA   sing N N 177 
HIS N   H    sing N N 178 
HIS N   H2   sing N N 179 
HIS CA  C    sing N N 180 
HIS CA  CB   sing N N 181 
HIS CA  HA   sing N N 182 
HIS C   O    doub N N 183 
HIS C   OXT  sing N N 184 
HIS CB  CG   sing N N 185 
HIS CB  HB2  sing N N 186 
HIS CB  HB3  sing N N 187 
HIS CG  ND1  sing Y N 188 
HIS CG  CD2  doub Y N 189 
HIS ND1 CE1  doub Y N 190 
HIS ND1 HD1  sing N N 191 
HIS CD2 NE2  sing Y N 192 
HIS CD2 HD2  sing N N 193 
HIS CE1 NE2  sing Y N 194 
HIS CE1 HE1  sing N N 195 
HIS NE2 HE2  sing N N 196 
HIS OXT HXT  sing N N 197 
HOH O   H1   sing N N 198 
HOH O   H2   sing N N 199 
ILE N   CA   sing N N 200 
ILE N   H    sing N N 201 
ILE N   H2   sing N N 202 
ILE CA  C    sing N N 203 
ILE CA  CB   sing N N 204 
ILE CA  HA   sing N N 205 
ILE C   O    doub N N 206 
ILE C   OXT  sing N N 207 
ILE CB  CG1  sing N N 208 
ILE CB  CG2  sing N N 209 
ILE CB  HB   sing N N 210 
ILE CG1 CD1  sing N N 211 
ILE CG1 HG12 sing N N 212 
ILE CG1 HG13 sing N N 213 
ILE CG2 HG21 sing N N 214 
ILE CG2 HG22 sing N N 215 
ILE CG2 HG23 sing N N 216 
ILE CD1 HD11 sing N N 217 
ILE CD1 HD12 sing N N 218 
ILE CD1 HD13 sing N N 219 
ILE OXT HXT  sing N N 220 
LEU N   CA   sing N N 221 
LEU N   H    sing N N 222 
LEU N   H2   sing N N 223 
LEU CA  C    sing N N 224 
LEU CA  CB   sing N N 225 
LEU CA  HA   sing N N 226 
LEU C   O    doub N N 227 
LEU C   OXT  sing N N 228 
LEU CB  CG   sing N N 229 
LEU CB  HB2  sing N N 230 
LEU CB  HB3  sing N N 231 
LEU CG  CD1  sing N N 232 
LEU CG  CD2  sing N N 233 
LEU CG  HG   sing N N 234 
LEU CD1 HD11 sing N N 235 
LEU CD1 HD12 sing N N 236 
LEU CD1 HD13 sing N N 237 
LEU CD2 HD21 sing N N 238 
LEU CD2 HD22 sing N N 239 
LEU CD2 HD23 sing N N 240 
LEU OXT HXT  sing N N 241 
LYS N   CA   sing N N 242 
LYS N   H    sing N N 243 
LYS N   H2   sing N N 244 
LYS CA  C    sing N N 245 
LYS CA  CB   sing N N 246 
LYS CA  HA   sing N N 247 
LYS C   O    doub N N 248 
LYS C   OXT  sing N N 249 
LYS CB  CG   sing N N 250 
LYS CB  HB2  sing N N 251 
LYS CB  HB3  sing N N 252 
LYS CG  CD   sing N N 253 
LYS CG  HG2  sing N N 254 
LYS CG  HG3  sing N N 255 
LYS CD  CE   sing N N 256 
LYS CD  HD2  sing N N 257 
LYS CD  HD3  sing N N 258 
LYS CE  NZ   sing N N 259 
LYS CE  HE2  sing N N 260 
LYS CE  HE3  sing N N 261 
LYS NZ  HZ1  sing N N 262 
LYS NZ  HZ2  sing N N 263 
LYS NZ  HZ3  sing N N 264 
LYS OXT HXT  sing N N 265 
MET N   CA   sing N N 266 
MET N   H    sing N N 267 
MET N   H2   sing N N 268 
MET CA  C    sing N N 269 
MET CA  CB   sing N N 270 
MET CA  HA   sing N N 271 
MET C   O    doub N N 272 
MET C   OXT  sing N N 273 
MET CB  CG   sing N N 274 
MET CB  HB2  sing N N 275 
MET CB  HB3  sing N N 276 
MET CG  SD   sing N N 277 
MET CG  HG2  sing N N 278 
MET CG  HG3  sing N N 279 
MET SD  CE   sing N N 280 
MET CE  HE1  sing N N 281 
MET CE  HE2  sing N N 282 
MET CE  HE3  sing N N 283 
MET OXT HXT  sing N N 284 
PHE N   CA   sing N N 285 
PHE N   H    sing N N 286 
PHE N   H2   sing N N 287 
PHE CA  C    sing N N 288 
PHE CA  CB   sing N N 289 
PHE CA  HA   sing N N 290 
PHE C   O    doub N N 291 
PHE C   OXT  sing N N 292 
PHE CB  CG   sing N N 293 
PHE CB  HB2  sing N N 294 
PHE CB  HB3  sing N N 295 
PHE CG  CD1  doub Y N 296 
PHE CG  CD2  sing Y N 297 
PHE CD1 CE1  sing Y N 298 
PHE CD1 HD1  sing N N 299 
PHE CD2 CE2  doub Y N 300 
PHE CD2 HD2  sing N N 301 
PHE CE1 CZ   doub Y N 302 
PHE CE1 HE1  sing N N 303 
PHE CE2 CZ   sing Y N 304 
PHE CE2 HE2  sing N N 305 
PHE CZ  HZ   sing N N 306 
PHE OXT HXT  sing N N 307 
PRO N   CA   sing N N 308 
PRO N   CD   sing N N 309 
PRO N   H    sing N N 310 
PRO CA  C    sing N N 311 
PRO CA  CB   sing N N 312 
PRO CA  HA   sing N N 313 
PRO C   O    doub N N 314 
PRO C   OXT  sing N N 315 
PRO CB  CG   sing N N 316 
PRO CB  HB2  sing N N 317 
PRO CB  HB3  sing N N 318 
PRO CG  CD   sing N N 319 
PRO CG  HG2  sing N N 320 
PRO CG  HG3  sing N N 321 
PRO CD  HD2  sing N N 322 
PRO CD  HD3  sing N N 323 
PRO OXT HXT  sing N N 324 
SER N   CA   sing N N 325 
SER N   H    sing N N 326 
SER N   H2   sing N N 327 
SER CA  C    sing N N 328 
SER CA  CB   sing N N 329 
SER CA  HA   sing N N 330 
SER C   O    doub N N 331 
SER C   OXT  sing N N 332 
SER CB  OG   sing N N 333 
SER CB  HB2  sing N N 334 
SER CB  HB3  sing N N 335 
SER OG  HG   sing N N 336 
SER OXT HXT  sing N N 337 
THR N   CA   sing N N 338 
THR N   H    sing N N 339 
THR N   H2   sing N N 340 
THR CA  C    sing N N 341 
THR CA  CB   sing N N 342 
THR CA  HA   sing N N 343 
THR C   O    doub N N 344 
THR C   OXT  sing N N 345 
THR CB  OG1  sing N N 346 
THR CB  CG2  sing N N 347 
THR CB  HB   sing N N 348 
THR OG1 HG1  sing N N 349 
THR CG2 HG21 sing N N 350 
THR CG2 HG22 sing N N 351 
THR CG2 HG23 sing N N 352 
THR OXT HXT  sing N N 353 
TRP N   CA   sing N N 354 
TRP N   H    sing N N 355 
TRP N   H2   sing N N 356 
TRP CA  C    sing N N 357 
TRP CA  CB   sing N N 358 
TRP CA  HA   sing N N 359 
TRP C   O    doub N N 360 
TRP C   OXT  sing N N 361 
TRP CB  CG   sing N N 362 
TRP CB  HB2  sing N N 363 
TRP CB  HB3  sing N N 364 
TRP CG  CD1  doub Y N 365 
TRP CG  CD2  sing Y N 366 
TRP CD1 NE1  sing Y N 367 
TRP CD1 HD1  sing N N 368 
TRP CD2 CE2  doub Y N 369 
TRP CD2 CE3  sing Y N 370 
TRP NE1 CE2  sing Y N 371 
TRP NE1 HE1  sing N N 372 
TRP CE2 CZ2  sing Y N 373 
TRP CE3 CZ3  doub Y N 374 
TRP CE3 HE3  sing N N 375 
TRP CZ2 CH2  doub Y N 376 
TRP CZ2 HZ2  sing N N 377 
TRP CZ3 CH2  sing Y N 378 
TRP CZ3 HZ3  sing N N 379 
TRP CH2 HH2  sing N N 380 
TRP OXT HXT  sing N N 381 
TYR N   CA   sing N N 382 
TYR N   H    sing N N 383 
TYR N   H2   sing N N 384 
TYR CA  C    sing N N 385 
TYR CA  CB   sing N N 386 
TYR CA  HA   sing N N 387 
TYR C   O    doub N N 388 
TYR C   OXT  sing N N 389 
TYR CB  CG   sing N N 390 
TYR CB  HB2  sing N N 391 
TYR CB  HB3  sing N N 392 
TYR CG  CD1  doub Y N 393 
TYR CG  CD2  sing Y N 394 
TYR CD1 CE1  sing Y N 395 
TYR CD1 HD1  sing N N 396 
TYR CD2 CE2  doub Y N 397 
TYR CD2 HD2  sing N N 398 
TYR CE1 CZ   doub Y N 399 
TYR CE1 HE1  sing N N 400 
TYR CE2 CZ   sing Y N 401 
TYR CE2 HE2  sing N N 402 
TYR CZ  OH   sing N N 403 
TYR OH  HH   sing N N 404 
TYR OXT HXT  sing N N 405 
VAL N   CA   sing N N 406 
VAL N   H    sing N N 407 
VAL N   H2   sing N N 408 
VAL CA  C    sing N N 409 
VAL CA  CB   sing N N 410 
VAL CA  HA   sing N N 411 
VAL C   O    doub N N 412 
VAL C   OXT  sing N N 413 
VAL CB  CG1  sing N N 414 
VAL CB  CG2  sing N N 415 
VAL CB  HB   sing N N 416 
VAL CG1 HG11 sing N N 417 
VAL CG1 HG12 sing N N 418 
VAL CG1 HG13 sing N N 419 
VAL CG2 HG21 sing N N 420 
VAL CG2 HG22 sing N N 421 
VAL CG2 HG23 sing N N 422 
VAL OXT HXT  sing N N 423 
# 
_pdbx_audit_support.funding_organization   'National Natural Science Foundation of China' 
_pdbx_audit_support.country                China 
_pdbx_audit_support.grant_number           31500637 
_pdbx_audit_support.ordinal                1 
# 
loop_
_pdbx_entity_branch_list.entity_id 
_pdbx_entity_branch_list.comp_id 
_pdbx_entity_branch_list.num 
_pdbx_entity_branch_list.hetero 
2 BGC 1 n 
2 GAL 2 n 
# 
_atom_sites.entry_id                    6A1T 
_atom_sites.fract_transf_matrix[1][1]   0.00031795 
_atom_sites.fract_transf_matrix[1][2]   -0.01978284 
_atom_sites.fract_transf_matrix[1][3]   0.01285109 
_atom_sites.fract_transf_matrix[2][1]   0.01141919 
_atom_sites.fract_transf_matrix[2][2]   -0.00047669 
_atom_sites.fract_transf_matrix[2][3]   0.02063873 
_atom_sites.fract_transf_matrix[3][1]   -0.00317958 
_atom_sites.fract_transf_matrix[3][2]   0.00110833 
_atom_sites.fract_transf_matrix[3][3]   0.00178483 
_atom_sites.fract_transf_vector[1]      0.278042 
_atom_sites.fract_transf_vector[2]      -0.425199 
_atom_sites.fract_transf_vector[3]      -0.030270 
# 
loop_
_atom_type.symbol 
C 
N 
O 
S 
# 
loop_
_atom_site.group_PDB 
_atom_site.id 
_atom_site.type_symbol 
_atom_site.label_atom_id 
_atom_site.label_alt_id 
_atom_site.label_comp_id 
_atom_site.label_asym_id 
_atom_site.label_entity_id 
_atom_site.label_seq_id 
_atom_site.pdbx_PDB_ins_code 
_atom_site.Cartn_x 
_atom_site.Cartn_y 
_atom_site.Cartn_z 
_atom_site.occupancy 
_atom_site.B_iso_or_equiv 
_atom_site.pdbx_formal_charge 
_atom_site.auth_seq_id 
_atom_site.auth_comp_id 
_atom_site.auth_asym_id 
_atom_site.auth_atom_id 
_atom_site.pdbx_PDB_model_num 
ATOM   1    N N   . SER A 1 5   ? 7.608   6.681   -14.858 1.00 40.35 ? 2   SER A N   1 
ATOM   2    C CA  . SER A 1 5   ? 6.843   7.460   -15.822 1.00 33.37 ? 2   SER A CA  1 
ATOM   3    C C   . SER A 1 5   ? 6.585   8.875   -15.302 1.00 36.50 ? 2   SER A C   1 
ATOM   4    O O   . SER A 1 5   ? 7.507   9.690   -15.235 1.00 47.75 ? 2   SER A O   1 
ATOM   5    C CB  . SER A 1 5   ? 5.520   6.762   -16.155 1.00 32.97 ? 2   SER A CB  1 
ATOM   6    O OG  . SER A 1 5   ? 4.462   7.235   -15.344 1.00 32.44 ? 2   SER A OG  1 
ATOM   7    N N   . LEU A 1 6   ? 5.343   9.169   -14.919 1.00 35.66 ? 3   LEU A N   1 
ATOM   8    C CA  . LEU A 1 6   ? 4.957   10.559  -14.700 1.00 31.67 ? 3   LEU A CA  1 
ATOM   9    C C   . LEU A 1 6   ? 5.085   10.993  -13.238 1.00 29.11 ? 3   LEU A C   1 
ATOM   10   O O   . LEU A 1 6   ? 5.564   12.101  -12.975 1.00 30.65 ? 3   LEU A O   1 
ATOM   11   C CB  . LEU A 1 6   ? 3.530   10.790  -15.214 1.00 31.57 ? 3   LEU A CB  1 
ATOM   12   C CG  . LEU A 1 6   ? 3.397   11.646  -16.484 1.00 44.25 ? 3   LEU A CG  1 
ATOM   13   C CD1 . LEU A 1 6   ? 1.977   11.610  -17.044 1.00 40.53 ? 3   LEU A CD1 1 
ATOM   14   C CD2 . LEU A 1 6   ? 3.837   13.091  -16.234 1.00 39.72 ? 3   LEU A CD2 1 
ATOM   15   N N   . LEU A 1 7   ? 4.679   10.148  -12.275 1.00 26.28 ? 4   LEU A N   1 
ATOM   16   C CA  . LEU A 1 7   ? 4.754   10.538  -10.862 1.00 17.74 ? 4   LEU A CA  1 
ATOM   17   C C   . LEU A 1 7   ? 6.114   10.156  -10.273 1.00 19.74 ? 4   LEU A C   1 
ATOM   18   O O   . LEU A 1 7   ? 6.658   9.100   -10.607 1.00 22.47 ? 4   LEU A O   1 
ATOM   19   C CB  . LEU A 1 7   ? 3.647   9.864   -10.053 1.00 18.42 ? 4   LEU A CB  1 
ATOM   20   C CG  . LEU A 1 7   ? 2.363   10.655  -9.800  1.00 24.28 ? 4   LEU A CG  1 
ATOM   21   C CD1 . LEU A 1 7   ? 1.833   11.240  -11.097 1.00 20.53 ? 4   LEU A CD1 1 
ATOM   22   C CD2 . LEU A 1 7   ? 1.306   9.788   -9.127  1.00 19.15 ? 4   LEU A CD2 1 
ATOM   23   N N   . PRO A 1 8   ? 6.700   10.983  -9.407  1.00 17.26 ? 5   PRO A N   1 
ATOM   24   C CA  . PRO A 1 8   ? 8.020   10.648  -8.854  1.00 19.70 ? 5   PRO A CA  1 
ATOM   25   C C   . PRO A 1 8   ? 7.939   9.444   -7.934  1.00 16.94 ? 5   PRO A C   1 
ATOM   26   O O   . PRO A 1 8   ? 6.975   9.276   -7.191  1.00 15.87 ? 5   PRO A O   1 
ATOM   27   C CB  . PRO A 1 8   ? 8.411   11.908  -8.073  1.00 25.71 ? 5   PRO A CB  1 
ATOM   28   C CG  . PRO A 1 8   ? 7.105   12.532  -7.723  1.00 19.95 ? 5   PRO A CG  1 
ATOM   29   C CD  . PRO A 1 8   ? 6.214   12.278  -8.905  1.00 22.22 ? 5   PRO A CD  1 
ATOM   30   N N   . VAL A 1 9   ? 8.955   8.594   -8.004  1.00 15.97 ? 6   VAL A N   1 
ATOM   31   C CA  . VAL A 1 9   ? 9.027   7.428   -7.129  1.00 14.08 ? 6   VAL A CA  1 
ATOM   32   C C   . VAL A 1 9   ? 10.418  7.385   -6.502  1.00 14.06 ? 6   VAL A C   1 
ATOM   33   O O   . VAL A 1 9   ? 11.415  7.491   -7.230  1.00 13.21 ? 6   VAL A O   1 
ATOM   34   C CB  . VAL A 1 9   ? 8.699   6.137   -7.892  1.00 13.58 ? 6   VAL A CB  1 
ATOM   35   C CG1 . VAL A 1 9   ? 8.955   4.931   -7.012  1.00 11.46 ? 6   VAL A CG1 1 
ATOM   36   C CG2 . VAL A 1 9   ? 7.232   6.150   -8.353  1.00 12.80 ? 6   VAL A CG2 1 
ATOM   37   N N   . PRO A 1 10  ? 10.550  7.266   -5.168  1.00 13.81 ? 7   PRO A N   1 
ATOM   38   C CA  . PRO A 1 10  ? 9.508   7.172   -4.136  1.00 12.18 ? 7   PRO A CA  1 
ATOM   39   C C   . PRO A 1 10  ? 8.512   8.326   -4.172  1.00 15.45 ? 7   PRO A C   1 
ATOM   40   O O   . PRO A 1 10  ? 8.873   9.472   -4.458  1.00 11.46 ? 7   PRO A O   1 
ATOM   41   C CB  . PRO A 1 10  ? 10.303  7.198   -2.828  1.00 11.87 ? 7   PRO A CB  1 
ATOM   42   C CG  . PRO A 1 10  ? 11.630  6.638   -3.194  1.00 14.88 ? 7   PRO A CG  1 
ATOM   43   C CD  . PRO A 1 10  ? 11.900  7.167   -4.577  1.00 14.65 ? 7   PRO A CD  1 
ATOM   44   N N   . TYR A 1 11  ? 7.255   7.990   -3.928  1.00 10.64 ? 8   TYR A N   1 
ATOM   45   C CA  . TYR A 1 11  ? 6.152   8.942   -3.953  1.00 9.70  ? 8   TYR A CA  1 
ATOM   46   C C   . TYR A 1 11  ? 5.641   9.143   -2.536  1.00 10.91 ? 8   TYR A C   1 
ATOM   47   O O   . TYR A 1 11  ? 5.305   8.172   -1.853  1.00 8.23  ? 8   TYR A O   1 
ATOM   48   C CB  . TYR A 1 11  ? 5.013   8.449   -4.847  1.00 10.10 ? 8   TYR A CB  1 
ATOM   49   C CG  . TYR A 1 11  ? 3.873   9.437   -4.901  1.00 13.14 ? 8   TYR A CG  1 
ATOM   50   C CD1 . TYR A 1 11  ? 3.860   10.448  -5.857  1.00 15.53 ? 8   TYR A CD1 1 
ATOM   51   C CD2 . TYR A 1 11  ? 2.825   9.379   -3.991  1.00 12.91 ? 8   TYR A CD2 1 
ATOM   52   C CE1 . TYR A 1 11  ? 2.834   11.366  -5.917  1.00 14.24 ? 8   TYR A CE1 1 
ATOM   53   C CE2 . TYR A 1 11  ? 1.783   10.302  -4.035  1.00 10.36 ? 8   TYR A CE2 1 
ATOM   54   C CZ  . TYR A 1 11  ? 1.800   11.296  -5.004  1.00 17.18 ? 8   TYR A CZ  1 
ATOM   55   O OH  . TYR A 1 11  ? 0.783   12.229  -5.073  1.00 15.00 ? 8   TYR A OH  1 
ATOM   56   N N   . THR A 1 12  ? 5.546   10.400  -2.114  1.00 9.16  ? 9   THR A N   1 
ATOM   57   C CA  . THR A 1 12  ? 5.103   10.740  -0.771  1.00 13.59 ? 9   THR A CA  1 
ATOM   58   C C   . THR A 1 12  ? 3.976   11.754  -0.864  1.00 16.74 ? 9   THR A C   1 
ATOM   59   O O   . THR A 1 12  ? 4.091   12.740  -1.599  1.00 12.10 ? 9   THR A O   1 
ATOM   60   C CB  . THR A 1 12  ? 6.262   11.315  0.050   1.00 15.35 ? 9   THR A CB  1 
ATOM   61   O OG1 . THR A 1 12  ? 7.280   10.322  0.183   1.00 16.32 ? 9   THR A OG1 1 
ATOM   62   C CG2 . THR A 1 12  ? 5.795   11.712  1.436   1.00 16.80 ? 9   THR A CG2 1 
ATOM   63   N N   . GLU A 1 13  ? 2.887   11.510  -0.131  1.00 11.06 ? 10  GLU A N   1 
ATOM   64   C CA  . GLU A 1 13  ? 1.801   12.477  -0.042  1.00 9.56  ? 10  GLU A CA  1 
ATOM   65   C C   . GLU A 1 13  ? 1.316   12.540  1.398   1.00 12.64 ? 10  GLU A C   1 
ATOM   66   O O   . GLU A 1 13  ? 0.961   11.511  1.986   1.00 7.56  ? 10  GLU A O   1 
ATOM   67   C CB  . GLU A 1 13  ? 0.645   12.120  -0.996  1.00 9.76  ? 10  GLU A CB  1 
ATOM   68   C CG  . GLU A 1 13  ? -0.467  13.199  -1.047  1.00 12.85 ? 10  GLU A CG  1 
ATOM   69   C CD  . GLU A 1 13  ? -1.510  12.943  -2.127  1.00 15.92 ? 10  GLU A CD  1 
ATOM   70   O OE1 . GLU A 1 13  ? -1.133  12.742  -3.304  1.00 14.54 ? 10  GLU A OE1 1 
ATOM   71   O OE2 . GLU A 1 13  ? -2.717  12.930  -1.793  1.00 17.73 ? 10  GLU A OE2 1 
ATOM   72   N N   . ALA A 1 14  ? 1.308   13.745  1.972   1.00 7.88  ? 11  ALA A N   1 
ATOM   73   C CA  . ALA A 1 14  ? 0.618   13.942  3.236   1.00 8.07  ? 11  ALA A CA  1 
ATOM   74   C C   . ALA A 1 14  ? -0.825  13.480  3.093   1.00 9.18  ? 11  ALA A C   1 
ATOM   75   O O   . ALA A 1 14  ? -1.464  13.695  2.058   1.00 9.13  ? 11  ALA A O   1 
ATOM   76   C CB  . ALA A 1 14  ? 0.667   15.415  3.656   1.00 11.05 ? 11  ALA A CB  1 
ATOM   77   N N   . ALA A 1 15  ? -1.348  12.839  4.131   1.00 7.11  ? 12  ALA A N   1 
ATOM   78   C CA  . ALA A 1 15  ? -2.638  12.185  3.982   1.00 8.25  ? 12  ALA A CA  1 
ATOM   79   C C   . ALA A 1 15  ? -3.315  12.061  5.331   1.00 8.96  ? 12  ALA A C   1 
ATOM   80   O O   . ALA A 1 15  ? -2.654  12.014  6.373   1.00 9.75  ? 12  ALA A O   1 
ATOM   81   C CB  . ALA A 1 15  ? -2.496  10.793  3.349   1.00 9.72  ? 12  ALA A CB  1 
ATOM   82   N N   . SER A 1 16  ? -4.646  12.019  5.293   1.00 8.04  ? 13  SER A N   1 
ATOM   83   C CA  . SER A 1 16  ? -5.469  11.613  6.415   1.00 10.51 ? 13  SER A CA  1 
ATOM   84   C C   . SER A 1 16  ? -6.402  10.508  5.954   1.00 12.94 ? 13  SER A C   1 
ATOM   85   O O   . SER A 1 16  ? -6.856  10.502  4.805   1.00 11.09 ? 13  SER A O   1 
ATOM   86   C CB  . SER A 1 16  ? -6.296  12.772  6.966   1.00 10.94 ? 13  SER A CB  1 
ATOM   87   O OG  . SER A 1 16  ? -5.432  13.746  7.503   1.00 19.13 ? 13  SER A OG  1 
ATOM   88   N N   . LEU A 1 17  ? -6.692  9.584   6.870   1.00 7.59  ? 14  LEU A N   1 
ATOM   89   C CA  . LEU A 1 17  ? -7.543  8.438   6.585   1.00 9.83  ? 14  LEU A CA  1 
ATOM   90   C C   . LEU A 1 17  ? -8.582  8.281   7.682   1.00 11.16 ? 14  LEU A C   1 
ATOM   91   O O   . LEU A 1 17  ? -8.295  8.516   8.858   1.00 11.52 ? 14  LEU A O   1 
ATOM   92   C CB  . LEU A 1 17  ? -6.732  7.145   6.489   1.00 7.75  ? 14  LEU A CB  1 
ATOM   93   C CG  . LEU A 1 17  ? -5.667  7.047   5.405   1.00 7.68  ? 14  LEU A CG  1 
ATOM   94   C CD1 . LEU A 1 17  ? -4.946  5.729   5.561   1.00 10.84 ? 14  LEU A CD1 1 
ATOM   95   C CD2 . LEU A 1 17  ? -6.306  7.162   4.027   1.00 9.15  ? 14  LEU A CD2 1 
ATOM   96   N N   . SER A 1 18  ? -9.785  7.877   7.291   1.00 11.41 ? 15  SER A N   1 
ATOM   97   C CA  . SER A 1 18  ? -10.798 7.464   8.248   1.00 13.33 ? 15  SER A CA  1 
ATOM   98   C C   . SER A 1 18  ? -11.672 6.424   7.568   1.00 12.93 ? 15  SER A C   1 
ATOM   99   O O   . SER A 1 18  ? -11.466 6.082   6.399   1.00 10.88 ? 15  SER A O   1 
ATOM   100  C CB  . SER A 1 18  ? -11.612 8.656   8.760   1.00 14.45 ? 15  SER A CB  1 
ATOM   101  O OG  . SER A 1 18  ? -12.261 9.310   7.687   1.00 19.29 ? 15  SER A OG  1 
ATOM   102  N N   . THR A 1 19  ? -12.642 5.901   8.314   1.00 13.41 ? 16  THR A N   1 
ATOM   103  C CA  . THR A 1 19  ? -13.530 4.895   7.757   1.00 12.98 ? 16  THR A CA  1 
ATOM   104  C C   . THR A 1 19  ? -14.175 5.417   6.480   1.00 14.51 ? 16  THR A C   1 
ATOM   105  O O   . THR A 1 19  ? -14.727 6.521   6.453   1.00 10.99 ? 16  THR A O   1 
ATOM   106  C CB  . THR A 1 19  ? -14.596 4.515   8.786   1.00 16.70 ? 16  THR A CB  1 
ATOM   107  O OG1 . THR A 1 19  ? -13.953 4.054   9.983   1.00 12.58 ? 16  THR A OG1 1 
ATOM   108  C CG2 . THR A 1 19  ? -15.487 3.422   8.245   1.00 14.43 ? 16  THR A CG2 1 
ATOM   109  N N   . GLY A 1 20  ? -14.072 4.633   5.407   1.00 10.30 ? 17  GLY A N   1 
ATOM   110  C CA  . GLY A 1 20  ? -14.612 5.021   4.122   1.00 13.55 ? 17  GLY A CA  1 
ATOM   111  C C   . GLY A 1 20  ? -13.614 5.643   3.166   1.00 14.01 ? 17  GLY A C   1 
ATOM   112  O O   . GLY A 1 20  ? -13.935 5.787   1.980   1.00 12.26 ? 17  GLY A O   1 
ATOM   113  N N   . SER A 1 21  ? -12.419 6.008   3.635   1.00 9.48  ? 18  SER A N   1 
ATOM   114  C CA  . SER A 1 21  ? -11.382 6.494   2.735   1.00 9.44  ? 18  SER A CA  1 
ATOM   115  C C   . SER A 1 21  ? -10.933 5.382   1.792   1.00 11.77 ? 18  SER A C   1 
ATOM   116  O O   . SER A 1 21  ? -10.928 4.199   2.147   1.00 10.15 ? 18  SER A O   1 
ATOM   117  C CB  . SER A 1 21  ? -10.169 7.007   3.520   1.00 8.81  ? 18  SER A CB  1 
ATOM   118  O OG  . SER A 1 21  ? -10.513 8.053   4.415   1.00 9.31  ? 18  SER A OG  1 
ATOM   119  N N   . THR A 1 22  ? -10.542 5.779   0.581   1.00 7.97  ? 19  THR A N   1 
ATOM   120  C CA  . THR A 1 22  ? -9.946  4.877   -0.396  1.00 10.95 ? 19  THR A CA  1 
ATOM   121  C C   . THR A 1 22  ? -8.654  5.490   -0.912  1.00 12.97 ? 19  THR A C   1 
ATOM   122  O O   . THR A 1 22  ? -8.630  6.673   -1.274  1.00 9.11  ? 19  THR A O   1 
ATOM   123  C CB  . THR A 1 22  ? -10.900 4.622   -1.564  1.00 14.56 ? 19  THR A CB  1 
ATOM   124  O OG1 . THR A 1 22  ? -12.152 4.154   -1.051  1.00 14.17 ? 19  THR A OG1 1 
ATOM   125  C CG2 . THR A 1 22  ? -10.316 3.592   -2.528  1.00 13.53 ? 19  THR A CG2 1 
ATOM   126  N N   . VAL A 1 23  ? -7.586  4.697   -0.924  1.00 7.24  ? 20  VAL A N   1 
ATOM   127  C CA  . VAL A 1 23  ? -6.327  5.074   -1.560  1.00 7.55  ? 20  VAL A CA  1 
ATOM   128  C C   . VAL A 1 23  ? -6.238  4.306   -2.871  1.00 10.69 ? 20  VAL A C   1 
ATOM   129  O O   . VAL A 1 23  ? -6.305  3.069   -2.878  1.00 8.46  ? 20  VAL A O   1 
ATOM   130  C CB  . VAL A 1 23  ? -5.123  4.776   -0.655  1.00 9.66  ? 20  VAL A CB  1 
ATOM   131  C CG1 . VAL A 1 23  ? -3.811  5.262   -1.309  1.00 8.67  ? 20  VAL A CG1 1 
ATOM   132  C CG2 . VAL A 1 23  ? -5.315  5.417   0.718   1.00 10.12 ? 20  VAL A CG2 1 
ATOM   133  N N   . THR A 1 24  ? -6.126  5.033   -3.979  1.00 6.18  ? 21  THR A N   1 
ATOM   134  C CA  . THR A 1 24  ? -6.083  4.452   -5.314  1.00 8.67  ? 21  THR A CA  1 
ATOM   135  C C   . THR A 1 24  ? -4.720  4.712   -5.926  1.00 12.35 ? 21  THR A C   1 
ATOM   136  O O   . THR A 1 24  ? -4.241  5.854   -5.916  1.00 9.17  ? 21  THR A O   1 
ATOM   137  C CB  . THR A 1 24  ? -7.165  5.050   -6.219  1.00 10.60 ? 21  THR A CB  1 
ATOM   138  O OG1 . THR A 1 24  ? -8.442  4.884   -5.603  1.00 18.26 ? 21  THR A OG1 1 
ATOM   139  C CG2 . THR A 1 24  ? -7.172  4.352   -7.564  1.00 18.19 ? 21  THR A CG2 1 
ATOM   140  N N   . ILE A 1 25  ? -4.107  3.656   -6.465  1.00 8.40  ? 22  ILE A N   1 
ATOM   141  C CA  . ILE A 1 25  ? -2.760  3.698   -7.015  1.00 9.14  ? 22  ILE A CA  1 
ATOM   142  C C   . ILE A 1 25  ? -2.766  2.957   -8.349  1.00 14.36 ? 22  ILE A C   1 
ATOM   143  O O   . ILE A 1 25  ? -3.232  1.814   -8.429  1.00 14.62 ? 22  ILE A O   1 
ATOM   144  C CB  . ILE A 1 25  ? -1.742  3.070   -6.037  1.00 12.85 ? 22  ILE A CB  1 
ATOM   145  C CG1 . ILE A 1 25  ? -1.833  3.736   -4.662  1.00 12.27 ? 22  ILE A CG1 1 
ATOM   146  C CG2 . ILE A 1 25  ? -0.341  3.208   -6.559  1.00 15.66 ? 22  ILE A CG2 1 
ATOM   147  C CD1 . ILE A 1 25  ? -1.146  2.951   -3.542  1.00 12.40 ? 22  ILE A CD1 1 
ATOM   148  N N   . LYS A 1 26  ? -2.276  3.611   -9.399  1.00 11.04 ? 23  LYS A N   1 
ATOM   149  C CA  . LYS A 1 26  ? -2.105  2.978   -10.701 1.00 9.80  ? 23  LYS A CA  1 
ATOM   150  C C   . LYS A 1 26  ? -0.644  3.067   -11.109 1.00 13.84 ? 23  LYS A C   1 
ATOM   151  O O   . LYS A 1 26  ? -0.053  4.153   -11.077 1.00 10.72 ? 23  LYS A O   1 
ATOM   152  C CB  . LYS A 1 26  ? -2.987  3.632   -11.764 1.00 13.45 ? 23  LYS A CB  1 
ATOM   153  C CG  . LYS A 1 26  ? -2.819  3.013   -13.143 1.00 19.07 ? 23  LYS A CG  1 
ATOM   154  C CD  . LYS A 1 26  ? -3.938  3.432   -14.090 1.00 24.90 ? 23  LYS A CD  1 
ATOM   155  C CE  . LYS A 1 26  ? -4.057  4.953   -14.169 1.00 32.36 ? 23  LYS A CE  1 
ATOM   156  N NZ  . LYS A 1 26  ? -3.479  5.533   -15.424 1.00 41.55 ? 23  LYS A NZ  1 
ATOM   157  N N   . GLY A 1 27  ? -0.071  1.931   -11.506 1.00 11.78 ? 24  GLY A N   1 
ATOM   158  C CA  . GLY A 1 27  ? 1.354   1.899   -11.776 1.00 12.30 ? 24  GLY A CA  1 
ATOM   159  C C   . GLY A 1 27  ? 1.746   0.666   -12.561 1.00 10.63 ? 24  GLY A C   1 
ATOM   160  O O   . GLY A 1 27  ? 0.905   -0.131  -12.980 1.00 11.01 ? 24  GLY A O   1 
ATOM   161  N N   . ARG A 1 28  ? 3.053   0.521   -12.768 1.00 8.95  ? 25  ARG A N   1 
ATOM   162  C CA  . ARG A 1 28  ? 3.578   -0.620  -13.500 1.00 10.17 ? 25  ARG A CA  1 
ATOM   163  C C   . ARG A 1 28  ? 4.893   -1.048  -12.867 1.00 11.28 ? 25  ARG A C   1 
ATOM   164  O O   . ARG A 1 28  ? 5.668   -0.188  -12.434 1.00 9.15  ? 25  ARG A O   1 
ATOM   165  C CB  . ARG A 1 28  ? 3.811   -0.283  -14.979 1.00 12.92 ? 25  ARG A CB  1 
ATOM   166  N N   . PRO A 1 29  ? 5.174   -2.353  -12.808 1.00 8.08  ? 26  PRO A N   1 
ATOM   167  C CA  . PRO A 1 29  ? 6.489   -2.793  -12.327 1.00 9.03  ? 26  PRO A CA  1 
ATOM   168  C C   . PRO A 1 29  ? 7.569   -2.374  -13.306 1.00 11.71 ? 26  PRO A C   1 
ATOM   169  O O   . PRO A 1 29  ? 7.341   -2.292  -14.516 1.00 10.73 ? 26  PRO A O   1 
ATOM   170  C CB  . PRO A 1 29  ? 6.360   -4.322  -12.266 1.00 11.42 ? 26  PRO A CB  1 
ATOM   171  C CG  . PRO A 1 29  ? 4.867   -4.587  -12.257 1.00 12.05 ? 26  PRO A CG  1 
ATOM   172  C CD  . PRO A 1 29  ? 4.285   -3.484  -13.097 1.00 11.80 ? 26  PRO A CD  1 
ATOM   173  N N   . LEU A 1 30  ? 8.752   -2.104  -12.770 1.00 10.61 ? 27  LEU A N   1 
ATOM   174  C CA  . LEU A 1 30  ? 9.881   -1.659  -13.578 1.00 10.95 ? 27  LEU A CA  1 
ATOM   175  C C   . LEU A 1 30  ? 10.684  -2.812  -14.171 1.00 15.38 ? 27  LEU A C   1 
ATOM   176  O O   . LEU A 1 30  ? 11.638  -2.564  -14.916 1.00 14.55 ? 27  LEU A O   1 
ATOM   177  C CB  . LEU A 1 30  ? 10.803  -0.781  -12.738 1.00 9.42  ? 27  LEU A CB  1 
ATOM   178  C CG  . LEU A 1 30  ? 10.242  0.558   -12.282 1.00 13.39 ? 27  LEU A CG  1 
ATOM   179  C CD1 . LEU A 1 30  ? 11.268  1.255   -11.391 1.00 13.85 ? 27  LEU A CD1 1 
ATOM   180  C CD2 . LEU A 1 30  ? 9.861   1.420   -13.496 1.00 13.66 ? 27  LEU A CD2 1 
ATOM   181  N N   . ALA A 1 31  ? 10.328  -4.058  -13.862 1.00 8.98  ? 28  ALA A N   1 
ATOM   182  C CA  . ALA A 1 31  ? 11.056  -5.216  -14.364 1.00 11.67 ? 28  ALA A CA  1 
ATOM   183  C C   . ALA A 1 31  ? 10.083  -6.371  -14.543 1.00 12.08 ? 28  ALA A C   1 
ATOM   184  O O   . ALA A 1 31  ? 9.011   -6.409  -13.938 1.00 10.48 ? 28  ALA A O   1 
ATOM   185  C CB  . ALA A 1 31  ? 12.189  -5.597  -13.423 1.00 30.00 ? 28  ALA A CB  1 
ATOM   186  N N   . CYS A 1 32  ? 10.474  -7.326  -15.384 1.00 10.38 ? 29  CYS A N   1 
ATOM   187  C CA  . CYS A 1 32  ? 9.705   -8.547  -15.543 1.00 14.40 ? 29  CYS A CA  1 
ATOM   188  C C   . CYS A 1 32  ? 9.675   -9.301  -14.221 1.00 11.94 ? 29  CYS A C   1 
ATOM   189  O O   . CYS A 1 32  ? 10.569  -9.156  -13.383 1.00 9.17  ? 29  CYS A O   1 
ATOM   190  C CB  . CYS A 1 32  ? 10.324  -9.428  -16.629 1.00 17.63 ? 29  CYS A CB  1 
ATOM   191  S SG  . CYS A 1 32  ? 12.016  -9.963  -16.222 1.00 21.89 ? 29  CYS A SG  1 
ATOM   192  N N   . PHE A 1 33  ? 8.634   -10.123 -14.041 1.00 10.81 ? 30  PHE A N   1 
ATOM   193  C CA  . PHE A 1 33  ? 8.489   -10.850 -12.781 1.00 11.79 ? 30  PHE A CA  1 
ATOM   194  C C   . PHE A 1 33  ? 9.666   -11.782 -12.530 1.00 11.87 ? 30  PHE A C   1 
ATOM   195  O O   . PHE A 1 33  ? 10.015  -12.032 -11.370 1.00 10.89 ? 30  PHE A O   1 
ATOM   196  C CB  . PHE A 1 33  ? 7.183   -11.657 -12.752 1.00 10.21 ? 30  PHE A CB  1 
ATOM   197  C CG  . PHE A 1 33  ? 5.961   -10.846 -12.420 1.00 13.79 ? 30  PHE A CG  1 
ATOM   198  C CD1 . PHE A 1 33  ? 5.971   -9.460  -12.511 1.00 11.72 ? 30  PHE A CD1 1 
ATOM   199  C CD2 . PHE A 1 33  ? 4.787   -11.479 -12.019 1.00 16.18 ? 30  PHE A CD2 1 
ATOM   200  C CE1 . PHE A 1 33  ? 4.822   -8.719  -12.222 1.00 13.41 ? 30  PHE A CE1 1 
ATOM   201  C CE2 . PHE A 1 33  ? 3.647   -10.743 -11.715 1.00 15.39 ? 30  PHE A CE2 1 
ATOM   202  C CZ  . PHE A 1 33  ? 3.663   -9.371  -11.818 1.00 12.49 ? 30  PHE A CZ  1 
ATOM   203  N N   . LEU A 1 34  ? 10.282  -12.313 -13.596 1.00 10.78 ? 31  LEU A N   1 
ATOM   204  C CA  . LEU A 1 34  ? 11.446  -13.179 -13.423 1.00 12.54 ? 31  LEU A CA  1 
ATOM   205  C C   . LEU A 1 34  ? 12.527  -12.494 -12.597 1.00 11.98 ? 31  LEU A C   1 
ATOM   206  O O   . LEU A 1 34  ? 13.260  -13.159 -11.857 1.00 10.96 ? 31  LEU A O   1 
ATOM   207  C CB  . LEU A 1 34  ? 11.996  -13.603 -14.794 1.00 16.97 ? 31  LEU A CB  1 
ATOM   208  C CG  . LEU A 1 34  ? 13.138  -14.619 -14.857 1.00 18.14 ? 31  LEU A CG  1 
ATOM   209  C CD1 . LEU A 1 34  ? 12.661  -16.009 -14.430 1.00 19.27 ? 31  LEU A CD1 1 
ATOM   210  C CD2 . LEU A 1 34  ? 13.761  -14.663 -16.258 1.00 13.41 ? 31  LEU A CD2 1 
ATOM   211  N N   . ASN A 1 35  ? 12.620  -11.168 -12.673 1.00 9.06  ? 32  ASN A N   1 
ATOM   212  C CA  . ASN A 1 35  ? 13.646  -10.424 -11.956 1.00 9.01  ? 32  ASN A CA  1 
ATOM   213  C C   . ASN A 1 35  ? 13.188  -9.932  -10.591 1.00 9.15  ? 32  ASN A C   1 
ATOM   214  O O   . ASN A 1 35  ? 13.935  -9.207  -9.926  1.00 9.64  ? 32  ASN A O   1 
ATOM   215  C CB  . ASN A 1 35  ? 14.134  -9.250  -12.809 1.00 11.50 ? 32  ASN A CB  1 
ATOM   216  C CG  . ASN A 1 35  ? 14.986  -9.713  -13.978 1.00 15.42 ? 32  ASN A CG  1 
ATOM   217  O OD1 . ASN A 1 35  ? 15.463  -10.849 -13.986 1.00 11.41 ? 32  ASN A OD1 1 
ATOM   218  N ND2 . ASN A 1 35  ? 15.171  -8.848  -14.971 1.00 14.47 ? 32  ASN A ND2 1 
ATOM   219  N N   . ALA A 1 36  ? 11.981  -10.316 -10.160 1.00 9.97  ? 33  ALA A N   1 
ATOM   220  C CA  . ALA A 1 36  ? 11.446  -10.069 -8.821  1.00 12.07 ? 33  ALA A CA  1 
ATOM   221  C C   . ALA A 1 36  ? 11.430  -8.597  -8.409  1.00 10.15 ? 33  ALA A C   1 
ATOM   222  O O   . ALA A 1 36  ? 12.035  -8.235  -7.389  1.00 9.82  ? 33  ALA A O   1 
ATOM   223  C CB  . ALA A 1 36  ? 12.234  -10.875 -7.782  1.00 12.89 ? 33  ALA A CB  1 
ATOM   224  N N   . PRO A 1 37  ? 10.724  -7.729  -9.128  1.00 9.20  ? 34  PRO A N   1 
ATOM   225  C CA  . PRO A 1 37  ? 10.560  -6.358  -8.642  1.00 9.79  ? 34  PRO A CA  1 
ATOM   226  C C   . PRO A 1 37  ? 9.706   -6.354  -7.383  1.00 10.01 ? 34  PRO A C   1 
ATOM   227  O O   . PRO A 1 37  ? 8.979   -7.307  -7.090  1.00 11.04 ? 34  PRO A O   1 
ATOM   228  C CB  . PRO A 1 37  ? 9.859   -5.649  -9.803  1.00 9.50  ? 34  PRO A CB  1 
ATOM   229  C CG  . PRO A 1 37  ? 9.067   -6.747  -10.475 1.00 8.59  ? 34  PRO A CG  1 
ATOM   230  C CD  . PRO A 1 37  ? 9.891   -8.002  -10.315 1.00 9.28  ? 34  PRO A CD  1 
ATOM   231  N N   . TYR A 1 38  ? 9.822   -5.267  -6.618  1.00 8.87  ? 35  TYR A N   1 
ATOM   232  C CA  . TYR A 1 38  ? 9.010   -5.057  -5.428  1.00 11.08 ? 35  TYR A CA  1 
ATOM   233  C C   . TYR A 1 38  ? 8.121   -3.837  -5.602  1.00 11.43 ? 35  TYR A C   1 
ATOM   234  O O   . TYR A 1 38  ? 8.405   -2.929  -6.390  1.00 10.01 ? 35  TYR A O   1 
ATOM   235  C CB  . TYR A 1 38  ? 9.855   -4.819  -4.159  1.00 11.23 ? 35  TYR A CB  1 
ATOM   236  C CG  . TYR A 1 38  ? 10.558  -6.029  -3.595  1.00 14.34 ? 35  TYR A CG  1 
ATOM   237  C CD1 . TYR A 1 38  ? 9.934   -6.851  -2.660  1.00 23.68 ? 35  TYR A CD1 1 
ATOM   238  C CD2 . TYR A 1 38  ? 11.858  -6.329  -3.967  1.00 20.73 ? 35  TYR A CD2 1 
ATOM   239  C CE1 . TYR A 1 38  ? 10.585  -7.950  -2.122  1.00 23.86 ? 35  TYR A CE1 1 
ATOM   240  C CE2 . TYR A 1 38  ? 12.522  -7.435  -3.441  1.00 26.14 ? 35  TYR A CE2 1 
ATOM   241  C CZ  . TYR A 1 38  ? 11.875  -8.240  -2.522  1.00 30.82 ? 35  TYR A CZ  1 
ATOM   242  O OH  . TYR A 1 38  ? 12.520  -9.336  -1.995  1.00 33.36 ? 35  TYR A OH  1 
ATOM   243  N N   . LEU A 1 39  ? 7.065   -3.815  -4.803  1.00 11.51 ? 36  LEU A N   1 
ATOM   244  C CA  . LEU A 1 39  ? 6.240   -2.639  -4.601  1.00 9.01  ? 36  LEU A CA  1 
ATOM   245  C C   . LEU A 1 39  ? 5.977   -2.530  -3.109  1.00 10.08 ? 36  LEU A C   1 
ATOM   246  O O   . LEU A 1 39  ? 5.690   -3.536  -2.454  1.00 11.19 ? 36  LEU A O   1 
ATOM   247  C CB  . LEU A 1 39  ? 4.925   -2.751  -5.379  1.00 10.37 ? 36  LEU A CB  1 
ATOM   248  C CG  . LEU A 1 39  ? 3.759   -1.925  -4.838  1.00 11.15 ? 36  LEU A CG  1 
ATOM   249  C CD1 . LEU A 1 39  ? 4.050   -0.439  -5.007  1.00 9.69  ? 36  LEU A CD1 1 
ATOM   250  C CD2 . LEU A 1 39  ? 2.474   -2.320  -5.546  1.00 10.96 ? 36  LEU A CD2 1 
ATOM   251  N N   . GLN A 1 40  ? 6.080   -1.323  -2.561  1.00 8.76  ? 37  GLN A N   1 
ATOM   252  C CA  . GLN A 1 40  ? 5.784   -1.128  -1.152  1.00 6.12  ? 37  GLN A CA  1 
ATOM   253  C C   . GLN A 1 40  ? 4.892   0.092   -0.972  1.00 9.05  ? 37  GLN A C   1 
ATOM   254  O O   . GLN A 1 40  ? 5.143   1.151   -1.557  1.00 6.33  ? 37  GLN A O   1 
ATOM   255  C CB  . GLN A 1 40  ? 7.067   -0.981  -0.331  1.00 8.59  ? 37  GLN A CB  1 
ATOM   256  C CG  . GLN A 1 40  ? 6.843   -1.013  1.187   1.00 8.17  ? 37  GLN A CG  1 
ATOM   257  C CD  . GLN A 1 40  ? 8.114   -1.365  1.947   1.00 8.34  ? 37  GLN A CD  1 
ATOM   258  O OE1 . GLN A 1 40  ? 8.873   -2.257  1.546   1.00 11.75 ? 37  GLN A OE1 1 
ATOM   259  N NE2 . GLN A 1 40  ? 8.350   -0.675  3.052   1.00 8.00  ? 37  GLN A NE2 1 
ATOM   260  N N   . VAL A 1 41  ? 3.845   -0.070  -0.170  1.00 7.22  ? 38  VAL A N   1 
ATOM   261  C CA  . VAL A 1 41  ? 2.950   1.015   0.210   1.00 6.09  ? 38  VAL A CA  1 
ATOM   262  C C   . VAL A 1 41  ? 2.946   1.074   1.729   1.00 8.18  ? 38  VAL A C   1 
ATOM   263  O O   . VAL A 1 41  ? 2.627   0.076   2.387   1.00 9.86  ? 38  VAL A O   1 
ATOM   264  C CB  . VAL A 1 41  ? 1.533   0.796   -0.344  1.00 5.05  ? 38  VAL A CB  1 
ATOM   265  C CG1 . VAL A 1 41  ? 0.566   1.892   0.153   1.00 8.15  ? 38  VAL A CG1 1 
ATOM   266  C CG2 . VAL A 1 41  ? 1.570   0.744   -1.874  1.00 7.36  ? 38  VAL A CG2 1 
ATOM   267  N N   . ASP A 1 42  ? 3.308   2.229   2.292   1.00 6.88  ? 39  ASP A N   1 
ATOM   268  C CA  . ASP A 1 42  ? 3.355   2.388   3.740   1.00 8.40  ? 39  ASP A CA  1 
ATOM   269  C C   . ASP A 1 42  ? 2.459   3.535   4.167   1.00 6.51  ? 39  ASP A C   1 
ATOM   270  O O   . ASP A 1 42  ? 2.558   4.636   3.619   1.00 8.38  ? 39  ASP A O   1 
ATOM   271  C CB  . ASP A 1 42  ? 4.786   2.641   4.228   1.00 8.32  ? 39  ASP A CB  1 
ATOM   272  C CG  . ASP A 1 42  ? 5.727   1.497   3.903   1.00 8.47  ? 39  ASP A CG  1 
ATOM   273  O OD1 . ASP A 1 42  ? 5.426   0.348   4.268   1.00 7.93  ? 39  ASP A OD1 1 
ATOM   274  O OD2 . ASP A 1 42  ? 6.778   1.750   3.291   1.00 10.51 ? 39  ASP A OD2 1 
ATOM   275  N N   . PHE A 1 43  ? 1.594   3.280   5.153   1.00 7.08  ? 40  PHE A N   1 
ATOM   276  C CA  . PHE A 1 43  ? 0.774   4.313   5.783   1.00 6.63  ? 40  PHE A CA  1 
ATOM   277  C C   . PHE A 1 43  ? 1.486   4.733   7.070   1.00 8.83  ? 40  PHE A C   1 
ATOM   278  O O   . PHE A 1 43  ? 1.500   3.973   8.044   1.00 7.14  ? 40  PHE A O   1 
ATOM   279  C CB  . PHE A 1 43  ? -0.636  3.800   6.092   1.00 7.11  ? 40  PHE A CB  1 
ATOM   280  C CG  . PHE A 1 43  ? -1.483  3.519   4.868   1.00 8.41  ? 40  PHE A CG  1 
ATOM   281  C CD1 . PHE A 1 43  ? -0.996  3.746   3.579   1.00 9.93  ? 40  PHE A CD1 1 
ATOM   282  C CD2 . PHE A 1 43  ? -2.775  3.027   5.017   1.00 8.22  ? 40  PHE A CD2 1 
ATOM   283  C CE1 . PHE A 1 43  ? -1.791  3.479   2.467   1.00 10.35 ? 40  PHE A CE1 1 
ATOM   284  C CE2 . PHE A 1 43  ? -3.569  2.762   3.919   1.00 9.12  ? 40  PHE A CE2 1 
ATOM   285  C CZ  . PHE A 1 43  ? -3.086  2.991   2.644   1.00 7.08  ? 40  PHE A CZ  1 
ATOM   286  N N   . HIS A 1 44  ? 2.058   5.942   7.075   1.00 7.86  ? 41  HIS A N   1 
ATOM   287  C CA  . HIS A 1 44  ? 2.923   6.427   8.143   1.00 7.16  ? 41  HIS A CA  1 
ATOM   288  C C   . HIS A 1 44  ? 2.168   7.325   9.117   1.00 8.22  ? 41  HIS A C   1 
ATOM   289  O O   . HIS A 1 44  ? 1.238   8.041   8.735   1.00 7.23  ? 41  HIS A O   1 
ATOM   290  C CB  . HIS A 1 44  ? 4.113   7.224   7.573   1.00 5.74  ? 41  HIS A CB  1 
ATOM   291  C CG  . HIS A 1 44  ? 5.247   6.373   7.085   1.00 7.47  ? 41  HIS A CG  1 
ATOM   292  N ND1 . HIS A 1 44  ? 6.314   6.033   7.882   1.00 8.14  ? 41  HIS A ND1 1 
ATOM   293  C CD2 . HIS A 1 44  ? 5.483   5.813   5.874   1.00 8.65  ? 41  HIS A CD2 1 
ATOM   294  C CE1 . HIS A 1 44  ? 7.156   5.282   7.189   1.00 8.52  ? 41  HIS A CE1 1 
ATOM   295  N NE2 . HIS A 1 44  ? 6.678   5.141   5.968   1.00 8.67  ? 41  HIS A NE2 1 
ATOM   296  N N   . THR A 1 45  ? 2.619   7.319   10.380  1.00 6.27  ? 42  THR A N   1 
ATOM   297  C CA  . THR A 1 45  ? 2.047   8.188   11.402  1.00 6.87  ? 42  THR A CA  1 
ATOM   298  C C   . THR A 1 45  ? 2.630   9.593   11.392  1.00 8.76  ? 42  THR A C   1 
ATOM   299  O O   . THR A 1 45  ? 2.063   10.479  12.036  1.00 8.70  ? 42  THR A O   1 
ATOM   300  C CB  . THR A 1 45  ? 2.260   7.602   12.797  1.00 9.74  ? 42  THR A CB  1 
ATOM   301  O OG1 . THR A 1 45  ? 3.662   7.533   13.059  1.00 8.79  ? 42  THR A OG1 1 
ATOM   302  C CG2 . THR A 1 45  ? 1.640   6.223   12.909  1.00 7.22  ? 42  THR A CG2 1 
ATOM   303  N N   . GLU A 1 46  ? 3.755   9.817   10.718  1.00 5.94  ? 43  GLU A N   1 
ATOM   304  C CA  . GLU A 1 46  ? 4.316   11.156  10.582  1.00 10.24 ? 43  GLU A CA  1 
ATOM   305  C C   . GLU A 1 46  ? 4.864   11.315  9.178   1.00 9.78  ? 43  GLU A C   1 
ATOM   306  O O   . GLU A 1 46  ? 4.991   10.346  8.425   1.00 8.22  ? 43  GLU A O   1 
ATOM   307  C CB  . GLU A 1 46  ? 5.430   11.433  11.605  1.00 13.04 ? 43  GLU A CB  1 
ATOM   308  C CG  . GLU A 1 46  ? 5.005   11.336  13.060  1.00 12.37 ? 43  GLU A CG  1 
ATOM   309  C CD  . GLU A 1 46  ? 4.050   12.451  13.477  1.00 18.50 ? 43  GLU A CD  1 
ATOM   310  O OE1 . GLU A 1 46  ? 4.033   13.511  12.818  1.00 19.97 ? 43  GLU A OE1 1 
ATOM   311  O OE2 . GLU A 1 46  ? 3.314   12.265  14.471  1.00 19.68 ? 43  GLU A OE2 1 
ATOM   312  N N   . MET A 1 47  ? 5.225   12.556  8.838   1.00 10.45 ? 44  MET A N   1 
ATOM   313  C CA  . MET A 1 47  ? 5.842   12.800  7.541   1.00 12.41 ? 44  MET A CA  1 
ATOM   314  C C   . MET A 1 47  ? 7.253   12.228  7.449   1.00 14.14 ? 44  MET A C   1 
ATOM   315  O O   . MET A 1 47  ? 7.700   11.928  6.339   1.00 14.52 ? 44  MET A O   1 
ATOM   316  C CB  . MET A 1 47  ? 5.867   14.303  7.236   1.00 11.77 ? 44  MET A CB  1 
ATOM   317  C CG  . MET A 1 47  ? 4.500   14.904  6.961   1.00 12.55 ? 44  MET A CG  1 
ATOM   318  S SD  . MET A 1 47  ? 3.702   14.262  5.471   1.00 14.10 ? 44  MET A SD  1 
ATOM   319  C CE  . MET A 1 47  ? 4.858   14.743  4.180   1.00 16.24 ? 44  MET A CE  1 
ATOM   320  N N   . LYS A 1 48  ? 7.967   12.072  8.571   1.00 10.88 ? 45  LYS A N   1 
ATOM   321  C CA  . LYS A 1 48  ? 9.306   11.484  8.526   1.00 16.81 ? 45  LYS A CA  1 
ATOM   322  C C   . LYS A 1 48  ? 9.230   10.030  8.096   1.00 14.89 ? 45  LYS A C   1 
ATOM   323  O O   . LYS A 1 48  ? 8.363   9.286   8.553   1.00 10.20 ? 45  LYS A O   1 
ATOM   324  C CB  . LYS A 1 48  ? 9.997   11.529  9.893   1.00 19.48 ? 45  LYS A CB  1 
ATOM   325  C CG  . LYS A 1 48  ? 10.139  12.877  10.532  1.00 31.60 ? 45  LYS A CG  1 
ATOM   326  C CD  . LYS A 1 48  ? 10.435  12.726  12.028  1.00 38.03 ? 45  LYS A CD  1 
ATOM   327  C CE  . LYS A 1 48  ? 9.318   13.316  12.903  1.00 41.87 ? 45  LYS A CE  1 
ATOM   328  N NZ  . LYS A 1 48  ? 8.968   14.725  12.568  1.00 47.95 ? 45  LYS A NZ  1 
ATOM   329  N N   . GLU A 1 49  ? 10.183  9.608   7.254   1.00 12.87 ? 46  GLU A N   1 
ATOM   330  C CA  . GLU A 1 49  ? 10.210  8.222   6.787   1.00 15.92 ? 46  GLU A CA  1 
ATOM   331  C C   . GLU A 1 49  ? 10.505  7.232   7.907   1.00 12.55 ? 46  GLU A C   1 
ATOM   332  O O   . GLU A 1 49  ? 10.141  6.057   7.792   1.00 10.26 ? 46  GLU A O   1 
ATOM   333  C CB  . GLU A 1 49  ? 11.254  8.049   5.662   1.00 20.22 ? 46  GLU A CB  1 
ATOM   334  C CG  . GLU A 1 49  ? 12.681  8.430   6.085   1.00 23.31 ? 46  GLU A CG  1 
ATOM   335  C CD  . GLU A 1 49  ? 13.775  8.060   5.062   1.00 27.40 ? 46  GLU A CD  1 
ATOM   336  O OE1 . GLU A 1 49  ? 13.486  7.359   4.073   1.00 29.84 ? 46  GLU A OE1 1 
ATOM   337  O OE2 . GLU A 1 49  ? 14.937  8.477   5.260   1.00 36.54 ? 46  GLU A OE2 1 
ATOM   338  N N   . GLU A 1 50  ? 11.171  7.666   8.975   1.00 9.99  ? 47  GLU A N   1 
ATOM   339  C CA  . GLU A 1 50  ? 11.449  6.794   10.106  1.00 13.10 ? 47  GLU A CA  1 
ATOM   340  C C   . GLU A 1 50  ? 10.233  6.552   10.985  1.00 12.01 ? 47  GLU A C   1 
ATOM   341  O O   . GLU A 1 50  ? 10.309  5.739   11.915  1.00 11.95 ? 47  GLU A O   1 
ATOM   342  C CB  . GLU A 1 50  ? 12.565  7.391   10.964  1.00 19.02 ? 47  GLU A CB  1 
ATOM   343  C CG  . GLU A 1 50  ? 13.886  7.511   10.243  1.00 24.37 ? 47  GLU A CG  1 
ATOM   344  C CD  . GLU A 1 50  ? 14.067  8.837   9.513   1.00 34.45 ? 47  GLU A CD  1 
ATOM   345  O OE1 . GLU A 1 50  ? 15.218  9.099   9.083   1.00 34.34 ? 47  GLU A OE1 1 
ATOM   346  O OE2 . GLU A 1 50  ? 13.077  9.603   9.362   1.00 17.90 ? 47  GLU A OE2 1 
ATOM   347  N N   . SER A 1 51  ? 9.127   7.235   10.725  1.00 7.68  ? 48  SER A N   1 
ATOM   348  C CA  . SER A 1 51  ? 7.988   7.171   11.633  1.00 8.01  ? 48  SER A CA  1 
ATOM   349  C C   . SER A 1 51  ? 7.318   5.805   11.559  1.00 7.43  ? 48  SER A C   1 
ATOM   350  O O   . SER A 1 51  ? 7.579   4.994   10.660  1.00 11.11 ? 48  SER A O   1 
ATOM   351  C CB  . SER A 1 51  ? 6.988   8.274   11.303  1.00 7.52  ? 48  SER A CB  1 
ATOM   352  O OG  . SER A 1 51  ? 6.339   8.009   10.071  1.00 7.11  ? 48  SER A OG  1 
ATOM   353  N N   . ASP A 1 52  ? 6.467   5.544   12.550  1.00 7.47  ? 49  ASP A N   1 
ATOM   354  C CA  . ASP A 1 52  ? 5.739   4.294   12.634  1.00 7.98  ? 49  ASP A CA  1 
ATOM   355  C C   . ASP A 1 52  ? 4.894   4.084   11.383  1.00 7.31  ? 49  ASP A C   1 
ATOM   356  O O   . ASP A 1 52  ? 4.544   5.025   10.664  1.00 7.09  ? 49  ASP A O   1 
ATOM   357  C CB  . ASP A 1 52  ? 4.838   4.288   13.871  1.00 8.10  ? 49  ASP A CB  1 
ATOM   358  C CG  . ASP A 1 52  ? 5.598   3.959   15.141  1.00 9.23  ? 49  ASP A CG  1 
ATOM   359  O OD1 . ASP A 1 52  ? 6.794   3.599   15.049  1.00 8.69  ? 49  ASP A OD1 1 
ATOM   360  O OD2 . ASP A 1 52  ? 4.994   4.056   16.227  1.00 10.51 ? 49  ASP A OD2 1 
ATOM   361  N N   . ILE A 1 53  ? 4.561   2.825   11.128  1.00 7.24  ? 50  ILE A N   1 
ATOM   362  C CA  . ILE A 1 53  ? 3.795   2.445   9.950   1.00 8.21  ? 50  ILE A CA  1 
ATOM   363  C C   . ILE A 1 53  ? 2.563   1.689   10.424  1.00 8.23  ? 50  ILE A C   1 
ATOM   364  O O   . ILE A 1 53  ? 2.671   0.604   11.013  1.00 7.95  ? 50  ILE A O   1 
ATOM   365  C CB  . ILE A 1 53  ? 4.630   1.609   8.967   1.00 8.54  ? 50  ILE A CB  1 
ATOM   366  C CG1 . ILE A 1 53  ? 5.834   2.424   8.481   1.00 7.47  ? 50  ILE A CG1 1 
ATOM   367  C CG2 . ILE A 1 53  ? 3.776   1.175   7.762   1.00 7.15  ? 50  ILE A CG2 1 
ATOM   368  C CD1 . ILE A 1 53  ? 6.822   1.633   7.646   1.00 7.39  ? 50  ILE A CD1 1 
ATOM   369  N N   . VAL A 1 54  ? 1.399   2.282   10.176  1.00 6.44  ? 51  VAL A N   1 
ATOM   370  C CA  . VAL A 1 54  ? 0.117   1.710   10.557  1.00 6.86  ? 51  VAL A CA  1 
ATOM   371  C C   . VAL A 1 54  ? -0.219  0.512   9.673   1.00 7.67  ? 51  VAL A C   1 
ATOM   372  O O   . VAL A 1 54  ? -0.784  -0.490  10.135  1.00 10.27 ? 51  VAL A O   1 
ATOM   373  C CB  . VAL A 1 54  ? -0.943  2.820   10.443  1.00 12.99 ? 51  VAL A CB  1 
ATOM   374  C CG1 . VAL A 1 54  ? -2.303  2.251   10.453  1.00 13.78 ? 51  VAL A CG1 1 
ATOM   375  C CG2 . VAL A 1 54  ? -0.732  3.868   11.556  1.00 9.35  ? 51  VAL A CG2 1 
ATOM   376  N N   . PHE A 1 55  ? 0.110   0.603   8.391   1.00 7.82  ? 52  PHE A N   1 
ATOM   377  C CA  . PHE A 1 55  ? -0.135  -0.466  7.430   1.00 6.53  ? 52  PHE A CA  1 
ATOM   378  C C   . PHE A 1 55  ? 1.020   -0.480  6.443   1.00 9.39  ? 52  PHE A C   1 
ATOM   379  O O   . PHE A 1 55  ? 1.282   0.525   5.776   1.00 8.23  ? 52  PHE A O   1 
ATOM   380  C CB  . PHE A 1 55  ? -1.469  -0.261  6.709   1.00 7.08  ? 52  PHE A CB  1 
ATOM   381  C CG  . PHE A 1 55  ? -1.762  -1.294  5.665   1.00 9.62  ? 52  PHE A CG  1 
ATOM   382  C CD1 . PHE A 1 55  ? -1.714  -2.643  5.967   1.00 9.87  ? 52  PHE A CD1 1 
ATOM   383  C CD2 . PHE A 1 55  ? -2.105  -0.912  4.377   1.00 7.58  ? 52  PHE A CD2 1 
ATOM   384  C CE1 . PHE A 1 55  ? -2.000  -3.595  4.998   1.00 8.01  ? 52  PHE A CE1 1 
ATOM   385  C CE2 . PHE A 1 55  ? -2.396  -1.868  3.418   1.00 9.29  ? 52  PHE A CE2 1 
ATOM   386  C CZ  . PHE A 1 55  ? -2.346  -3.206  3.739   1.00 7.17  ? 52  PHE A CZ  1 
ATOM   387  N N   . HIS A 1 56  ? 1.730   -1.601  6.399   1.00 7.79  ? 53  HIS A N   1 
ATOM   388  C CA  . HIS A 1 56  ? 2.843   -1.844  5.494   1.00 6.92  ? 53  HIS A CA  1 
ATOM   389  C C   . HIS A 1 56  ? 2.396   -2.932  4.521   1.00 9.61  ? 53  HIS A C   1 
ATOM   390  O O   . HIS A 1 56  ? 1.917   -3.984  4.955   1.00 7.50  ? 53  HIS A O   1 
ATOM   391  C CB  . HIS A 1 56  ? 4.065   -2.261  6.323   1.00 7.96  ? 53  HIS A CB  1 
ATOM   392  C CG  . HIS A 1 56  ? 5.150   -2.964  5.562   1.00 9.67  ? 53  HIS A CG  1 
ATOM   393  N ND1 . HIS A 1 56  ? 6.082   -2.296  4.794   1.00 8.64  ? 53  HIS A ND1 1 
ATOM   394  C CD2 . HIS A 1 56  ? 5.502   -4.274  5.525   1.00 9.59  ? 53  HIS A CD2 1 
ATOM   395  C CE1 . HIS A 1 56  ? 6.942   -3.166  4.292   1.00 12.29 ? 53  HIS A CE1 1 
ATOM   396  N NE2 . HIS A 1 56  ? 6.613   -4.372  4.720   1.00 17.10 ? 53  HIS A NE2 1 
ATOM   397  N N   . PHE A 1 57  ? 2.486   -2.652  3.213   1.00 7.15  ? 54  PHE A N   1 
ATOM   398  C CA  . PHE A 1 57  ? 2.002   -3.551  2.160   1.00 8.14  ? 54  PHE A CA  1 
ATOM   399  C C   . PHE A 1 57  ? 3.133   -3.715  1.157   1.00 8.44  ? 54  PHE A C   1 
ATOM   400  O O   . PHE A 1 57  ? 3.483   -2.765  0.448   1.00 6.80  ? 54  PHE A O   1 
ATOM   401  C CB  . PHE A 1 57  ? 0.735   -2.987  1.492   1.00 7.48  ? 54  PHE A CB  1 
ATOM   402  C CG  . PHE A 1 57  ? 0.188   -3.817  0.348   1.00 11.36 ? 54  PHE A CG  1 
ATOM   403  C CD1 . PHE A 1 57  ? -0.558  -4.960  0.587   1.00 8.29  ? 54  PHE A CD1 1 
ATOM   404  C CD2 . PHE A 1 57  ? 0.380   -3.418  -0.973  1.00 9.80  ? 54  PHE A CD2 1 
ATOM   405  C CE1 . PHE A 1 57  ? -1.077  -5.708  -0.467  1.00 8.61  ? 54  PHE A CE1 1 
ATOM   406  C CE2 . PHE A 1 57  ? -0.137  -4.155  -2.029  1.00 10.05 ? 54  PHE A CE2 1 
ATOM   407  C CZ  . PHE A 1 57  ? -0.860  -5.308  -1.781  1.00 8.40  ? 54  PHE A CZ  1 
ATOM   408  N N   . GLN A 1 58  ? 3.725   -4.902  1.100   1.00 7.77  ? 55  GLN A N   1 
ATOM   409  C CA  . GLN A 1 58  ? 4.927   -5.093  0.298   1.00 7.15  ? 55  GLN A CA  1 
ATOM   410  C C   . GLN A 1 58  ? 4.735   -6.265  -0.644  1.00 8.39  ? 55  GLN A C   1 
ATOM   411  O O   . GLN A 1 58  ? 4.625   -7.410  -0.195  1.00 9.09  ? 55  GLN A O   1 
ATOM   412  C CB  . GLN A 1 58  ? 6.153   -5.308  1.180   1.00 10.72 ? 55  GLN A CB  1 
ATOM   413  C CG  . GLN A 1 58  ? 7.414   -5.417  0.355   1.00 12.78 ? 55  GLN A CG  1 
ATOM   414  C CD  . GLN A 1 58  ? 8.593   -5.856  1.170   1.00 22.28 ? 55  GLN A CD  1 
ATOM   415  O OE1 . GLN A 1 58  ? 8.770   -7.044  1.429   1.00 26.31 ? 55  GLN A OE1 1 
ATOM   416  N NE2 . GLN A 1 58  ? 9.412   -4.901  1.584   1.00 18.90 ? 55  GLN A NE2 1 
ATOM   417  N N   . VAL A 1 59  ? 4.722   -5.980  -1.945  1.00 8.13  ? 56  VAL A N   1 
ATOM   418  C CA  . VAL A 1 59  ? 4.548   -6.989  -2.981  1.00 9.32  ? 56  VAL A CA  1 
ATOM   419  C C   . VAL A 1 59  ? 5.918   -7.366  -3.519  1.00 12.39 ? 56  VAL A C   1 
ATOM   420  O O   . VAL A 1 59  ? 6.675   -6.497  -3.962  1.00 13.08 ? 56  VAL A O   1 
ATOM   421  C CB  . VAL A 1 59  ? 3.660   -6.478  -4.127  1.00 10.73 ? 56  VAL A CB  1 
ATOM   422  C CG1 . VAL A 1 59  ? 3.394   -7.606  -5.117  1.00 10.25 ? 56  VAL A CG1 1 
ATOM   423  C CG2 . VAL A 1 59  ? 2.366   -5.874  -3.595  1.00 7.34  ? 56  VAL A CG2 1 
ATOM   424  N N   . CYS A 1 60  ? 6.238   -8.649  -3.485  1.00 12.33 ? 57  CYS A N   1 
ATOM   425  C CA  . CYS A 1 60  ? 7.319   -9.196  -4.301  1.00 12.39 ? 57  CYS A CA  1 
ATOM   426  C C   . CYS A 1 60  ? 6.644   -9.825  -5.512  1.00 11.71 ? 57  CYS A C   1 
ATOM   427  O O   . CYS A 1 60  ? 6.150   -10.955 -5.439  1.00 10.83 ? 57  CYS A O   1 
ATOM   428  C CB  . CYS A 1 60  ? 8.157   -10.209 -3.527  1.00 16.27 ? 57  CYS A CB  1 
ATOM   429  S SG  . CYS A 1 60  ? 9.627   -10.796 -4.437  1.00 25.79 ? 57  CYS A SG  1 
ATOM   430  N N   . PHE A 1 61  ? 6.611   -9.081  -6.625  1.00 11.40 ? 58  PHE A N   1 
ATOM   431  C CA  . PHE A 1 61  ? 5.818   -9.485  -7.784  1.00 11.32 ? 58  PHE A CA  1 
ATOM   432  C C   . PHE A 1 61  ? 6.170   -10.899 -8.227  1.00 10.76 ? 58  PHE A C   1 
ATOM   433  O O   . PHE A 1 61  ? 7.343   -11.230 -8.408  1.00 10.58 ? 58  PHE A O   1 
ATOM   434  C CB  . PHE A 1 61  ? 6.033   -8.520  -8.949  1.00 10.64 ? 58  PHE A CB  1 
ATOM   435  C CG  . PHE A 1 61  ? 5.385   -7.180  -8.755  1.00 13.88 ? 58  PHE A CG  1 
ATOM   436  C CD1 . PHE A 1 61  ? 4.005   -7.035  -8.855  1.00 11.60 ? 58  PHE A CD1 1 
ATOM   437  C CD2 . PHE A 1 61  ? 6.157   -6.064  -8.472  1.00 10.55 ? 58  PHE A CD2 1 
ATOM   438  C CE1 . PHE A 1 61  ? 3.410   -5.792  -8.683  1.00 12.10 ? 58  PHE A CE1 1 
ATOM   439  C CE2 . PHE A 1 61  ? 5.573   -4.827  -8.290  1.00 10.63 ? 58  PHE A CE2 1 
ATOM   440  C CZ  . PHE A 1 61  ? 4.194   -4.685  -8.397  1.00 10.78 ? 58  PHE A CZ  1 
ATOM   441  N N   . GLY A 1 62  ? 5.138   -11.721 -8.400  1.00 9.49  ? 59  GLY A N   1 
ATOM   442  C CA  . GLY A 1 62  ? 5.293   -13.092 -8.837  1.00 15.12 ? 59  GLY A CA  1 
ATOM   443  C C   . GLY A 1 62  ? 5.576   -14.080 -7.729  1.00 17.69 ? 59  GLY A C   1 
ATOM   444  O O   . GLY A 1 62  ? 5.586   -15.295 -7.988  1.00 13.97 ? 59  GLY A O   1 
ATOM   445  N N   . ARG A 1 63  ? 5.794   -13.607 -6.499  1.00 11.85 ? 60  ARG A N   1 
ATOM   446  C CA  . ARG A 1 63  ? 6.165   -14.505 -5.413  1.00 12.13 ? 60  ARG A CA  1 
ATOM   447  C C   . ARG A 1 63  ? 5.260   -14.396 -4.185  1.00 15.87 ? 60  ARG A C   1 
ATOM   448  O O   . ARG A 1 63  ? 4.581   -15.366 -3.840  1.00 12.13 ? 60  ARG A O   1 
ATOM   449  C CB  . ARG A 1 63  ? 7.635   -14.276 -5.059  1.00 16.15 ? 60  ARG A CB  1 
ATOM   450  C CG  . ARG A 1 63  ? 8.474   -14.349 -6.329  1.00 22.11 ? 60  ARG A CG  1 
ATOM   451  C CD  . ARG A 1 63  ? 9.950   -14.021 -6.214  1.00 28.04 ? 60  ARG A CD  1 
ATOM   452  N NE  . ARG A 1 63  ? 10.652  -14.455 -7.427  1.00 23.89 ? 60  ARG A NE  1 
ATOM   453  C CZ  . ARG A 1 63  ? 10.334  -14.074 -8.668  1.00 26.50 ? 60  ARG A CZ  1 
ATOM   454  N NH1 . ARG A 1 63  ? 9.333   -13.213 -8.909  1.00 14.83 ? 60  ARG A NH1 1 
ATOM   455  N NH2 . ARG A 1 63  ? 11.045  -14.538 -9.688  1.00 29.02 ? 60  ARG A NH2 1 
ATOM   456  N N   . ARG A 1 64  ? 5.213   -13.251 -3.514  1.00 11.46 ? 61  ARG A N   1 
ATOM   457  C CA  . ARG A 1 64  ? 4.424   -13.183 -2.288  1.00 9.26  ? 61  ARG A CA  1 
ATOM   458  C C   . ARG A 1 64  ? 4.110   -11.736 -1.951  1.00 8.90  ? 61  ARG A C   1 
ATOM   459  O O   . ARG A 1 64  ? 4.689   -10.801 -2.510  1.00 9.13  ? 61  ARG A O   1 
ATOM   460  C CB  . ARG A 1 64  ? 5.162   -13.834 -1.112  1.00 11.87 ? 61  ARG A CB  1 
ATOM   461  C CG  . ARG A 1 64  ? 6.429   -13.077 -0.708  1.00 16.15 ? 61  ARG A CG  1 
ATOM   462  C CD  . ARG A 1 64  ? 7.083   -13.656 0.551   1.00 20.93 ? 61  ARG A CD  1 
ATOM   463  N NE  . ARG A 1 64  ? 8.094   -12.751 1.093   1.00 32.89 ? 61  ARG A NE  1 
ATOM   464  C CZ  . ARG A 1 64  ? 8.590   -12.812 2.329   1.00 28.73 ? 61  ARG A CZ  1 
ATOM   465  N NH1 . ARG A 1 64  ? 8.169   -13.737 3.180   1.00 29.41 ? 61  ARG A NH1 1 
ATOM   466  N NH2 . ARG A 1 64  ? 9.503   -11.932 2.715   1.00 29.16 ? 61  ARG A NH2 1 
ATOM   467  N N   . VAL A 1 65  ? 3.193   -11.568 -1.001  1.00 7.06  ? 62  VAL A N   1 
ATOM   468  C CA  . VAL A 1 65  ? 2.889   -10.269 -0.414  1.00 9.44  ? 62  VAL A CA  1 
ATOM   469  C C   . VAL A 1 65  ? 3.069   -10.378 1.090   1.00 12.73 ? 62  VAL A C   1 
ATOM   470  O O   . VAL A 1 65  ? 2.681   -11.379 1.704   1.00 11.34 ? 62  VAL A O   1 
ATOM   471  C CB  . VAL A 1 65  ? 1.460   -9.806  -0.765  1.00 10.59 ? 62  VAL A CB  1 
ATOM   472  C CG1 . VAL A 1 65  ? 1.086   -8.551  0.023   1.00 11.49 ? 62  VAL A CG1 1 
ATOM   473  C CG2 . VAL A 1 65  ? 1.356   -9.565  -2.265  1.00 8.67  ? 62  VAL A CG2 1 
ATOM   474  N N   . VAL A 1 66  ? 3.655   -9.346  1.684   1.00 9.67  ? 63  VAL A N   1 
ATOM   475  C CA  . VAL A 1 66  ? 3.860   -9.282  3.121   1.00 13.45 ? 63  VAL A CA  1 
ATOM   476  C C   . VAL A 1 66  ? 3.175   -8.031  3.657   1.00 12.33 ? 63  VAL A C   1 
ATOM   477  O O   . VAL A 1 66  ? 3.267   -6.954  3.054   1.00 8.27  ? 63  VAL A O   1 
ATOM   478  C CB  . VAL A 1 66  ? 5.365   -9.281  3.450   1.00 17.21 ? 63  VAL A CB  1 
ATOM   479  C CG1 . VAL A 1 66  ? 5.604   -8.771  4.844   1.00 20.25 ? 63  VAL A CG1 1 
ATOM   480  C CG2 . VAL A 1 66  ? 5.944   -10.689 3.254   1.00 16.36 ? 63  VAL A CG2 1 
ATOM   481  N N   . MET A 1 67  ? 2.483   -8.177  4.783   1.00 7.52  ? 64  MET A N   1 
ATOM   482  C CA  . MET A 1 67  ? 1.860   -7.054  5.462   1.00 9.77  ? 64  MET A CA  1 
ATOM   483  C C   . MET A 1 67  ? 2.257   -7.066  6.931   1.00 10.32 ? 64  MET A C   1 
ATOM   484  O O   . MET A 1 67  ? 2.420   -8.133  7.538   1.00 9.14  ? 64  MET A O   1 
ATOM   485  C CB  . MET A 1 67  ? 0.329   -7.082  5.324   1.00 8.77  ? 64  MET A CB  1 
ATOM   486  C CG  . MET A 1 67  ? -0.149  -6.759  3.904   1.00 9.33  ? 64  MET A CG  1 
ATOM   487  S SD  . MET A 1 67  ? -1.853  -7.223  3.599   1.00 10.23 ? 64  MET A SD  1 
ATOM   488  C CE  . MET A 1 67  ? -1.699  -9.011  3.626   1.00 11.02 ? 64  MET A CE  1 
ATOM   489  N N   . ASN A 1 68  ? 2.415   -5.872  7.495   1.00 8.42  ? 65  ASN A N   1 
ATOM   490  C CA  . ASN A 1 68  ? 2.837   -5.730  8.884   1.00 7.91  ? 65  ASN A CA  1 
ATOM   491  C C   . ASN A 1 68  ? 2.587   -4.294  9.320   1.00 9.49  ? 65  ASN A C   1 
ATOM   492  O O   . ASN A 1 68  ? 2.061   -3.467  8.565   1.00 7.77  ? 65  ASN A O   1 
ATOM   493  C CB  . ASN A 1 68  ? 4.315   -6.108  9.060   1.00 7.64  ? 65  ASN A CB  1 
ATOM   494  C CG  . ASN A 1 68  ? 4.621   -6.672  10.440  1.00 11.27 ? 65  ASN A CG  1 
ATOM   495  O OD1 . ASN A 1 68  ? 3.918   -6.395  11.415  1.00 8.95  ? 65  ASN A OD1 1 
ATOM   496  N ND2 . ASN A 1 68  ? 5.685   -7.461  10.529  1.00 14.62 ? 65  ASN A ND2 1 
ATOM   497  N N   . SER A 1 69  ? 2.950   -4.015  10.568  1.00 7.82  ? 66  SER A N   1 
ATOM   498  C CA  . SER A 1 69  ? 2.926   -2.671  11.121  1.00 9.25  ? 66  SER A CA  1 
ATOM   499  C C   . SER A 1 69  ? 4.219   -2.464  11.888  1.00 8.90  ? 66  SER A C   1 
ATOM   500  O O   . SER A 1 69  ? 4.774   -3.409  12.453  1.00 9.94  ? 66  SER A O   1 
ATOM   501  C CB  . SER A 1 69  ? 1.722   -2.452  12.048  1.00 9.84  ? 66  SER A CB  1 
ATOM   502  O OG  . SER A 1 69  ? 1.679   -3.458  13.045  1.00 9.01  ? 66  SER A OG  1 
ATOM   503  N N   . ARG A 1 70  ? 4.713   -1.230  11.884  1.00 7.84  ? 67  ARG A N   1 
ATOM   504  C CA  . ARG A 1 70  ? 5.878   -0.851  12.674  1.00 7.52  ? 67  ARG A CA  1 
ATOM   505  C C   . ARG A 1 70  ? 5.380   0.083   13.766  1.00 9.84  ? 67  ARG A C   1 
ATOM   506  O O   . ARG A 1 70  ? 4.905   1.187   13.478  1.00 9.71  ? 67  ARG A O   1 
ATOM   507  C CB  . ARG A 1 70  ? 6.960   -0.188  11.825  1.00 7.52  ? 67  ARG A CB  1 
ATOM   508  C CG  . ARG A 1 70  ? 8.289   -0.032  12.573  1.00 9.43  ? 67  ARG A CG  1 
ATOM   509  C CD  . ARG A 1 70  ? 9.430   0.376   11.640  1.00 10.23 ? 67  ARG A CD  1 
ATOM   510  N NE  . ARG A 1 70  ? 9.231   1.704   11.044  1.00 9.21  ? 67  ARG A NE  1 
ATOM   511  C CZ  . ARG A 1 70  ? 9.802   2.095   9.905   1.00 11.57 ? 67  ARG A CZ  1 
ATOM   512  N NH1 . ARG A 1 70  ? 10.595  1.260   9.239   1.00 8.86  ? 67  ARG A NH1 1 
ATOM   513  N NH2 . ARG A 1 70  ? 9.581   3.314   9.422   1.00 7.62  ? 67  ARG A NH2 1 
ATOM   514  N N   . GLU A 1 71  ? 5.464   -0.370  15.010  1.00 9.67  ? 68  GLU A N   1 
ATOM   515  C CA  . GLU A 1 71  ? 4.835   0.311   16.138  1.00 9.79  ? 68  GLU A CA  1 
ATOM   516  C C   . GLU A 1 71  ? 5.909   0.625   17.165  1.00 10.45 ? 68  GLU A C   1 
ATOM   517  O O   . GLU A 1 71  ? 6.623   -0.278  17.610  1.00 10.10 ? 68  GLU A O   1 
ATOM   518  C CB  . GLU A 1 71  ? 3.721   -0.554  16.740  1.00 11.91 ? 68  GLU A CB  1 
ATOM   519  C CG  . GLU A 1 71  ? 2.743   -1.076  15.688  1.00 12.77 ? 68  GLU A CG  1 
ATOM   520  C CD  . GLU A 1 71  ? 1.659   -1.970  16.256  1.00 18.01 ? 68  GLU A CD  1 
ATOM   521  O OE1 . GLU A 1 71  ? 1.472   -1.975  17.493  1.00 13.89 ? 68  GLU A OE1 1 
ATOM   522  O OE2 . GLU A 1 71  ? 0.997   -2.673  15.456  1.00 13.46 ? 68  GLU A OE2 1 
ATOM   523  N N   . TYR A 1 72  ? 6.027   1.903   17.523  1.00 11.00 ? 69  TYR A N   1 
ATOM   524  C CA  . TYR A 1 72  ? 7.138   2.416   18.325  1.00 10.95 ? 69  TYR A CA  1 
ATOM   525  C C   . TYR A 1 72  ? 8.464   1.826   17.863  1.00 14.85 ? 69  TYR A C   1 
ATOM   526  O O   . TYR A 1 72  ? 9.267   1.323   18.650  1.00 15.72 ? 69  TYR A O   1 
ATOM   527  C CB  . TYR A 1 72  ? 6.901   2.174   19.816  1.00 8.63  ? 69  TYR A CB  1 
ATOM   528  C CG  . TYR A 1 72  ? 5.961   3.222   20.371  1.00 11.04 ? 69  TYR A CG  1 
ATOM   529  C CD1 . TYR A 1 72  ? 4.585   3.036   20.347  1.00 9.55  ? 69  TYR A CD1 1 
ATOM   530  C CD2 . TYR A 1 72  ? 6.452   4.427   20.853  1.00 11.36 ? 69  TYR A CD2 1 
ATOM   531  C CE1 . TYR A 1 72  ? 3.722   4.018   20.823  1.00 10.10 ? 69  TYR A CE1 1 
ATOM   532  C CE2 . TYR A 1 72  ? 5.607   5.410   21.321  1.00 10.98 ? 69  TYR A CE2 1 
ATOM   533  C CZ  . TYR A 1 72  ? 4.248   5.199   21.307  1.00 9.94  ? 69  TYR A CZ  1 
ATOM   534  O OH  . TYR A 1 72  ? 3.422   6.181   21.782  1.00 12.86 ? 69  TYR A OH  1 
ATOM   535  N N   . GLY A 1 73  ? 8.677   1.885   16.552  1.00 12.88 ? 70  GLY A N   1 
ATOM   536  C CA  . GLY A 1 73  ? 9.930   1.483   15.959  1.00 14.71 ? 70  GLY A CA  1 
ATOM   537  C C   . GLY A 1 73  ? 10.107  0.001   15.708  1.00 12.88 ? 70  GLY A C   1 
ATOM   538  O O   . GLY A 1 73  ? 11.123  -0.387  15.123  1.00 15.98 ? 70  GLY A O   1 
ATOM   539  N N   . ALA A 1 74  ? 9.168   -0.848  16.113  1.00 13.04 ? 71  ALA A N   1 
ATOM   540  C CA  . ALA A 1 74  ? 9.360   -2.291  16.016  1.00 14.12 ? 71  ALA A CA  1 
ATOM   541  C C   . ALA A 1 74  ? 8.319   -2.905  15.092  1.00 12.30 ? 71  ALA A C   1 
ATOM   542  O O   . ALA A 1 74  ? 7.129   -2.603  15.210  1.00 9.68  ? 71  ALA A O   1 
ATOM   543  C CB  . ALA A 1 74  ? 9.287   -2.942  17.399  1.00 18.75 ? 71  ALA A CB  1 
ATOM   544  N N   . TRP A 1 75  ? 8.772   -3.772  14.181  1.00 12.35 ? 72  TRP A N   1 
ATOM   545  C CA  . TRP A 1 75  ? 7.857   -4.552  13.357  1.00 12.36 ? 72  TRP A CA  1 
ATOM   546  C C   . TRP A 1 75  ? 7.117   -5.576  14.208  1.00 12.43 ? 72  TRP A C   1 
ATOM   547  O O   . TRP A 1 75  ? 7.709   -6.233  15.071  1.00 11.09 ? 72  TRP A O   1 
ATOM   548  C CB  . TRP A 1 75  ? 8.621   -5.252  12.231  1.00 12.27 ? 72  TRP A CB  1 
ATOM   549  C CG  . TRP A 1 75  ? 9.096   -4.304  11.171  1.00 15.97 ? 72  TRP A CG  1 
ATOM   550  C CD1 . TRP A 1 75  ? 10.374  -3.885  10.959  1.00 15.56 ? 72  TRP A CD1 1 
ATOM   551  C CD2 . TRP A 1 75  ? 8.288   -3.640  10.187  1.00 14.41 ? 72  TRP A CD2 1 
ATOM   552  N NE1 . TRP A 1 75  ? 10.417  -3.009  9.899   1.00 14.43 ? 72  TRP A NE1 1 
ATOM   553  C CE2 . TRP A 1 75  ? 9.148   -2.845  9.407   1.00 16.48 ? 72  TRP A CE2 1 
ATOM   554  C CE3 . TRP A 1 75  ? 6.919   -3.649  9.888   1.00 10.77 ? 72  TRP A CE3 1 
ATOM   555  C CZ2 . TRP A 1 75  ? 8.688   -2.061  8.350   1.00 11.36 ? 72  TRP A CZ2 1 
ATOM   556  C CZ3 . TRP A 1 75  ? 6.463   -2.875  8.836   1.00 11.43 ? 72  TRP A CZ3 1 
ATOM   557  C CH2 . TRP A 1 75  ? 7.342   -2.089  8.082   1.00 12.59 ? 72  TRP A CH2 1 
ATOM   558  N N   . LYS A 1 76  ? 5.809   -5.705  13.971  1.00 12.08 ? 73  LYS A N   1 
ATOM   559  C CA  . LYS A 1 76  ? 4.985   -6.645  14.726  1.00 13.19 ? 73  LYS A CA  1 
ATOM   560  C C   . LYS A 1 76  ? 4.777   -7.938  13.935  1.00 10.50 ? 73  LYS A C   1 
ATOM   561  O O   . LYS A 1 76  ? 5.711   -8.415  13.290  1.00 12.18 ? 73  LYS A O   1 
ATOM   562  C CB  . LYS A 1 76  ? 3.654   -6.001  15.108  1.00 11.80 ? 73  LYS A CB  1 
ATOM   563  C CG  . LYS A 1 76  ? 3.804   -4.707  15.940  1.00 11.37 ? 73  LYS A CG  1 
ATOM   564  C CD  . LYS A 1 76  ? 4.897   -4.828  16.990  1.00 15.73 ? 73  LYS A CD  1 
ATOM   565  C CE  . LYS A 1 76  ? 4.395   -4.517  18.389  1.00 26.39 ? 73  LYS A CE  1 
ATOM   566  N NZ  . LYS A 1 76  ? 3.899   -3.115  18.592  1.00 27.49 ? 73  LYS A NZ  1 
ATOM   567  N N   . GLN A 1 77  ? 3.572   -8.513  13.971  1.00 13.07 ? 74  GLN A N   1 
ATOM   568  C CA  . GLN A 1 77  ? 3.352   -9.844  13.406  1.00 14.01 ? 74  GLN A CA  1 
ATOM   569  C C   . GLN A 1 77  ? 3.197   -9.761  11.897  1.00 14.81 ? 74  GLN A C   1 
ATOM   570  O O   . GLN A 1 77  ? 2.254   -9.142  11.393  1.00 12.60 ? 74  GLN A O   1 
ATOM   571  C CB  . GLN A 1 77  ? 2.121   -10.515 14.005  1.00 12.76 ? 74  GLN A CB  1 
ATOM   572  C CG  . GLN A 1 77  ? 1.799   -11.843 13.327  1.00 19.22 ? 74  GLN A CG  1 
ATOM   573  C CD  . GLN A 1 77  ? 2.934   -12.855 13.463  1.00 27.02 ? 74  GLN A CD  1 
ATOM   574  O OE1 . GLN A 1 77  ? 3.359   -13.179 14.573  1.00 28.34 ? 74  GLN A OE1 1 
ATOM   575  N NE2 . GLN A 1 77  ? 3.432   -13.357 12.330  1.00 24.20 ? 74  GLN A NE2 1 
ATOM   576  N N   . GLN A 1 78  ? 4.097   -10.419 11.181  1.00 13.64 ? 75  GLN A N   1 
ATOM   577  C CA  . GLN A 1 78  ? 4.012   -10.441 9.733   1.00 14.49 ? 75  GLN A CA  1 
ATOM   578  C C   . GLN A 1 78  ? 2.828   -11.280 9.273   1.00 15.92 ? 75  GLN A C   1 
ATOM   579  O O   . GLN A 1 78  ? 2.544   -12.347 9.831   1.00 12.21 ? 75  GLN A O   1 
ATOM   580  C CB  . GLN A 1 78  ? 5.299   -10.997 9.140   1.00 15.33 ? 75  GLN A CB  1 
ATOM   581  C CG  . GLN A 1 78  ? 5.290   -11.035 7.635   1.00 17.73 ? 75  GLN A CG  1 
ATOM   582  C CD  . GLN A 1 78  ? 6.642   -11.349 7.078   1.00 20.83 ? 75  GLN A CD  1 
ATOM   583  O OE1 . GLN A 1 78  ? 7.471   -10.460 6.907   1.00 22.93 ? 75  GLN A OE1 1 
ATOM   584  N NE2 . GLN A 1 78  ? 6.885   -12.626 6.802   1.00 25.28 ? 75  GLN A NE2 1 
ATOM   585  N N   . VAL A 1 79  ? 2.135   -10.779 8.254   1.00 8.48  ? 76  VAL A N   1 
ATOM   586  C CA  . VAL A 1 79  ? 1.135   -11.532 7.500   1.00 12.99 ? 76  VAL A CA  1 
ATOM   587  C C   . VAL A 1 79  ? 1.718   -11.786 6.118   1.00 13.28 ? 76  VAL A C   1 
ATOM   588  O O   . VAL A 1 79  ? 2.107   -10.841 5.418   1.00 15.97 ? 76  VAL A O   1 
ATOM   589  C CB  . VAL A 1 79  ? -0.199  -10.774 7.411   1.00 12.66 ? 76  VAL A CB  1 
ATOM   590  C CG1 . VAL A 1 79  ? -1.221  -11.577 6.617   1.00 14.49 ? 76  VAL A CG1 1 
ATOM   591  C CG2 . VAL A 1 79  ? -0.715  -10.463 8.815   1.00 15.21 ? 76  VAL A CG2 1 
ATOM   592  N N   . GLU A 1 80  ? 1.809   -13.053 5.728   1.00 12.60 ? 77  GLU A N   1 
ATOM   593  C CA  . GLU A 1 80  ? 2.409   -13.419 4.453   1.00 12.03 ? 77  GLU A CA  1 
ATOM   594  C C   . GLU A 1 80  ? 1.359   -14.074 3.574   1.00 13.13 ? 77  GLU A C   1 
ATOM   595  O O   . GLU A 1 80  ? 0.670   -14.998 4.013   1.00 12.19 ? 77  GLU A O   1 
ATOM   596  C CB  . GLU A 1 80  ? 3.590   -14.375 4.639   1.00 18.44 ? 77  GLU A CB  1 
ATOM   597  C CG  . GLU A 1 80  ? 4.177   -14.853 3.312   1.00 21.91 ? 77  GLU A CG  1 
ATOM   598  C CD  . GLU A 1 80  ? 5.270   -15.887 3.485   1.00 27.94 ? 77  GLU A CD  1 
ATOM   599  O OE1 . GLU A 1 80  ? 6.449   -15.524 3.294   1.00 28.29 ? 77  GLU A OE1 1 
ATOM   600  O OE2 . GLU A 1 80  ? 4.950   -17.057 3.809   1.00 32.69 ? 77  GLU A OE2 1 
ATOM   601  N N   . SER A 1 81  ? 1.260   -13.619 2.332   1.00 11.05 ? 78  SER A N   1 
ATOM   602  C CA  . SER A 1 81  ? 0.281   -14.141 1.389   1.00 12.89 ? 78  SER A CA  1 
ATOM   603  C C   . SER A 1 81  ? 0.984   -14.536 0.098   1.00 14.62 ? 78  SER A C   1 
ATOM   604  O O   . SER A 1 81  ? 1.902   -13.847 -0.355  1.00 11.65 ? 78  SER A O   1 
ATOM   605  C CB  . SER A 1 81  ? -0.825  -13.099 1.102   1.00 12.81 ? 78  SER A CB  1 
ATOM   606  O OG  . SER A 1 81  ? -1.704  -13.554 0.089   1.00 10.93 ? 78  SER A OG  1 
ATOM   607  N N   . LYS A 1 82  ? 0.560   -15.660 -0.475  1.00 13.47 ? 79  LYS A N   1 
ATOM   608  C CA  . LYS A 1 82  ? 1.006   -16.105 -1.787  1.00 12.50 ? 79  LYS A CA  1 
ATOM   609  C C   . LYS A 1 82  ? 0.018   -15.743 -2.885  1.00 15.84 ? 79  LYS A C   1 
ATOM   610  O O   . LYS A 1 82  ? 0.285   -16.021 -4.055  1.00 11.53 ? 79  LYS A O   1 
ATOM   611  C CB  . LYS A 1 82  ? 1.233   -17.621 -1.781  1.00 19.07 ? 79  LYS A CB  1 
ATOM   612  C CG  . LYS A 1 82  ? 2.336   -18.080 -0.844  1.00 19.11 ? 79  LYS A CG  1 
ATOM   613  C CD  . LYS A 1 82  ? 3.692   -17.664 -1.376  1.00 23.02 ? 79  LYS A CD  1 
ATOM   614  C CE  . LYS A 1 82  ? 4.758   -18.685 -1.005  1.00 36.63 ? 79  LYS A CE  1 
ATOM   615  N NZ  . LYS A 1 82  ? 4.692   -19.027 0.440   1.00 32.23 ? 79  LYS A NZ  1 
ATOM   616  N N   . ASN A 1 83  ? -1.127  -15.160 -2.526  1.00 12.25 ? 80  ASN A N   1 
ATOM   617  C CA  . ASN A 1 83  ? -2.061  -14.634 -3.513  1.00 10.12 ? 80  ASN A CA  1 
ATOM   618  C C   . ASN A 1 83  ? -1.360  -13.591 -4.372  1.00 12.21 ? 80  ASN A C   1 
ATOM   619  O O   . ASN A 1 83  ? -0.710  -12.682 -3.852  1.00 9.43  ? 80  ASN A O   1 
ATOM   620  C CB  . ASN A 1 83  ? -3.274  -14.019 -2.801  1.00 11.23 ? 80  ASN A CB  1 
ATOM   621  C CG  . ASN A 1 83  ? -4.407  -13.680 -3.746  1.00 12.26 ? 80  ASN A CG  1 
ATOM   622  O OD1 . ASN A 1 83  ? -4.581  -14.319 -4.782  1.00 11.20 ? 80  ASN A OD1 1 
ATOM   623  N ND2 . ASN A 1 83  ? -5.199  -12.677 -3.384  1.00 8.62  ? 80  ASN A ND2 1 
ATOM   624  N N   . MET A 1 84  ? -1.495  -13.715 -5.692  1.00 10.19 ? 81  MET A N   1 
ATOM   625  C CA  . MET A 1 84  ? -0.707  -12.920 -6.637  1.00 13.41 ? 81  MET A CA  1 
ATOM   626  C C   . MET A 1 84  ? -1.567  -12.556 -7.835  1.00 14.11 ? 81  MET A C   1 
ATOM   627  O O   . MET A 1 84  ? -1.374  -13.074 -8.946  1.00 12.24 ? 81  MET A O   1 
ATOM   628  C CB  . MET A 1 84  ? 0.557   -13.682 -7.054  1.00 14.13 ? 81  MET A CB  1 
ATOM   629  C CG  . MET A 1 84  ? 1.562   -12.878 -7.887  1.00 14.08 ? 81  MET A CG  1 
ATOM   630  S SD  . MET A 1 84  ? 1.983   -11.286 -7.158  1.00 12.93 ? 81  MET A SD  1 
ATOM   631  C CE  . MET A 1 84  ? 2.598   -11.788 -5.545  1.00 12.99 ? 81  MET A CE  1 
ATOM   632  N N   . PRO A 1 85  ? -2.536  -11.653 -7.657  1.00 9.18  ? 82  PRO A N   1 
ATOM   633  C CA  . PRO A 1 85  ? -3.358  -11.228 -8.798  1.00 10.69 ? 82  PRO A CA  1 
ATOM   634  C C   . PRO A 1 85  ? -2.614  -10.346 -9.795  1.00 12.32 ? 82  PRO A C   1 
ATOM   635  O O   . PRO A 1 85  ? -3.076  -10.204 -10.935 1.00 13.87 ? 82  PRO A O   1 
ATOM   636  C CB  . PRO A 1 85  ? -4.512  -10.469 -8.136  1.00 13.20 ? 82  PRO A CB  1 
ATOM   637  C CG  . PRO A 1 85  ? -3.910  -9.926  -6.870  1.00 11.43 ? 82  PRO A CG  1 
ATOM   638  C CD  . PRO A 1 85  ? -2.970  -11.015 -6.396  1.00 11.62 ? 82  PRO A CD  1 
ATOM   639  N N   . PHE A 1 86  ? -1.491  -9.746  -9.410  1.00 11.07 ? 83  PHE A N   1 
ATOM   640  C CA  . PHE A 1 86  ? -0.725  -8.926  -10.342 1.00 15.34 ? 83  PHE A CA  1 
ATOM   641  C C   . PHE A 1 86  ? -0.204  -9.780  -11.492 1.00 12.98 ? 83  PHE A C   1 
ATOM   642  O O   . PHE A 1 86  ? 0.225   -10.919 -11.293 1.00 10.50 ? 83  PHE A O   1 
ATOM   643  C CB  . PHE A 1 86  ? 0.452   -8.255  -9.629  1.00 9.10  ? 83  PHE A CB  1 
ATOM   644  C CG  . PHE A 1 86  ? 0.057   -7.425  -8.429  1.00 12.50 ? 83  PHE A CG  1 
ATOM   645  C CD1 . PHE A 1 86  ? -0.271  -6.085  -8.575  1.00 12.10 ? 83  PHE A CD1 1 
ATOM   646  C CD2 . PHE A 1 86  ? 0.044   -7.976  -7.157  1.00 12.44 ? 83  PHE A CD2 1 
ATOM   647  C CE1 . PHE A 1 86  ? -0.613  -5.309  -7.487  1.00 8.45  ? 83  PHE A CE1 1 
ATOM   648  C CE2 . PHE A 1 86  ? -0.305  -7.203  -6.047  1.00 11.74 ? 83  PHE A CE2 1 
ATOM   649  C CZ  . PHE A 1 86  ? -0.632  -5.864  -6.217  1.00 15.01 ? 83  PHE A CZ  1 
ATOM   650  N N   . GLN A 1 87  ? -0.204  -9.204  -12.692 1.00 16.20 ? 84  GLN A N   1 
ATOM   651  C CA  . GLN A 1 87  ? 0.147   -9.916  -13.915 1.00 15.06 ? 84  GLN A CA  1 
ATOM   652  C C   . GLN A 1 87  ? 1.485   -9.434  -14.450 1.00 16.20 ? 84  GLN A C   1 
ATOM   653  O O   . GLN A 1 87  ? 1.744   -8.226  -14.512 1.00 12.71 ? 84  GLN A O   1 
ATOM   654  C CB  . GLN A 1 87  ? -0.919  -9.718  -14.998 1.00 18.41 ? 84  GLN A CB  1 
ATOM   655  C CG  . GLN A 1 87  ? -2.302  -10.194 -14.609 1.00 17.34 ? 84  GLN A CG  1 
ATOM   656  C CD  . GLN A 1 87  ? -2.340  -11.680 -14.354 1.00 21.59 ? 84  GLN A CD  1 
ATOM   657  O OE1 . GLN A 1 87  ? -2.044  -12.480 -15.243 1.00 28.74 ? 84  GLN A OE1 1 
ATOM   658  N NE2 . GLN A 1 87  ? -2.701  -12.063 -13.137 1.00 25.29 ? 84  GLN A NE2 1 
ATOM   659  N N   . ASP A 1 88  ? 2.303   -10.390 -14.884 1.00 16.37 ? 85  ASP A N   1 
ATOM   660  C CA  . ASP A 1 88  ? 3.638   -10.090 -15.388 1.00 15.74 ? 85  ASP A CA  1 
ATOM   661  C C   . ASP A 1 88  ? 3.575   -9.083  -16.530 1.00 17.42 ? 85  ASP A C   1 
ATOM   662  O O   . ASP A 1 88  ? 2.810   -9.253  -17.485 1.00 15.66 ? 85  ASP A O   1 
ATOM   663  C CB  . ASP A 1 88  ? 4.308   -11.382 -15.852 1.00 14.96 ? 85  ASP A CB  1 
ATOM   664  C CG  . ASP A 1 88  ? 5.815   -11.247 -16.026 1.00 15.36 ? 85  ASP A CG  1 
ATOM   665  O OD1 . ASP A 1 88  ? 6.383   -10.163 -15.780 1.00 11.72 ? 85  ASP A OD1 1 
ATOM   666  O OD2 . ASP A 1 88  ? 6.442   -12.257 -16.396 1.00 16.96 ? 85  ASP A OD2 1 
ATOM   667  N N   . GLY A 1 89  ? 4.367   -8.020  -16.410 1.00 13.69 ? 86  GLY A N   1 
ATOM   668  C CA  . GLY A 1 89  ? 4.507   -7.022  -17.453 1.00 19.47 ? 86  GLY A CA  1 
ATOM   669  C C   . GLY A 1 89  ? 3.336   -6.082  -17.619 1.00 18.91 ? 86  GLY A C   1 
ATOM   670  O O   . GLY A 1 89  ? 3.336   -5.284  -18.562 1.00 19.72 ? 86  GLY A O   1 
ATOM   671  N N   . GLN A 1 90  ? 2.342   -6.134  -16.736 1.00 16.87 ? 87  GLN A N   1 
ATOM   672  C CA  . GLN A 1 90  ? 1.123   -5.364  -16.914 1.00 13.74 ? 87  GLN A CA  1 
ATOM   673  C C   . GLN A 1 90  ? 1.050   -4.203  -15.933 1.00 17.51 ? 87  GLN A C   1 
ATOM   674  O O   . GLN A 1 90  ? 1.573   -4.267  -14.818 1.00 12.69 ? 87  GLN A O   1 
ATOM   675  C CB  . GLN A 1 90  ? -0.118  -6.242  -16.742 1.00 16.65 ? 87  GLN A CB  1 
ATOM   676  C CG  . GLN A 1 90  ? -0.120  -7.483  -17.618 1.00 18.02 ? 87  GLN A CG  1 
ATOM   677  C CD  . GLN A 1 90  ? 0.162   -7.164  -19.062 1.00 22.26 ? 87  GLN A CD  1 
ATOM   678  O OE1 . GLN A 1 90  ? -0.570  -6.405  -19.694 1.00 34.95 ? 87  GLN A OE1 1 
ATOM   679  N NE2 . GLN A 1 90  ? 1.235   -7.742  -19.603 1.00 31.28 ? 87  GLN A NE2 1 
ATOM   680  N N   . GLU A 1 91  ? 0.389   -3.142  -16.375 1.00 16.13 ? 88  GLU A N   1 
ATOM   681  C CA  . GLU A 1 91  ? -0.055  -2.087  -15.482 1.00 16.88 ? 88  GLU A CA  1 
ATOM   682  C C   . GLU A 1 91  ? -1.033  -2.659  -14.462 1.00 16.17 ? 88  GLU A C   1 
ATOM   683  O O   . GLU A 1 91  ? -1.785  -3.591  -14.751 1.00 17.28 ? 88  GLU A O   1 
ATOM   684  C CB  . GLU A 1 91  ? -0.720  -0.979  -16.295 1.00 17.43 ? 88  GLU A CB  1 
ATOM   685  C CG  . GLU A 1 91  ? -1.160  0.239   -15.501 1.00 24.62 ? 88  GLU A CG  1 
ATOM   686  C CD  . GLU A 1 91  ? -1.649  1.350   -16.412 1.00 32.06 ? 88  GLU A CD  1 
ATOM   687  O OE1 . GLU A 1 91  ? -2.666  1.139   -17.111 1.00 34.10 ? 88  GLU A OE1 1 
ATOM   688  O OE2 . GLU A 1 91  ? -1.004  2.420   -16.445 1.00 34.21 ? 88  GLU A OE2 1 
ATOM   689  N N   . PHE A 1 92  ? -1.001  -2.122  -13.249 1.00 12.36 ? 89  PHE A N   1 
ATOM   690  C CA  . PHE A 1 92  ? -1.911  -2.567  -12.206 1.00 15.20 ? 89  PHE A CA  1 
ATOM   691  C C   . PHE A 1 92  ? -2.677  -1.370  -11.661 1.00 14.14 ? 89  PHE A C   1 
ATOM   692  O O   . PHE A 1 92  ? -2.195  -0.232  -11.685 1.00 9.70  ? 89  PHE A O   1 
ATOM   693  C CB  . PHE A 1 92  ? -1.168  -3.311  -11.064 1.00 12.01 ? 89  PHE A CB  1 
ATOM   694  C CG  . PHE A 1 92  ? -0.098  -2.486  -10.390 1.00 12.45 ? 89  PHE A CG  1 
ATOM   695  C CD1 . PHE A 1 92  ? -0.427  -1.544  -9.426  1.00 12.40 ? 89  PHE A CD1 1 
ATOM   696  C CD2 . PHE A 1 92  ? 1.233   -2.652  -10.732 1.00 13.23 ? 89  PHE A CD2 1 
ATOM   697  C CE1 . PHE A 1 92  ? 0.555   -0.775  -8.814  1.00 13.00 ? 89  PHE A CE1 1 
ATOM   698  C CE2 . PHE A 1 92  ? 2.223   -1.889  -10.132 1.00 10.92 ? 89  PHE A CE2 1 
ATOM   699  C CZ  . PHE A 1 92  ? 1.885   -0.951  -9.167  1.00 12.37 ? 89  PHE A CZ  1 
ATOM   700  N N   . GLU A 1 93  ? -3.897  -1.641  -11.213 1.00 13.15 ? 90  GLU A N   1 
ATOM   701  C CA  . GLU A 1 93  ? -4.706  -0.700  -10.454 1.00 9.30  ? 90  GLU A CA  1 
ATOM   702  C C   . GLU A 1 93  ? -4.900  -1.273  -9.061  1.00 11.46 ? 90  GLU A C   1 
ATOM   703  O O   . GLU A 1 93  ? -5.359  -2.410  -8.911  1.00 14.39 ? 90  GLU A O   1 
ATOM   704  C CB  . GLU A 1 93  ? -6.062  -0.460  -11.129 1.00 8.88  ? 90  GLU A CB  1 
ATOM   705  N N   . LEU A 1 94  ? -4.527  -0.498  -8.053  1.00 9.39  ? 91  LEU A N   1 
ATOM   706  C CA  . LEU A 1 94  ? -4.572  -0.925  -6.665  1.00 10.05 ? 91  LEU A CA  1 
ATOM   707  C C   . LEU A 1 94  ? -5.498  0.016   -5.908  1.00 16.11 ? 91  LEU A C   1 
ATOM   708  O O   . LEU A 1 94  ? -5.376  1.240   -6.036  1.00 15.57 ? 91  LEU A O   1 
ATOM   709  C CB  . LEU A 1 94  ? -3.159  -0.899  -6.071  1.00 18.66 ? 91  LEU A CB  1 
ATOM   710  C CG  . LEU A 1 94  ? -2.795  -1.617  -4.780  1.00 25.92 ? 91  LEU A CG  1 
ATOM   711  C CD1 . LEU A 1 94  ? -2.792  -3.105  -5.002  1.00 18.95 ? 91  LEU A CD1 1 
ATOM   712  C CD2 . LEU A 1 94  ? -1.422  -1.147  -4.334  1.00 17.87 ? 91  LEU A CD2 1 
ATOM   713  N N   . SER A 1 95  ? -6.426  -0.552  -5.135  1.00 11.95 ? 92  SER A N   1 
ATOM   714  C CA  . SER A 1 95  ? -7.380  0.216   -4.337  1.00 12.24 ? 92  SER A CA  1 
ATOM   715  C C   . SER A 1 95  ? -7.327  -0.298  -2.905  1.00 16.22 ? 92  SER A C   1 
ATOM   716  O O   . SER A 1 95  ? -7.535  -1.493  -2.663  1.00 14.45 ? 92  SER A O   1 
ATOM   717  C CB  . SER A 1 95  ? -8.795  0.081   -4.911  1.00 18.01 ? 92  SER A CB  1 
ATOM   718  O OG  . SER A 1 95  ? -9.719  0.946   -4.281  1.00 28.02 ? 92  SER A OG  1 
ATOM   719  N N   . ILE A 1 96  ? -7.031  0.590   -1.962  1.00 12.03 ? 93  ILE A N   1 
ATOM   720  C CA  . ILE A 1 96  ? -6.965  0.253   -0.547  1.00 10.17 ? 93  ILE A CA  1 
ATOM   721  C C   . ILE A 1 96  ? -8.090  1.004   0.154   1.00 12.66 ? 93  ILE A C   1 
ATOM   722  O O   . ILE A 1 96  ? -8.046  2.235   0.271   1.00 11.00 ? 93  ILE A O   1 
ATOM   723  C CB  . ILE A 1 96  ? -5.601  0.604   0.058   1.00 11.57 ? 93  ILE A CB  1 
ATOM   724  C CG1 . ILE A 1 96  ? -4.481  -0.127  -0.690  1.00 10.05 ? 93  ILE A CG1 1 
ATOM   725  C CG2 . ILE A 1 96  ? -5.567  0.262   1.549   1.00 8.96  ? 93  ILE A CG2 1 
ATOM   726  C CD1 . ILE A 1 96  ? -3.097  0.434   -0.407  1.00 12.01 ? 93  ILE A CD1 1 
ATOM   727  N N   . SER A 1 97  ? -9.096  0.270   0.626   1.00 11.09 ? 94  SER A N   1 
ATOM   728  C CA  . SER A 1 97  ? -10.252 0.853   1.292   1.00 10.73 ? 94  SER A CA  1 
ATOM   729  C C   . SER A 1 97  ? -10.118 0.746   2.806   1.00 10.52 ? 94  SER A C   1 
ATOM   730  O O   . SER A 1 97  ? -9.711  -0.293  3.331   1.00 7.89  ? 94  SER A O   1 
ATOM   731  C CB  . SER A 1 97  ? -11.542 0.159   0.848   1.00 16.00 ? 94  SER A CB  1 
ATOM   732  O OG  . SER A 1 97  ? -11.859 0.500   -0.491  1.00 25.73 ? 94  SER A OG  1 
ATOM   733  N N   . VAL A 1 98  ? -10.482 1.817   3.508   1.00 7.04  ? 95  VAL A N   1 
ATOM   734  C CA  . VAL A 1 98  ? -10.429 1.837   4.966   1.00 9.33  ? 95  VAL A CA  1 
ATOM   735  C C   . VAL A 1 98  ? -11.816 1.437   5.465   1.00 10.86 ? 95  VAL A C   1 
ATOM   736  O O   . VAL A 1 98  ? -12.734 2.257   5.525   1.00 8.16  ? 95  VAL A O   1 
ATOM   737  C CB  . VAL A 1 98  ? -9.988  3.202   5.496   1.00 10.32 ? 95  VAL A CB  1 
ATOM   738  C CG1 . VAL A 1 98  ? -9.751  3.149   7.011   1.00 11.53 ? 95  VAL A CG1 1 
ATOM   739  C CG2 . VAL A 1 98  ? -8.737  3.670   4.779   1.00 5.88  ? 95  VAL A CG2 1 
ATOM   740  N N   . LEU A 1 99  ? -11.991 0.160   5.775   1.00 11.50 ? 96  LEU A N   1 
ATOM   741  C CA  . LEU A 1 99  ? -13.250 -0.336  6.329   1.00 9.13  ? 96  LEU A CA  1 
ATOM   742  C C   . LEU A 1 99  ? -13.234 -0.176  7.840   1.00 9.38  ? 96  LEU A C   1 
ATOM   743  O O   . LEU A 1 99  ? -12.190 0.120   8.433   1.00 9.94  ? 96  LEU A O   1 
ATOM   744  C CB  . LEU A 1 99  ? -13.452 -1.797  5.917   1.00 10.21 ? 96  LEU A CB  1 
ATOM   745  C CG  . LEU A 1 99  ? -13.379 -2.159  4.427   1.00 14.83 ? 96  LEU A CG  1 
ATOM   746  C CD1 . LEU A 1 99  ? -13.670 -3.652  4.210   1.00 11.29 ? 96  LEU A CD1 1 
ATOM   747  C CD2 . LEU A 1 99  ? -14.307 -1.299  3.580   1.00 16.91 ? 96  LEU A CD2 1 
ATOM   748  N N   . PRO A 1 100 ? -14.380 -0.341  8.518   1.00 15.02 ? 97  PRO A N   1 
ATOM   749  C CA  . PRO A 1 100 ? -14.373 -0.144  9.977   1.00 12.90 ? 97  PRO A CA  1 
ATOM   750  C C   . PRO A 1 100 ? -13.382 -1.035  10.702  1.00 12.39 ? 97  PRO A C   1 
ATOM   751  O O   . PRO A 1 100 ? -12.768 -0.597  11.681  1.00 12.49 ? 97  PRO A O   1 
ATOM   752  C CB  . PRO A 1 100 ? -15.824 -0.454  10.378  1.00 16.18 ? 97  PRO A CB  1 
ATOM   753  C CG  . PRO A 1 100 ? -16.612 -0.109  9.181   1.00 15.84 ? 97  PRO A CG  1 
ATOM   754  C CD  . PRO A 1 100 ? -15.759 -0.504  8.004   1.00 15.77 ? 97  PRO A CD  1 
ATOM   755  N N   . ASP A 1 101 ? -13.181 -2.270  10.239  1.00 11.77 ? 98  ASP A N   1 
ATOM   756  C CA  . ASP A 1 101 ? -12.372 -3.234  10.975  1.00 11.88 ? 98  ASP A CA  1 
ATOM   757  C C   . ASP A 1 101 ? -11.026 -3.539  10.326  1.00 12.28 ? 98  ASP A C   1 
ATOM   758  O O   . ASP A 1 101 ? -10.174 -4.160  10.976  1.00 8.09  ? 98  ASP A O   1 
ATOM   759  C CB  . ASP A 1 101 ? -13.143 -4.552  11.155  1.00 16.42 ? 98  ASP A CB  1 
ATOM   760  C CG  . ASP A 1 101 ? -14.175 -4.494  12.275  1.00 28.63 ? 98  ASP A CG  1 
ATOM   761  O OD1 . ASP A 1 101 ? -14.410 -3.405  12.840  1.00 23.81 ? 98  ASP A OD1 1 
ATOM   762  O OD2 . ASP A 1 101 ? -14.758 -5.560  12.590  1.00 41.18 ? 98  ASP A OD2 1 
ATOM   763  N N   . LYS A 1 102 ? -10.798 -3.109  9.088   1.00 8.55  ? 99  LYS A N   1 
ATOM   764  C CA  . LYS A 1 102 ? -9.642  -3.589  8.344   1.00 7.40  ? 99  LYS A CA  1 
ATOM   765  C C   . LYS A 1 102 ? -9.421  -2.719  7.118   1.00 8.48  ? 99  LYS A C   1 
ATOM   766  O O   . LYS A 1 102 ? -10.310 -1.981  6.688   1.00 8.07  ? 99  LYS A O   1 
ATOM   767  C CB  . LYS A 1 102 ? -9.841  -5.040  7.894   1.00 8.69  ? 99  LYS A CB  1 
ATOM   768  C CG  . LYS A 1 102 ? -10.886 -5.161  6.767   1.00 8.79  ? 99  LYS A CG  1 
ATOM   769  C CD  . LYS A 1 102 ? -11.449 -6.588  6.651   1.00 13.24 ? 99  LYS A CD  1 
ATOM   770  C CE  . LYS A 1 102 ? -12.665 -6.761  7.551   1.00 12.17 ? 99  LYS A CE  1 
ATOM   771  N NZ  . LYS A 1 102 ? -13.357 -8.088  7.362   1.00 13.74 ? 99  LYS A NZ  1 
ATOM   772  N N   . TYR A 1 103 ? -8.223  -2.844  6.546   1.00 7.63  ? 100 TYR A N   1 
ATOM   773  C CA  . TYR A 1 103 ? -7.961  -2.398  5.187   1.00 8.16  ? 100 TYR A CA  1 
ATOM   774  C C   . TYR A 1 103 ? -8.352  -3.512  4.228   1.00 8.48  ? 100 TYR A C   1 
ATOM   775  O O   . TYR A 1 103 ? -8.092  -4.687  4.491   1.00 8.65  ? 100 TYR A O   1 
ATOM   776  C CB  . TYR A 1 103 ? -6.483  -2.048  4.996   1.00 8.87  ? 100 TYR A CB  1 
ATOM   777  C CG  . TYR A 1 103 ? -6.045  -0.891  5.858   1.00 6.51  ? 100 TYR A CG  1 
ATOM   778  C CD1 . TYR A 1 103 ? -6.388  0.413   5.526   1.00 5.78  ? 100 TYR A CD1 1 
ATOM   779  C CD2 . TYR A 1 103 ? -5.314  -1.106  7.016   1.00 7.79  ? 100 TYR A CD2 1 
ATOM   780  C CE1 . TYR A 1 103 ? -6.007  1.483   6.326   1.00 8.12  ? 100 TYR A CE1 1 
ATOM   781  C CE2 . TYR A 1 103 ? -4.933  -0.051  7.825   1.00 6.18  ? 100 TYR A CE2 1 
ATOM   782  C CZ  . TYR A 1 103 ? -5.272  1.242   7.465   1.00 8.42  ? 100 TYR A CZ  1 
ATOM   783  O OH  . TYR A 1 103 ? -4.901  2.299   8.264   1.00 9.92  ? 100 TYR A OH  1 
ATOM   784  N N   . GLN A 1 104 ? -8.990  -3.147  3.124   1.00 8.43  ? 101 GLN A N   1 
ATOM   785  C CA  . GLN A 1 104 ? -9.273  -4.090  2.051   1.00 8.21  ? 101 GLN A CA  1 
ATOM   786  C C   . GLN A 1 104 ? -8.530  -3.639  0.803   1.00 9.63  ? 101 GLN A C   1 
ATOM   787  O O   . GLN A 1 104 ? -8.701  -2.503  0.342   1.00 8.27  ? 101 GLN A O   1 
ATOM   788  C CB  . GLN A 1 104 ? -10.773 -4.200  1.770   1.00 9.35  ? 101 GLN A CB  1 
ATOM   789  C CG  . GLN A 1 104 ? -11.066 -5.109  0.588   1.00 10.32 ? 101 GLN A CG  1 
ATOM   790  C CD  . GLN A 1 104 ? -12.525 -5.479  0.505   1.00 13.00 ? 101 GLN A CD  1 
ATOM   791  O OE1 . GLN A 1 104 ? -12.880 -6.646  0.307   1.00 12.55 ? 101 GLN A OE1 1 
ATOM   792  N NE2 . GLN A 1 104 ? -13.384 -4.491  0.657   1.00 8.41  ? 101 GLN A NE2 1 
ATOM   793  N N   . VAL A 1 105 ? -7.709  -4.526  0.259   1.00 8.07  ? 102 VAL A N   1 
ATOM   794  C CA  . VAL A 1 105 ? -6.900  -4.222  -0.907  1.00 9.27  ? 102 VAL A CA  1 
ATOM   795  C C   . VAL A 1 105 ? -7.538  -4.883  -2.119  1.00 9.11  ? 102 VAL A C   1 
ATOM   796  O O   . VAL A 1 105 ? -7.649  -6.117  -2.180  1.00 9.55  ? 102 VAL A O   1 
ATOM   797  C CB  . VAL A 1 105 ? -5.451  -4.694  -0.725  1.00 9.28  ? 102 VAL A CB  1 
ATOM   798  C CG1 . VAL A 1 105 ? -4.620  -4.301  -1.947  1.00 7.96  ? 102 VAL A CG1 1 
ATOM   799  C CG2 . VAL A 1 105 ? -4.838  -4.123  0.564   1.00 8.07  ? 102 VAL A CG2 1 
ATOM   800  N N   . MET A 1 106 ? -7.949  -4.069  -3.084  1.00 8.24  ? 103 MET A N   1 
ATOM   801  C CA  . MET A 1 106 ? -8.400  -4.558  -4.381  1.00 9.43  ? 103 MET A CA  1 
ATOM   802  C C   . MET A 1 106 ? -7.269  -4.416  -5.387  1.00 10.39 ? 103 MET A C   1 
ATOM   803  O O   . MET A 1 106 ? -6.563  -3.402  -5.402  1.00 8.27  ? 103 MET A O   1 
ATOM   804  C CB  . MET A 1 106 ? -9.628  -3.794  -4.887  1.00 7.59  ? 103 MET A CB  1 
ATOM   805  C CG  . MET A 1 106 ? -10.659 -3.435  -3.829  1.00 13.57 ? 103 MET A CG  1 
ATOM   806  S SD  . MET A 1 106 ? -11.575 -4.865  -3.237  1.00 15.80 ? 103 MET A SD  1 
ATOM   807  C CE  . MET A 1 106 ? -12.785 -5.078  -4.537  1.00 14.44 ? 103 MET A CE  1 
ATOM   808  N N   . VAL A 1 107 ? -7.093  -5.437  -6.221  1.00 8.96  ? 104 VAL A N   1 
ATOM   809  C CA  . VAL A 1 107 ? -6.103  -5.406  -7.294  1.00 7.94  ? 104 VAL A CA  1 
ATOM   810  C C   . VAL A 1 107 ? -6.837  -5.615  -8.610  1.00 10.73 ? 104 VAL A C   1 
ATOM   811  O O   . VAL A 1 107 ? -7.452  -6.670  -8.823  1.00 9.47  ? 104 VAL A O   1 
ATOM   812  C CB  . VAL A 1 107 ? -5.007  -6.461  -7.094  1.00 7.01  ? 104 VAL A CB  1 
ATOM   813  C CG1 . VAL A 1 107 ? -3.975  -6.379  -8.223  1.00 10.06 ? 104 VAL A CG1 1 
ATOM   814  C CG2 . VAL A 1 107 ? -4.341  -6.245  -5.754  1.00 8.08  ? 104 VAL A CG2 1 
ATOM   815  N N   . ASN A 1 108 ? -6.773  -4.616  -9.491  1.00 10.89 ? 105 ASN A N   1 
ATOM   816  C CA  . ASN A 1 108 ? -7.488  -4.673  -10.768 1.00 9.57  ? 105 ASN A CA  1 
ATOM   817  C C   . ASN A 1 108 ? -8.956  -5.042  -10.570 1.00 13.64 ? 105 ASN A C   1 
ATOM   818  O O   . ASN A 1 108 ? -9.528  -5.833  -11.322 1.00 15.14 ? 105 ASN A O   1 
ATOM   819  C CB  . ASN A 1 108 ? -6.801  -5.647  -11.720 1.00 13.31 ? 105 ASN A CB  1 
ATOM   820  C CG  . ASN A 1 108 ? -5.356  -5.302  -11.922 1.00 14.71 ? 105 ASN A CG  1 
ATOM   821  O OD1 . ASN A 1 108 ? -5.004  -4.121  -11.983 1.00 13.99 ? 105 ASN A OD1 1 
ATOM   822  N ND2 . ASN A 1 108 ? -4.504  -6.312  -11.990 1.00 10.64 ? 105 ASN A ND2 1 
ATOM   823  N N   . GLY A 1 109 ? -9.573  -4.457  -9.546  1.00 11.10 ? 106 GLY A N   1 
ATOM   824  C CA  . GLY A 1 109 ? -10.982 -4.653  -9.279  1.00 15.16 ? 106 GLY A CA  1 
ATOM   825  C C   . GLY A 1 109 ? -11.326 -5.851  -8.415  1.00 14.72 ? 106 GLY A C   1 
ATOM   826  O O   . GLY A 1 109 ? -12.502 -6.026  -8.071  1.00 14.52 ? 106 GLY A O   1 
ATOM   827  N N   . GLN A 1 110 ? -10.349 -6.666  -8.038  1.00 12.00 ? 107 GLN A N   1 
ATOM   828  C CA  . GLN A 1 110 ? -10.594 -7.925  -7.348  1.00 15.56 ? 107 GLN A CA  1 
ATOM   829  C C   . GLN A 1 110 ? -10.124 -7.834  -5.903  1.00 12.41 ? 107 GLN A C   1 
ATOM   830  O O   . GLN A 1 110 ? -8.975  -7.462  -5.645  1.00 9.06  ? 107 GLN A O   1 
ATOM   831  C CB  . GLN A 1 110 ? -9.877  -9.065  -8.067  1.00 16.09 ? 107 GLN A CB  1 
ATOM   832  C CG  . GLN A 1 110 ? -9.981  -10.408 -7.400  1.00 16.34 ? 107 GLN A CG  1 
ATOM   833  C CD  . GLN A 1 110 ? -9.254  -11.494 -8.185  1.00 24.21 ? 107 GLN A CD  1 
ATOM   834  O OE1 . GLN A 1 110 ? -8.397  -11.203 -9.021  1.00 23.84 ? 107 GLN A OE1 1 
ATOM   835  N NE2 . GLN A 1 110 ? -9.611  -12.744 -7.933  1.00 20.04 ? 107 GLN A NE2 1 
ATOM   836  N N   . SER A 1 111 ? -11.000 -8.194  -4.964  1.00 10.20 ? 108 SER A N   1 
ATOM   837  C CA  . SER A 1 111 ? -10.602 -8.219  -3.559  1.00 10.06 ? 108 SER A CA  1 
ATOM   838  C C   . SER A 1 111 ? -9.482  -9.228  -3.373  1.00 9.95  ? 108 SER A C   1 
ATOM   839  O O   . SER A 1 111 ? -9.628  -10.394 -3.747  1.00 11.20 ? 108 SER A O   1 
ATOM   840  C CB  . SER A 1 111 ? -11.791 -8.564  -2.663  1.00 10.91 ? 108 SER A CB  1 
ATOM   841  O OG  . SER A 1 111 ? -11.367 -8.676  -1.309  1.00 11.09 ? 108 SER A OG  1 
ATOM   842  N N   . SER A 1 112 ? -8.358  -8.787  -2.801  1.00 9.41  ? 109 SER A N   1 
ATOM   843  C CA  . SER A 1 112 ? -7.148  -9.600  -2.878  1.00 8.56  ? 109 SER A CA  1 
ATOM   844  C C   . SER A 1 112 ? -6.430  -9.783  -1.545  1.00 7.51  ? 109 SER A C   1 
ATOM   845  O O   . SER A 1 112 ? -5.756  -10.802 -1.355  1.00 8.37  ? 109 SER A O   1 
ATOM   846  C CB  . SER A 1 112 ? -6.186  -8.994  -3.908  1.00 10.01 ? 109 SER A CB  1 
ATOM   847  O OG  . SER A 1 112 ? -6.745  -9.056  -5.219  1.00 8.70  ? 109 SER A OG  1 
ATOM   848  N N   . TYR A 1 113 ? -6.528  -8.806  -0.638  1.00 7.34  ? 110 TYR A N   1 
ATOM   849  C CA  . TYR A 1 113 ? -5.953  -8.902  0.703   1.00 10.11 ? 110 TYR A CA  1 
ATOM   850  C C   . TYR A 1 113 ? -6.784  -8.053  1.659   1.00 10.09 ? 110 TYR A C   1 
ATOM   851  O O   . TYR A 1 113 ? -7.393  -7.059  1.251   1.00 7.44  ? 110 TYR A O   1 
ATOM   852  C CB  . TYR A 1 113 ? -4.476  -8.434  0.766   1.00 8.33  ? 110 TYR A CB  1 
ATOM   853  C CG  . TYR A 1 113 ? -3.644  -8.881  -0.422  1.00 7.87  ? 110 TYR A CG  1 
ATOM   854  C CD1 . TYR A 1 113 ? -3.588  -8.117  -1.580  1.00 5.88  ? 110 TYR A CD1 1 
ATOM   855  C CD2 . TYR A 1 113 ? -2.924  -10.071 -0.382  1.00 7.46  ? 110 TYR A CD2 1 
ATOM   856  C CE1 . TYR A 1 113 ? -2.850  -8.531  -2.673  1.00 8.63  ? 110 TYR A CE1 1 
ATOM   857  C CE2 . TYR A 1 113 ? -2.189  -10.492 -1.458  1.00 8.70  ? 110 TYR A CE2 1 
ATOM   858  C CZ  . TYR A 1 113 ? -2.155  -9.726  -2.603  1.00 8.56  ? 110 TYR A CZ  1 
ATOM   859  O OH  . TYR A 1 113 ? -1.421  -10.159 -3.675  1.00 9.93  ? 110 TYR A OH  1 
ATOM   860  N N   . THR A 1 114 ? -6.816  -8.456  2.935   1.00 7.64  ? 111 THR A N   1 
ATOM   861  C CA  . THR A 1 114 ? -7.300  -7.577  3.993   1.00 7.84  ? 111 THR A CA  1 
ATOM   862  C C   . THR A 1 114 ? -6.369  -7.664  5.197   1.00 10.68 ? 111 THR A C   1 
ATOM   863  O O   . THR A 1 114 ? -5.636  -8.641  5.382   1.00 10.75 ? 111 THR A O   1 
ATOM   864  C CB  . THR A 1 114 ? -8.750  -7.874  4.449   1.00 10.75 ? 111 THR A CB  1 
ATOM   865  O OG1 . THR A 1 114 ? -8.817  -9.135  5.132   1.00 11.05 ? 111 THR A OG1 1 
ATOM   866  C CG2 . THR A 1 114 ? -9.740  -7.854  3.264   1.00 12.48 ? 111 THR A CG2 1 
ATOM   867  N N   . PHE A 1 115 ? -6.408  -6.615  6.018   1.00 9.31  ? 112 PHE A N   1 
ATOM   868  C CA  . PHE A 1 115 ? -5.473  -6.465  7.133   1.00 7.39  ? 112 PHE A CA  1 
ATOM   869  C C   . PHE A 1 115 ? -6.212  -5.711  8.229   1.00 6.94  ? 112 PHE A C   1 
ATOM   870  O O   . PHE A 1 115 ? -6.544  -4.538  8.046   1.00 9.15  ? 112 PHE A O   1 
ATOM   871  C CB  . PHE A 1 115 ? -4.223  -5.717  6.668   1.00 7.36  ? 112 PHE A CB  1 
ATOM   872  C CG  . PHE A 1 115 ? -3.149  -5.545  7.721   1.00 8.32  ? 112 PHE A CG  1 
ATOM   873  C CD1 . PHE A 1 115 ? -3.147  -4.439  8.559   1.00 7.41  ? 112 PHE A CD1 1 
ATOM   874  C CD2 . PHE A 1 115 ? -2.105  -6.447  7.815   1.00 9.95  ? 112 PHE A CD2 1 
ATOM   875  C CE1 . PHE A 1 115 ? -2.145  -4.259  9.503   1.00 9.22  ? 112 PHE A CE1 1 
ATOM   876  C CE2 . PHE A 1 115 ? -1.095  -6.270  8.755   1.00 8.97  ? 112 PHE A CE2 1 
ATOM   877  C CZ  . PHE A 1 115 ? -1.115  -5.175  9.597   1.00 8.52  ? 112 PHE A CZ  1 
ATOM   878  N N   . ASP A 1 116 ? -6.490  -6.377  9.350   1.00 9.50  ? 113 ASP A N   1 
ATOM   879  C CA  . ASP A 1 116 ? -7.232  -5.743  10.437  1.00 9.55  ? 113 ASP A CA  1 
ATOM   880  C C   . ASP A 1 116 ? -6.455  -4.572  11.032  1.00 8.13  ? 113 ASP A C   1 
ATOM   881  O O   . ASP A 1 116 ? -5.230  -4.607  11.142  1.00 11.13 ? 113 ASP A O   1 
ATOM   882  C CB  . ASP A 1 116 ? -7.520  -6.755  11.544  1.00 12.08 ? 113 ASP A CB  1 
ATOM   883  C CG  . ASP A 1 116 ? -8.619  -7.732  11.173  1.00 15.57 ? 113 ASP A CG  1 
ATOM   884  O OD1 . ASP A 1 116 ? -9.158  -7.653  10.044  1.00 13.58 ? 113 ASP A OD1 1 
ATOM   885  O OD2 . ASP A 1 116 ? -8.935  -8.583  12.015  1.00 20.62 ? 113 ASP A OD2 1 
ATOM   886  N N   . HIS A 1 117 ? -7.187  -3.538  11.458  1.00 8.48  ? 114 HIS A N   1 
ATOM   887  C CA  . HIS A 1 117 ? -6.544  -2.365  12.039  1.00 10.84 ? 114 HIS A CA  1 
ATOM   888  C C   . HIS A 1 117 ? -5.833  -2.734  13.329  1.00 10.40 ? 114 HIS A C   1 
ATOM   889  O O   . HIS A 1 117 ? -6.398  -3.413  14.189  1.00 10.23 ? 114 HIS A O   1 
ATOM   890  C CB  . HIS A 1 117 ? -7.572  -1.262  12.304  1.00 11.84 ? 114 HIS A CB  1 
ATOM   891  C CG  . HIS A 1 117 ? -8.220  -0.740  11.058  1.00 13.02 ? 114 HIS A CG  1 
ATOM   892  N ND1 . HIS A 1 117 ? -7.495  -0.210  10.017  1.00 8.38  ? 114 HIS A ND1 1 
ATOM   893  C CD2 . HIS A 1 117 ? -9.519  -0.701  10.678  1.00 9.76  ? 114 HIS A CD2 1 
ATOM   894  C CE1 . HIS A 1 117 ? -8.321  0.151   9.048   1.00 9.03  ? 114 HIS A CE1 1 
ATOM   895  N NE2 . HIS A 1 117 ? -9.552  -0.139  9.422   1.00 9.20  ? 114 HIS A NE2 1 
ATOM   896  N N   . ARG A 1 118 ? -4.578  -2.308  13.445  1.00 7.29  ? 115 ARG A N   1 
ATOM   897  C CA  . ARG A 1 118 ? -3.801  -2.451  14.671  1.00 8.04  ? 115 ARG A CA  1 
ATOM   898  C C   . ARG A 1 118 ? -3.587  -1.127  15.369  1.00 10.37 ? 115 ARG A C   1 
ATOM   899  O O   . ARG A 1 118 ? -3.460  -1.093  16.592  1.00 10.02 ? 115 ARG A O   1 
ATOM   900  C CB  . ARG A 1 118 ? -2.435  -3.074  14.365  1.00 9.21  ? 115 ARG A CB  1 
ATOM   901  C CG  . ARG A 1 118 ? -2.522  -4.436  13.691  1.00 11.82 ? 115 ARG A CG  1 
ATOM   902  C CD  . ARG A 1 118 ? -1.182  -4.835  13.130  1.00 10.55 ? 115 ARG A CD  1 
ATOM   903  N NE  . ARG A 1 118 ? -1.194  -6.199  12.616  1.00 12.99 ? 115 ARG A NE  1 
ATOM   904  C CZ  . ARG A 1 118 ? -0.103  -6.863  12.247  1.00 14.14 ? 115 ARG A CZ  1 
ATOM   905  N NH1 . ARG A 1 118 ? 1.092   -6.289  12.350  1.00 9.78  ? 115 ARG A NH1 1 
ATOM   906  N NH2 . ARG A 1 118 ? -0.209  -8.104  11.780  1.00 9.46  ? 115 ARG A NH2 1 
ATOM   907  N N   . ILE A 1 119 ? -3.538  -0.049  14.600  1.00 9.30  ? 116 ILE A N   1 
ATOM   908  C CA  . ILE A 1 119 ? -3.545  1.321   15.091  1.00 8.70  ? 116 ILE A CA  1 
ATOM   909  C C   . ILE A 1 119 ? -4.673  2.006   14.336  1.00 9.21  ? 116 ILE A C   1 
ATOM   910  O O   . ILE A 1 119 ? -4.918  1.681   13.172  1.00 8.30  ? 116 ILE A O   1 
ATOM   911  C CB  . ILE A 1 119 ? -2.190  2.020   14.835  1.00 8.36  ? 116 ILE A CB  1 
ATOM   912  C CG1 . ILE A 1 119 ? -1.066  1.315   15.606  1.00 9.86  ? 116 ILE A CG1 1 
ATOM   913  C CG2 . ILE A 1 119 ? -2.247  3.522   15.183  1.00 8.09  ? 116 ILE A CG2 1 
ATOM   914  C CD1 . ILE A 1 119 ? 0.311   1.815   15.227  1.00 11.66 ? 116 ILE A CD1 1 
ATOM   915  N N   . LYS A 1 120 ? -5.387  2.906   15.000  1.00 9.60  ? 117 LYS A N   1 
ATOM   916  C CA  . LYS A 1 120 ? -6.516  3.544   14.336  1.00 11.50 ? 117 LYS A CA  1 
ATOM   917  C C   . LYS A 1 120 ? -6.039  4.273   13.083  1.00 8.30  ? 117 LYS A C   1 
ATOM   918  O O   . LYS A 1 120 ? -4.952  4.867   13.082  1.00 9.71  ? 117 LYS A O   1 
ATOM   919  C CB  . LYS A 1 120 ? -7.228  4.522   15.270  1.00 11.11 ? 117 LYS A CB  1 
ATOM   920  C CG  . LYS A 1 120 ? -6.362  5.673   15.753  1.00 14.27 ? 117 LYS A CG  1 
ATOM   921  C CD  . LYS A 1 120 ? -7.074  6.495   16.823  1.00 18.96 ? 117 LYS A CD  1 
ATOM   922  C CE  . LYS A 1 120 ? -6.082  7.364   17.579  1.00 25.70 ? 117 LYS A CE  1 
ATOM   923  N NZ  . LYS A 1 120 ? -6.751  8.165   18.642  1.00 35.75 ? 117 LYS A NZ  1 
ATOM   924  N N   . PRO A 1 121 ? -6.809  4.236   11.997  1.00 10.14 ? 118 PRO A N   1 
ATOM   925  C CA  . PRO A 1 121 ? -6.390  4.936   10.771  1.00 9.39  ? 118 PRO A CA  1 
ATOM   926  C C   . PRO A 1 121 ? -6.203  6.425   10.959  1.00 13.32 ? 118 PRO A C   1 
ATOM   927  O O   . PRO A 1 121 ? -5.439  7.035   10.197  1.00 11.31 ? 118 PRO A O   1 
ATOM   928  C CB  . PRO A 1 121 ? -7.523  4.633   9.780   1.00 10.34 ? 118 PRO A CB  1 
ATOM   929  C CG  . PRO A 1 121 ? -8.664  4.110   10.599  1.00 12.27 ? 118 PRO A CG  1 
ATOM   930  C CD  . PRO A 1 121 ? -8.071  3.487   11.827  1.00 10.93 ? 118 PRO A CD  1 
ATOM   931  N N   . GLU A 1 122 ? -6.876  7.029   11.951  1.00 11.26 ? 119 GLU A N   1 
ATOM   932  C CA  . GLU A 1 122 ? -6.710  8.451   12.236  1.00 13.82 ? 119 GLU A CA  1 
ATOM   933  C C   . GLU A 1 122 ? -5.272  8.815   12.574  1.00 11.39 ? 119 GLU A C   1 
ATOM   934  O O   . GLU A 1 122 ? -4.909  9.996   12.506  1.00 9.32  ? 119 GLU A O   1 
ATOM   935  C CB  . GLU A 1 122 ? -7.622  8.858   13.397  1.00 15.20 ? 119 GLU A CB  1 
ATOM   936  C CG  . GLU A 1 122 ? -9.086  9.000   13.025  1.00 15.21 ? 119 GLU A CG  1 
ATOM   937  C CD  . GLU A 1 122 ? -9.827  7.669   12.921  1.00 19.42 ? 119 GLU A CD  1 
ATOM   938  O OE1 . GLU A 1 122 ? -9.312  6.611   13.374  1.00 12.62 ? 119 GLU A OE1 1 
ATOM   939  O OE2 . GLU A 1 122 ? -10.945 7.691   12.367  1.00 21.04 ? 119 GLU A OE2 1 
ATOM   940  N N   . ALA A 1 123 ? -4.452  7.838   12.964  1.00 9.24  ? 120 ALA A N   1 
ATOM   941  C CA  . ALA A 1 123 ? -3.047  8.101   13.252  1.00 10.01 ? 120 ALA A CA  1 
ATOM   942  C C   . ALA A 1 123 ? -2.228  8.360   11.993  1.00 11.00 ? 120 ALA A C   1 
ATOM   943  O O   . ALA A 1 123 ? -1.092  8.835   12.096  1.00 9.66  ? 120 ALA A O   1 
ATOM   944  C CB  . ALA A 1 123 ? -2.441  6.931   14.031  1.00 5.76  ? 120 ALA A CB  1 
ATOM   945  N N   . VAL A 1 124 ? -2.765  8.069   10.809  1.00 8.76  ? 121 VAL A N   1 
ATOM   946  C CA  . VAL A 1 124 ? -1.971  8.223   9.598   1.00 9.35  ? 121 VAL A CA  1 
ATOM   947  C C   . VAL A 1 124 ? -1.829  9.698   9.249   1.00 8.34  ? 121 VAL A C   1 
ATOM   948  O O   . VAL A 1 124 ? -2.797  10.463  9.284   1.00 6.80  ? 121 VAL A O   1 
ATOM   949  C CB  . VAL A 1 124 ? -2.588  7.434   8.431   1.00 8.37  ? 121 VAL A CB  1 
ATOM   950  C CG1 . VAL A 1 124 ? -1.817  7.719   7.145   1.00 7.92  ? 121 VAL A CG1 1 
ATOM   951  C CG2 . VAL A 1 124 ? -2.556  5.946   8.740   1.00 6.28  ? 121 VAL A CG2 1 
ATOM   952  N N   . LYS A 1 125 ? -0.605  10.096  8.889   1.00 10.59 ? 122 LYS A N   1 
ATOM   953  C CA  . LYS A 1 125 ? -0.334  11.438  8.410   1.00 7.56  ? 122 LYS A CA  1 
ATOM   954  C C   . LYS A 1 125 ? 0.352   11.473  7.055   1.00 8.88  ? 122 LYS A C   1 
ATOM   955  O O   . LYS A 1 125 ? 0.509   12.567  6.495   1.00 7.02  ? 122 LYS A O   1 
ATOM   956  C CB  . LYS A 1 125 ? 0.529   12.206  9.427   1.00 9.45  ? 122 LYS A CB  1 
ATOM   957  C CG  . LYS A 1 125 ? -0.179  12.516  10.735  1.00 11.28 ? 122 LYS A CG  1 
ATOM   958  C CD  . LYS A 1 125 ? 0.657   13.468  11.603  1.00 17.15 ? 122 LYS A CD  1 
ATOM   959  C CE  . LYS A 1 125 ? 0.095   13.554  13.011  1.00 16.97 ? 122 LYS A CE  1 
ATOM   960  N NZ  . LYS A 1 125 ? -0.096  12.194  13.573  1.00 23.25 ? 122 LYS A NZ  1 
ATOM   961  N N   . MET A 1 126 ? 0.760   10.324  6.510   1.00 8.04  ? 123 MET A N   1 
ATOM   962  C CA  . MET A 1 126 ? 1.556   10.298  5.288   1.00 7.13  ? 123 MET A CA  1 
ATOM   963  C C   . MET A 1 126 ? 1.434   8.926   4.634   1.00 8.37  ? 123 MET A C   1 
ATOM   964  O O   . MET A 1 126 ? 1.295   7.909   5.317   1.00 7.46  ? 123 MET A O   1 
ATOM   965  C CB  . MET A 1 126 ? 3.028   10.614  5.579   1.00 8.12  ? 123 MET A CB  1 
ATOM   966  C CG  . MET A 1 126 ? 3.949   10.581  4.350   1.00 12.16 ? 123 MET A CG  1 
ATOM   967  S SD  . MET A 1 126 ? 4.734   8.970   4.110   1.00 10.28 ? 123 MET A SD  1 
ATOM   968  C CE  . MET A 1 126 ? 6.205   9.172   5.127   1.00 10.01 ? 123 MET A CE  1 
ATOM   969  N N   . VAL A 1 127 ? 1.490   8.910   3.306   1.00 7.03  ? 124 VAL A N   1 
ATOM   970  C CA  . VAL A 1 127 ? 1.523   7.671   2.532   1.00 6.37  ? 124 VAL A CA  1 
ATOM   971  C C   . VAL A 1 127 ? 2.737   7.729   1.621   1.00 9.26  ? 124 VAL A C   1 
ATOM   972  O O   . VAL A 1 127 ? 2.975   8.749   0.967   1.00 7.87  ? 124 VAL A O   1 
ATOM   973  C CB  . VAL A 1 127 ? 0.242   7.473   1.699   1.00 7.69  ? 124 VAL A CB  1 
ATOM   974  C CG1 . VAL A 1 127 ? 0.327   6.174   0.851   1.00 8.99  ? 124 VAL A CG1 1 
ATOM   975  C CG2 . VAL A 1 127 ? -0.975  7.461   2.595   1.00 9.43  ? 124 VAL A CG2 1 
ATOM   976  N N   . GLN A 1 128 ? 3.515   6.656   1.598   1.00 9.46  ? 125 GLN A N   1 
ATOM   977  C CA  . GLN A 1 128 ? 4.636   6.542   0.684   1.00 8.27  ? 125 GLN A CA  1 
ATOM   978  C C   . GLN A 1 128 ? 4.453   5.313   -0.194  1.00 10.21 ? 125 GLN A C   1 
ATOM   979  O O   . GLN A 1 128 ? 4.091   4.240   0.296   1.00 7.80  ? 125 GLN A O   1 
ATOM   980  C CB  . GLN A 1 128 ? 5.971   6.453   1.438   1.00 9.34  ? 125 GLN A CB  1 
ATOM   981  C CG  . GLN A 1 128 ? 7.183   6.399   0.503   1.00 9.00  ? 125 GLN A CG  1 
ATOM   982  C CD  . GLN A 1 128 ? 8.500   6.556   1.240   1.00 18.85 ? 125 GLN A CD  1 
ATOM   983  O OE1 . GLN A 1 128 ? 8.811   5.786   2.153   1.00 18.04 ? 125 GLN A OE1 1 
ATOM   984  N NE2 . GLN A 1 128 ? 9.284   7.557   0.845   1.00 19.86 ? 125 GLN A NE2 1 
ATOM   985  N N   . VAL A 1 129 ? 4.705   5.473   -1.491  1.00 8.07  ? 126 VAL A N   1 
ATOM   986  C CA  . VAL A 1 129 ? 4.681   4.374   -2.453  1.00 7.57  ? 126 VAL A CA  1 
ATOM   987  C C   . VAL A 1 129 ? 6.056   4.327   -3.096  1.00 9.19  ? 126 VAL A C   1 
ATOM   988  O O   . VAL A 1 129 ? 6.527   5.342   -3.630  1.00 9.01  ? 126 VAL A O   1 
ATOM   989  C CB  . VAL A 1 129 ? 3.588   4.556   -3.522  1.00 9.08  ? 126 VAL A CB  1 
ATOM   990  C CG1 . VAL A 1 129 ? 3.509   3.326   -4.409  1.00 5.48  ? 126 VAL A CG1 1 
ATOM   991  C CG2 . VAL A 1 129 ? 2.225   4.838   -2.868  1.00 7.78  ? 126 VAL A CG2 1 
ATOM   992  N N   . TRP A 1 130 ? 6.711   3.172   -3.033  1.00 8.58  ? 127 TRP A N   1 
ATOM   993  C CA  . TRP A 1 130 ? 8.091   3.133   -3.502  1.00 7.83  ? 127 TRP A CA  1 
ATOM   994  C C   . TRP A 1 130 ? 8.465   1.714   -3.909  1.00 8.30  ? 127 TRP A C   1 
ATOM   995  O O   . TRP A 1 130 ? 7.607   0.826   -3.999  1.00 7.88  ? 127 TRP A O   1 
ATOM   996  C CB  . TRP A 1 130 ? 9.030   3.719   -2.445  1.00 8.14  ? 127 TRP A CB  1 
ATOM   997  C CG  . TRP A 1 130 ? 9.102   2.999   -1.113  1.00 6.90  ? 127 TRP A CG  1 
ATOM   998  C CD1 . TRP A 1 130 ? 8.081   2.768   -0.225  1.00 9.85  ? 127 TRP A CD1 1 
ATOM   999  C CD2 . TRP A 1 130 ? 10.285  2.480   -0.512  1.00 9.00  ? 127 TRP A CD2 1 
ATOM   1000 N NE1 . TRP A 1 130 ? 8.565   2.106   0.893   1.00 7.59  ? 127 TRP A NE1 1 
ATOM   1001 C CE2 . TRP A 1 130 ? 9.918   1.923   0.735   1.00 9.83  ? 127 TRP A CE2 1 
ATOM   1002 C CE3 . TRP A 1 130 ? 11.626  2.421   -0.915  1.00 8.69  ? 127 TRP A CE3 1 
ATOM   1003 C CZ2 . TRP A 1 130 ? 10.845  1.313   1.578   1.00 9.35  ? 127 TRP A CZ2 1 
ATOM   1004 C CZ3 . TRP A 1 130 ? 12.546  1.816   -0.079  1.00 11.80 ? 127 TRP A CZ3 1 
ATOM   1005 C CH2 . TRP A 1 130 ? 12.152  1.267   1.157   1.00 12.47 ? 127 TRP A CH2 1 
ATOM   1006 N N   . ARG A 1 131 ? 9.765   1.529   -4.195  1.00 9.25  ? 128 ARG A N   1 
ATOM   1007 C CA  . ARG A 1 131 ? 10.402  0.353   -4.794  1.00 9.02  ? 128 ARG A CA  1 
ATOM   1008 C C   . ARG A 1 131 ? 10.199  0.319   -6.310  1.00 8.15  ? 128 ARG A C   1 
ATOM   1009 O O   . ARG A 1 131 ? 10.197  1.374   -6.952  1.00 9.61  ? 128 ARG A O   1 
ATOM   1010 C CB  . ARG A 1 131 ? 9.940   -0.930  -4.092  1.00 8.29  ? 128 ARG A CB  1 
ATOM   1011 C CG  . ARG A 1 131 ? 10.188  -0.804  -2.574  1.00 10.43 ? 128 ARG A CG  1 
ATOM   1012 C CD  . ARG A 1 131 ? 10.797  -2.031  -1.978  1.00 11.10 ? 128 ARG A CD  1 
ATOM   1013 N NE  . ARG A 1 131 ? 10.773  -2.057  -0.508  1.00 11.30 ? 128 ARG A NE  1 
ATOM   1014 C CZ  . ARG A 1 131 ? 11.863  -2.021  0.261   1.00 11.25 ? 128 ARG A CZ  1 
ATOM   1015 N NH1 . ARG A 1 131 ? 13.067  -1.911  -0.284  1.00 11.88 ? 128 ARG A NH1 1 
ATOM   1016 N NH2 . ARG A 1 131 ? 11.758  -2.107  1.581   1.00 10.69 ? 128 ARG A NH2 1 
ATOM   1017 N N   . ASP A 1 132 ? 10.073  -0.867  -6.904  1.00 7.39  ? 129 ASP A N   1 
ATOM   1018 C CA  . ASP A 1 132 ? 10.382  -1.040  -8.332  1.00 8.05  ? 129 ASP A CA  1 
ATOM   1019 C C   . ASP A 1 132 ? 9.139   -0.888  -9.210  1.00 9.96  ? 129 ASP A C   1 
ATOM   1020 O O   . ASP A 1 132 ? 8.760   -1.780  -9.969  1.00 10.26 ? 129 ASP A O   1 
ATOM   1021 C CB  . ASP A 1 132 ? 11.054  -2.388  -8.547  1.00 8.88  ? 129 ASP A CB  1 
ATOM   1022 C CG  . ASP A 1 132 ? 12.208  -2.597  -7.583  1.00 13.17 ? 129 ASP A CG  1 
ATOM   1023 O OD1 . ASP A 1 132 ? 13.139  -1.767  -7.619  1.00 11.63 ? 129 ASP A OD1 1 
ATOM   1024 O OD2 . ASP A 1 132 ? 12.172  -3.551  -6.773  1.00 10.50 ? 129 ASP A OD2 1 
ATOM   1025 N N   . ILE A 1 133 ? 8.510   0.285   -9.110  1.00 7.93  ? 130 ILE A N   1 
ATOM   1026 C CA  . ILE A 1 133 ? 7.351   0.608   -9.924  1.00 10.06 ? 130 ILE A CA  1 
ATOM   1027 C C   . ILE A 1 133 ? 7.513   2.016   -10.472 1.00 13.03 ? 130 ILE A C   1 
ATOM   1028 O O   . ILE A 1 133 ? 8.231   2.849   -9.915  1.00 9.28  ? 130 ILE A O   1 
ATOM   1029 C CB  . ILE A 1 133 ? 6.030   0.518   -9.136  1.00 11.35 ? 130 ILE A CB  1 
ATOM   1030 C CG1 . ILE A 1 133 ? 6.055   1.520   -7.985  1.00 12.00 ? 130 ILE A CG1 1 
ATOM   1031 C CG2 . ILE A 1 133 ? 5.802   -0.887  -8.604  1.00 7.65  ? 130 ILE A CG2 1 
ATOM   1032 C CD1 . ILE A 1 133 ? 4.704   1.877   -7.538  1.00 19.12 ? 130 ILE A CD1 1 
ATOM   1033 N N   . SER A 1 134 ? 6.848   2.264   -11.591 1.00 8.98  ? 131 SER A N   1 
ATOM   1034 C CA  . SER A 1 134 ? 6.468   3.609   -11.980 1.00 13.43 ? 131 SER A CA  1 
ATOM   1035 C C   . SER A 1 134 ? 5.001   3.809   -11.617 1.00 12.33 ? 131 SER A C   1 
ATOM   1036 O O   . SER A 1 134 ? 4.252   2.843   -11.450 1.00 10.97 ? 131 SER A O   1 
ATOM   1037 C CB  . SER A 1 134 ? 6.693   3.831   -13.480 1.00 11.77 ? 131 SER A CB  1 
ATOM   1038 O OG  . SER A 1 134 ? 5.956   2.892   -14.242 1.00 10.35 ? 131 SER A OG  1 
ATOM   1039 N N   . LEU A 1 135 ? 4.595   5.072   -11.485 1.00 8.24  ? 132 LEU A N   1 
ATOM   1040 C CA  . LEU A 1 135 ? 3.238   5.424   -11.086 1.00 13.49 ? 132 LEU A CA  1 
ATOM   1041 C C   . LEU A 1 135 ? 2.665   6.448   -12.049 1.00 14.28 ? 132 LEU A C   1 
ATOM   1042 O O   . LEU A 1 135 ? 3.353   7.401   -12.423 1.00 15.89 ? 132 LEU A O   1 
ATOM   1043 C CB  . LEU A 1 135 ? 3.205   6.030   -9.689  1.00 12.82 ? 132 LEU A CB  1 
ATOM   1044 C CG  . LEU A 1 135 ? 3.408   5.132   -8.485  1.00 16.36 ? 132 LEU A CG  1 
ATOM   1045 C CD1 . LEU A 1 135 ? 3.307   5.975   -7.219  1.00 16.61 ? 132 LEU A CD1 1 
ATOM   1046 C CD2 . LEU A 1 135 ? 2.342   4.077   -8.523  1.00 14.31 ? 132 LEU A CD2 1 
ATOM   1047 N N   . THR A 1 136 ? 1.400   6.280   -12.419 1.00 11.23 ? 133 THR A N   1 
ATOM   1048 C CA  . THR A 1 136 ? 0.712   7.323   -13.165 1.00 13.47 ? 133 THR A CA  1 
ATOM   1049 C C   . THR A 1 136 ? -0.434  7.968   -12.399 1.00 17.49 ? 133 THR A C   1 
ATOM   1050 O O   . THR A 1 136 ? -0.862  9.064   -12.778 1.00 13.93 ? 133 THR A O   1 
ATOM   1051 C CB  . THR A 1 136 ? 0.191   6.784   -14.508 1.00 15.79 ? 133 THR A CB  1 
ATOM   1052 O OG1 . THR A 1 136 ? -0.652  5.648   -14.286 1.00 14.51 ? 133 THR A OG1 1 
ATOM   1053 C CG2 . THR A 1 136 ? 1.360   6.393   -15.409 1.00 21.77 ? 133 THR A CG2 1 
ATOM   1054 N N   . LYS A 1 137 ? -0.930  7.342   -11.328 1.00 12.71 ? 134 LYS A N   1 
ATOM   1055 C CA  . LYS A 1 137 ? -2.044  7.903   -10.582 1.00 12.49 ? 134 LYS A CA  1 
ATOM   1056 C C   . LYS A 1 137 ? -1.916  7.545   -9.109  1.00 11.44 ? 134 LYS A C   1 
ATOM   1057 O O   . LYS A 1 137 ? -1.568  6.413   -8.757  1.00 9.72  ? 134 LYS A O   1 
ATOM   1058 C CB  . LYS A 1 137 ? -3.401  7.406   -11.124 1.00 10.99 ? 134 LYS A CB  1 
ATOM   1059 N N   . PHE A 1 138 ? -2.226  8.518   -8.258  1.00 9.51  ? 135 PHE A N   1 
ATOM   1060 C CA  . PHE A 1 138 ? -2.323  8.304   -6.823  1.00 8.75  ? 135 PHE A CA  1 
ATOM   1061 C C   . PHE A 1 138 ? -3.422  9.217   -6.314  1.00 12.45 ? 135 PHE A C   1 
ATOM   1062 O O   . PHE A 1 138 ? -3.433  10.412  -6.629  1.00 9.84  ? 135 PHE A O   1 
ATOM   1063 C CB  . PHE A 1 138 ? -0.999  8.601   -6.106  1.00 9.42  ? 135 PHE A CB  1 
ATOM   1064 C CG  . PHE A 1 138 ? -1.078  8.472   -4.610  1.00 12.02 ? 135 PHE A CG  1 
ATOM   1065 C CD1 . PHE A 1 138 ? -1.555  9.521   -3.829  1.00 8.92  ? 135 PHE A CD1 1 
ATOM   1066 C CD2 . PHE A 1 138 ? -0.684  7.296   -3.981  1.00 12.81 ? 135 PHE A CD2 1 
ATOM   1067 C CE1 . PHE A 1 138 ? -1.636  9.399   -2.450  1.00 11.39 ? 135 PHE A CE1 1 
ATOM   1068 C CE2 . PHE A 1 138 ? -0.765  7.165   -2.598  1.00 12.96 ? 135 PHE A CE2 1 
ATOM   1069 C CZ  . PHE A 1 138 ? -1.249  8.221   -1.834  1.00 10.37 ? 135 PHE A CZ  1 
ATOM   1070 N N   . ASN A 1 139 ? -4.346  8.656   -5.542  1.00 8.55  ? 136 ASN A N   1 
ATOM   1071 C CA  . ASN A 1 139 ? -5.399  9.473   -4.959  1.00 10.60 ? 136 ASN A CA  1 
ATOM   1072 C C   . ASN A 1 139 ? -5.770  8.930   -3.589  1.00 9.67  ? 136 ASN A C   1 
ATOM   1073 O O   . ASN A 1 139 ? -5.830  7.716   -3.398  1.00 9.91  ? 136 ASN A O   1 
ATOM   1074 C CB  . ASN A 1 139 ? -6.641  9.516   -5.852  1.00 11.51 ? 136 ASN A CB  1 
ATOM   1075 C CG  . ASN A 1 139 ? -7.749  10.344  -5.243  1.00 15.57 ? 136 ASN A CG  1 
ATOM   1076 O OD1 . ASN A 1 139 ? -8.631  9.814   -4.560  1.00 11.57 ? 136 ASN A OD1 1 
ATOM   1077 N ND2 . ASN A 1 139 ? -7.693  11.664  -5.458  1.00 11.99 ? 136 ASN A ND2 1 
ATOM   1078 N N   . VAL A 1 140 ? -5.989  9.842   -2.640  1.00 6.89  ? 137 VAL A N   1 
ATOM   1079 C CA  . VAL A 1 140 ? -6.645  9.557   -1.371  1.00 6.37  ? 137 VAL A CA  1 
ATOM   1080 C C   . VAL A 1 140 ? -7.975  10.291  -1.400  1.00 8.87  ? 137 VAL A C   1 
ATOM   1081 O O   . VAL A 1 140 ? -8.008  11.499  -1.656  1.00 10.53 ? 137 VAL A O   1 
ATOM   1082 C CB  . VAL A 1 140 ? -5.810  10.017  -0.161  1.00 11.52 ? 137 VAL A CB  1 
ATOM   1083 C CG1 . VAL A 1 140 ? -6.606  9.807   1.140   1.00 8.67  ? 137 VAL A CG1 1 
ATOM   1084 C CG2 . VAL A 1 140 ? -4.471  9.282   -0.084  1.00 8.58  ? 137 VAL A CG2 1 
ATOM   1085 N N   . SER A 1 141 ? -9.065  9.570   -1.161  1.00 6.98  ? 138 SER A N   1 
ATOM   1086 C CA  . SER A 1 141 ? -10.381 10.196  -1.197  1.00 9.42  ? 138 SER A CA  1 
ATOM   1087 C C   . SER A 1 141 ? -10.683 10.878  0.130   1.00 13.88 ? 138 SER A C   1 
ATOM   1088 O O   . SER A 1 141 ? -10.211 10.460  1.191   1.00 11.87 ? 138 SER A O   1 
ATOM   1089 C CB  . SER A 1 141 ? -11.463 9.170   -1.516  1.00 14.22 ? 138 SER A CB  1 
ATOM   1090 O OG  . SER A 1 141 ? -11.631 8.265   -0.446  1.00 10.50 ? 138 SER A OG  1 
ATOM   1091 N N   . TYR A 1 142 ? -11.482 11.945  0.063   1.00 9.48  ? 139 TYR A N   1 
ATOM   1092 C CA  . TYR A 1 142 ? -11.800 12.752  1.236   1.00 9.97  ? 139 TYR A CA  1 
ATOM   1093 C C   . TYR A 1 142 ? -13.276 13.135  1.242   1.00 15.17 ? 139 TYR A C   1 
ATOM   1094 O O   . TYR A 1 142 ? -13.637 14.280  1.532   1.00 14.57 ? 139 TYR A O   1 
ATOM   1095 C CB  . TYR A 1 142 ? -10.930 14.006  1.284   1.00 11.08 ? 139 TYR A CB  1 
ATOM   1096 C CG  . TYR A 1 142 ? -9.468  13.738  1.587   1.00 11.76 ? 139 TYR A CG  1 
ATOM   1097 C CD1 . TYR A 1 142 ? -9.034  13.597  2.896   1.00 12.90 ? 139 TYR A CD1 1 
ATOM   1098 C CD2 . TYR A 1 142 ? -8.520  13.653  0.565   1.00 11.74 ? 139 TYR A CD2 1 
ATOM   1099 C CE1 . TYR A 1 142 ? -7.697  13.368  3.188   1.00 10.68 ? 139 TYR A CE1 1 
ATOM   1100 C CE2 . TYR A 1 142 ? -7.166  13.423  0.848   1.00 8.68  ? 139 TYR A CE2 1 
ATOM   1101 C CZ  . TYR A 1 142 ? -6.774  13.279  2.164   1.00 9.76  ? 139 TYR A CZ  1 
ATOM   1102 O OH  . TYR A 1 142 ? -5.460  13.047  2.488   1.00 8.91  ? 139 TYR A OH  1 
ATOM   1103 N N   . LEU A 1 143 ? -14.147 12.176  0.937   1.00 10.64 ? 140 LEU A N   1 
ATOM   1104 C CA  . LEU A 1 143 ? -15.562 12.450  0.735   1.00 17.23 ? 140 LEU A CA  1 
ATOM   1105 C C   . LEU A 1 143 ? -16.407 12.286  1.996   1.00 17.84 ? 140 LEU A C   1 
ATOM   1106 O O   . LEU A 1 143 ? -17.518 12.829  2.056   1.00 14.94 ? 140 LEU A O   1 
ATOM   1107 C CB  . LEU A 1 143 ? -16.102 11.529  -0.362  1.00 18.15 ? 140 LEU A CB  1 
ATOM   1108 C CG  . LEU A 1 143 ? -16.095 12.045  -1.806  1.00 24.82 ? 140 LEU A CG  1 
ATOM   1109 C CD1 . LEU A 1 143 ? -14.856 12.855  -2.150  1.00 23.65 ? 140 LEU A CD1 1 
ATOM   1110 C CD2 . LEU A 1 143 ? -16.288 10.892  -2.781  1.00 26.50 ? 140 LEU A CD2 1 
ATOM   1111 N N   . LYS A 1 144 ? -15.914 11.570  3.000   1.00 18.88 ? 141 LYS A N   1 
ATOM   1112 C CA  . LYS A 1 144 ? -16.734 11.145  4.125   1.00 22.04 ? 141 LYS A CA  1 
ATOM   1113 C C   . LYS A 1 144 ? -16.430 11.947  5.384   1.00 21.29 ? 141 LYS A C   1 
ATOM   1114 O O   . LYS A 1 144 ? -15.313 12.427  5.590   1.00 20.85 ? 141 LYS A O   1 
ATOM   1115 C CB  . LYS A 1 144 ? -16.531 9.655   4.405   1.00 23.37 ? 141 LYS A CB  1 
ATOM   1116 C CG  . LYS A 1 144 ? -16.827 8.755   3.214   1.00 22.74 ? 141 LYS A CG  1 
ATOM   1117 C CD  . LYS A 1 144 ? -18.308 8.721   2.911   1.00 31.70 ? 141 LYS A CD  1 
ATOM   1118 C CE  . LYS A 1 144 ? -18.703 7.434   2.204   1.00 38.14 ? 141 LYS A CE  1 
ATOM   1119 N NZ  . LYS A 1 144 ? -20.181 7.316   2.036   1.00 47.03 ? 141 LYS A NZ  1 
ATOM   1120 N N   . ARG A 1 145 ? -17.442 12.052  6.240   1.00 21.41 ? 142 ARG A N   1 
ATOM   1121 C CA  . ARG A 1 145 ? -17.382 12.839  7.471   1.00 27.19 ? 142 ARG A CA  1 
ATOM   1122 C C   . ARG A 1 145 ? -16.400 12.271  8.492   1.00 30.69 ? 142 ARG A C   1 
ATOM   1123 O O   . ARG A 1 145 ? -16.453 11.085  8.821   1.00 43.86 ? 142 ARG A O   1 
ATOM   1124 C CB  . ARG A 1 145 ? -18.783 12.925  8.085   1.00 30.53 ? 142 ARG A CB  1 
ATOM   1125 C CG  . ARG A 1 145 ? -18.866 13.756  9.341   1.00 34.11 ? 142 ARG A CG  1 
ATOM   1126 C CD  . ARG A 1 145 ? -20.205 14.465  9.432   1.00 36.12 ? 142 ARG A CD  1 
ATOM   1127 N NE  . ARG A 1 145 ? -20.052 15.757  10.093  1.00 47.10 ? 142 ARG A NE  1 
ATOM   1128 C CZ  . ARG A 1 145 ? -19.891 16.913  9.456   1.00 35.39 ? 142 ARG A CZ  1 
ATOM   1129 N NH1 . ARG A 1 145 ? -19.749 18.022  10.166  1.00 27.71 ? 142 ARG A NH1 1 
ATOM   1130 N NH2 . ARG A 1 145 ? -19.881 16.963  8.118   1.00 19.37 ? 142 ARG A NH2 1 
HETATM 1131 C C2  . BGC B 2 .   ? 10.256  -10.027 11.154  1.00 91.25 ? 1   BGC B C2  1 
HETATM 1132 C C3  . BGC B 2 .   ? 10.406  -9.137  9.948   1.00 81.76 ? 1   BGC B C3  1 
HETATM 1133 C C4  . BGC B 2 .   ? 11.020  -7.815  10.182  1.00 76.17 ? 1   BGC B C4  1 
HETATM 1134 C C5  . BGC B 2 .   ? 12.201  -7.896  11.179  1.00 81.36 ? 1   BGC B C5  1 
HETATM 1135 C C6  . BGC B 2 .   ? 12.813  -6.558  11.462  1.00 74.49 ? 1   BGC B C6  1 
HETATM 1136 C C1  . BGC B 2 .   ? 11.498  -10.032 12.069  1.00 91.02 ? 1   BGC B C1  1 
HETATM 1137 O O1  . BGC B 2 .   ? 11.285  -10.809 13.195  1.00 88.10 ? 1   BGC B O1  1 
HETATM 1138 O O2  . BGC B 2 .   ? 9.890   -11.343 10.717  1.00 94.81 ? 1   BGC B O2  1 
HETATM 1139 O O3  . BGC B 2 .   ? 9.047   -8.983  9.498   1.00 73.65 ? 1   BGC B O3  1 
HETATM 1140 O O4  . BGC B 2 .   ? 11.586  -7.279  8.937   1.00 64.04 ? 1   BGC B O4  1 
HETATM 1141 O O5  . BGC B 2 .   ? 11.837  -8.653  12.423  1.00 91.83 ? 1   BGC B O5  1 
HETATM 1142 O O6  . BGC B 2 .   ? 12.182  -6.034  12.599  1.00 76.09 ? 1   BGC B O6  1 
HETATM 1143 C C1  . GAL B 2 .   ? 10.740  -6.372  8.332   1.00 53.50 ? 2   GAL B C1  1 
HETATM 1144 C C2  . GAL B 2 .   ? 11.407  -5.636  7.181   1.00 54.07 ? 2   GAL B C2  1 
HETATM 1145 C C3  . GAL B 2 .   ? 10.415  -5.073  6.206   1.00 47.49 ? 2   GAL B C3  1 
HETATM 1146 C C4  . GAL B 2 .   ? 8.980   -5.570  6.206   1.00 41.59 ? 2   GAL B C4  1 
HETATM 1147 C C5  . GAL B 2 .   ? 8.506   -6.205  7.469   1.00 45.09 ? 2   GAL B C5  1 
HETATM 1148 C C6  . GAL B 2 .   ? 7.219   -6.933  7.173   1.00 39.49 ? 2   GAL B C6  1 
HETATM 1149 O O2  . GAL B 2 .   ? 12.353  -4.597  7.654   1.00 50.65 ? 2   GAL B O2  1 
HETATM 1150 O O3  . GAL B 2 .   ? 10.956  -4.442  4.955   1.00 42.15 ? 2   GAL B O3  1 
HETATM 1151 O O4  . GAL B 2 .   ? 8.580   -6.429  5.106   1.00 35.49 ? 2   GAL B O4  1 
HETATM 1152 O O5  . GAL B 2 .   ? 9.559   -7.148  7.886   1.00 52.09 ? 2   GAL B O5  1 
HETATM 1153 O O6  . GAL B 2 .   ? 6.990   -8.000  8.098   1.00 31.26 ? 2   GAL B O6  1 
HETATM 1154 O O   . HOH C 3 .   ? 9.098   -11.278 -0.268  1.00 32.01 ? 301 HOH A O   1 
HETATM 1155 O O   . HOH C 3 .   ? -13.280 2.095   -1.309  1.00 21.54 ? 302 HOH A O   1 
HETATM 1156 O O   . HOH C 3 .   ? 11.724  -4.559  14.302  1.00 7.33  ? 303 HOH A O   1 
HETATM 1157 O O   . HOH C 3 .   ? 0.848   0.043   18.501  1.00 14.44 ? 304 HOH A O   1 
HETATM 1158 O O   . HOH C 3 .   ? 17.068  7.822   9.796   1.00 34.60 ? 305 HOH A O   1 
HETATM 1159 O O   . HOH C 3 .   ? -12.746 6.668   11.101  1.00 24.24 ? 306 HOH A O   1 
HETATM 1160 O O   . HOH C 3 .   ? 7.291   14.721  10.759  1.00 19.81 ? 307 HOH A O   1 
HETATM 1161 O O   . HOH C 3 .   ? 0.513   -13.535 10.581  1.00 28.14 ? 308 HOH A O   1 
HETATM 1162 O O   . HOH C 3 .   ? -5.962  -2.840  -13.871 1.00 26.91 ? 309 HOH A O   1 
HETATM 1163 O O   . HOH C 3 .   ? 8.262   12.704  4.051   1.00 27.07 ? 310 HOH A O   1 
HETATM 1164 O O   . HOH C 3 .   ? 6.601   6.967   -11.880 1.00 17.95 ? 311 HOH A O   1 
HETATM 1165 O O   . HOH C 3 .   ? -0.038  10.529  -14.617 1.00 21.03 ? 312 HOH A O   1 
HETATM 1166 O O   . HOH C 3 .   ? -10.604 4.515   13.835  1.00 32.84 ? 313 HOH A O   1 
HETATM 1167 O O   . HOH C 3 .   ? -13.955 5.883   -0.833  1.00 21.70 ? 314 HOH A O   1 
HETATM 1168 O O   . HOH C 3 .   ? -10.344 -4.749  13.420  1.00 22.98 ? 315 HOH A O   1 
HETATM 1169 O O   . HOH C 3 .   ? -10.311 3.304   -6.209  1.00 19.91 ? 316 HOH A O   1 
HETATM 1170 O O   . HOH C 3 .   ? 11.188  5.080   2.625   1.00 20.83 ? 317 HOH A O   1 
HETATM 1171 O O   . HOH C 3 .   ? -0.009  9.763   14.259  1.00 18.51 ? 318 HOH A O   1 
HETATM 1172 O O   . HOH C 3 .   ? 1.192   -5.913  -12.923 1.00 19.37 ? 319 HOH A O   1 
HETATM 1173 O O   . HOH C 3 .   ? 5.553   -14.584 7.722   1.00 26.89 ? 320 HOH A O   1 
HETATM 1174 O O   . HOH C 3 .   ? -2.309  4.010   -17.949 1.00 29.89 ? 321 HOH A O   1 
HETATM 1175 O O   . HOH C 3 .   ? -7.870  -11.498 5.354   1.00 12.58 ? 322 HOH A O   1 
HETATM 1176 O O   . HOH C 3 .   ? -5.107  1.078   10.689  1.00 8.14  ? 323 HOH A O   1 
HETATM 1177 O O   . HOH C 3 .   ? 3.564   -21.339 0.288   1.00 42.14 ? 324 HOH A O   1 
HETATM 1178 O O   . HOH C 3 .   ? 8.029   3.925   3.907   1.00 10.79 ? 325 HOH A O   1 
HETATM 1179 O O   . HOH C 3 .   ? -6.465  -5.891  14.941  1.00 25.67 ? 326 HOH A O   1 
HETATM 1180 O O   . HOH C 3 .   ? 10.761  -8.640  0.981   1.00 33.84 ? 327 HOH A O   1 
HETATM 1181 O O   . HOH C 3 .   ? 14.528  -15.424 -11.999 1.00 15.25 ? 328 HOH A O   1 
HETATM 1182 O O   . HOH C 3 .   ? 4.094   8.095   15.562  1.00 17.86 ? 329 HOH A O   1 
HETATM 1183 O O   . HOH C 3 .   ? 9.583   -11.000 5.146   1.00 31.41 ? 330 HOH A O   1 
HETATM 1184 O O   . HOH C 3 .   ? -3.614  12.824  0.652   1.00 11.60 ? 331 HOH A O   1 
HETATM 1185 O O   . HOH C 3 .   ? 13.873  8.373   -7.288  1.00 25.80 ? 332 HOH A O   1 
HETATM 1186 O O   . HOH C 3 .   ? -9.225  10.344  3.714   1.00 9.20  ? 333 HOH A O   1 
HETATM 1187 O O   . HOH C 3 .   ? 7.065   11.296  -17.260 1.00 30.68 ? 334 HOH A O   1 
HETATM 1188 O O   . HOH C 3 .   ? 13.966  -3.602  -15.564 1.00 27.30 ? 335 HOH A O   1 
HETATM 1189 O O   . HOH C 3 .   ? -3.694  13.025  9.347   1.00 15.74 ? 336 HOH A O   1 
HETATM 1190 O O   . HOH C 3 .   ? 4.485   14.668  10.492  1.00 13.80 ? 337 HOH A O   1 
HETATM 1191 O O   . HOH C 3 .   ? 0.692   3.155   -14.559 1.00 18.16 ? 338 HOH A O   1 
HETATM 1192 O O   . HOH C 3 .   ? -3.861  -6.805  11.667  1.00 9.77  ? 339 HOH A O   1 
HETATM 1193 O O   . HOH C 3 .   ? 0.824   -13.475 -11.633 1.00 20.36 ? 340 HOH A O   1 
HETATM 1194 O O   . HOH C 3 .   ? -16.606 -2.082  13.501  1.00 32.58 ? 341 HOH A O   1 
HETATM 1195 O O   . HOH C 3 .   ? -19.768 11.884  1.029   1.00 24.37 ? 342 HOH A O   1 
HETATM 1196 O O   . HOH C 3 .   ? -13.014 11.788  4.431   1.00 18.48 ? 343 HOH A O   1 
HETATM 1197 O O   . HOH C 3 .   ? -7.352  -9.027  -10.122 1.00 15.50 ? 344 HOH A O   1 
HETATM 1198 O O   . HOH C 3 .   ? -5.213  -8.873  -11.921 1.00 18.55 ? 345 HOH A O   1 
HETATM 1199 O O   . HOH C 3 .   ? -15.145 2.927   12.076  1.00 28.37 ? 346 HOH A O   1 
HETATM 1200 O O   . HOH C 3 .   ? -16.040 -4.497  0.791   1.00 11.11 ? 347 HOH A O   1 
HETATM 1201 O O   . HOH C 3 .   ? 10.140  -6.576  16.096  1.00 25.49 ? 348 HOH A O   1 
HETATM 1202 O O   . HOH C 3 .   ? 0.345   15.120  7.224   1.00 10.73 ? 349 HOH A O   1 
HETATM 1203 O O   . HOH C 3 .   ? -11.148 10.645  -4.812  1.00 16.00 ? 350 HOH A O   1 
HETATM 1204 O O   . HOH C 3 .   ? -10.317 -1.349  -1.642  1.00 22.20 ? 351 HOH A O   1 
HETATM 1205 O O   . HOH C 3 .   ? 2.799   14.919  -2.476  1.00 13.67 ? 352 HOH A O   1 
HETATM 1206 O O   . HOH C 3 .   ? 1.229   -11.289 -18.223 1.00 18.97 ? 353 HOH A O   1 
HETATM 1207 O O   . HOH C 3 .   ? -15.386 8.529   8.111   1.00 29.31 ? 354 HOH A O   1 
HETATM 1208 O O   . HOH C 3 .   ? 6.113   -4.093  -16.088 1.00 18.37 ? 355 HOH A O   1 
HETATM 1209 O O   . HOH C 3 .   ? 6.947   -1.519  19.973  1.00 16.02 ? 356 HOH A O   1 
HETATM 1210 O O   . HOH C 3 .   ? 9.115   -12.537 -16.322 1.00 15.51 ? 357 HOH A O   1 
HETATM 1211 O O   . HOH C 3 .   ? 2.768   15.657  13.833  1.00 31.42 ? 358 HOH A O   1 
HETATM 1212 O O   . HOH C 3 .   ? 0.250   -5.110  16.337  1.00 11.91 ? 359 HOH A O   1 
HETATM 1213 O O   . HOH C 3 .   ? 16.232  -10.302 -9.029  1.00 11.85 ? 360 HOH A O   1 
HETATM 1214 O O   . HOH C 3 .   ? -14.688 -7.568  -8.468  1.00 22.97 ? 361 HOH A O   1 
HETATM 1215 O O   . HOH C 3 .   ? -2.769  -6.113  -14.714 1.00 26.64 ? 362 HOH A O   1 
HETATM 1216 O O   . HOH C 3 .   ? -9.042  7.200   -3.986  1.00 8.99  ? 363 HOH A O   1 
HETATM 1217 O O   . HOH C 3 .   ? -16.509 5.456   1.204   1.00 28.94 ? 364 HOH A O   1 
HETATM 1218 O O   . HOH C 3 .   ? 7.177   2.106   -16.537 1.00 25.63 ? 365 HOH A O   1 
HETATM 1219 O O   . HOH C 3 .   ? -8.146  -8.878  7.753   1.00 10.05 ? 366 HOH A O   1 
HETATM 1220 O O   . HOH C 3 .   ? 10.011  4.687   -10.831 1.00 21.10 ? 367 HOH A O   1 
HETATM 1221 O O   . HOH C 3 .   ? -2.091  -0.326  18.823  1.00 12.78 ? 368 HOH A O   1 
HETATM 1222 O O   . HOH C 3 .   ? -14.296 -4.001  -7.691  1.00 21.02 ? 369 HOH A O   1 
HETATM 1223 O O   . HOH C 3 .   ? 6.443   -6.613  -14.866 1.00 12.89 ? 370 HOH A O   1 
HETATM 1224 O O   . HOH C 3 .   ? -8.516  11.028  9.930   1.00 17.14 ? 371 HOH A O   1 
HETATM 1225 O O   . HOH C 3 .   ? 14.867  -12.818 -9.664  1.00 20.47 ? 372 HOH A O   1 
HETATM 1226 O O   . HOH C 3 .   ? -13.206 -2.258  -0.928  1.00 24.66 ? 373 HOH A O   1 
HETATM 1227 O O   . HOH C 3 .   ? -5.421  9.664   9.351   1.00 8.96  ? 374 HOH A O   1 
HETATM 1228 O O   . HOH C 3 .   ? 13.412  1.113   15.446  1.00 27.78 ? 375 HOH A O   1 
HETATM 1229 O O   . HOH C 3 .   ? 0.830   -15.101 7.296   1.00 22.66 ? 376 HOH A O   1 
HETATM 1230 O O   . HOH C 3 .   ? -5.570  12.613  -6.944  1.00 10.99 ? 377 HOH A O   1 
HETATM 1231 O O   . HOH C 3 .   ? 13.297  0.765   -6.523  0.50 15.30 ? 378 HOH A O   1 
HETATM 1232 O O   . HOH C 3 .   ? 6.379   15.425  13.236  1.00 52.84 ? 379 HOH A O   1 
HETATM 1233 O O   . HOH C 3 .   ? -11.733 2.387   10.218  1.00 15.30 ? 380 HOH A O   1 
HETATM 1234 O O   . HOH C 3 .   ? 12.324  3.170   -7.116  1.00 13.72 ? 381 HOH A O   1 
HETATM 1235 O O   . HOH C 3 .   ? -11.792 13.364  -2.322  1.00 12.81 ? 382 HOH A O   1 
HETATM 1236 O O   . HOH C 3 .   ? -3.190  -0.808  11.518  1.00 8.44  ? 383 HOH A O   1 
HETATM 1237 O O   . HOH C 3 .   ? 14.425  -0.329  -9.642  1.00 10.63 ? 384 HOH A O   1 
HETATM 1238 O O   . HOH C 3 .   ? -6.349  12.002  11.195  1.00 16.33 ? 385 HOH A O   1 
HETATM 1239 O O   . HOH C 3 .   ? 12.710  -0.214  -15.991 1.00 25.71 ? 386 HOH A O   1 
HETATM 1240 O O   . HOH C 3 .   ? -5.095  12.619  -3.261  1.00 11.78 ? 387 HOH A O   1 
HETATM 1241 O O   . HOH C 3 .   ? -4.580  -10.265 7.425   1.00 18.87 ? 388 HOH A O   1 
HETATM 1242 O O   . HOH C 3 .   ? 7.945   -0.614  -16.698 1.00 21.07 ? 389 HOH A O   1 
HETATM 1243 O O   . HOH C 3 .   ? -13.604 -9.080  -5.584  1.00 16.28 ? 390 HOH A O   1 
HETATM 1244 O O   . HOH C 3 .   ? -12.230 0.105   -3.311  1.00 34.99 ? 391 HOH A O   1 
HETATM 1245 O O   . HOH C 3 .   ? 11.109  9.386   1.977   1.00 33.95 ? 392 HOH A O   1 
HETATM 1246 O O   . HOH C 3 .   ? 9.354   -10.066 -6.630  1.00 26.01 ? 393 HOH A O   1 
HETATM 1247 O O   . HOH C 3 .   ? -0.273  12.711  16.344  1.00 33.28 ? 394 HOH A O   1 
HETATM 1248 O O   . HOH C 3 .   ? -12.054 10.245  11.887  1.00 24.84 ? 395 HOH A O   1 
HETATM 1249 O O   . HOH C 3 .   ? 8.945   3.548   13.208  1.00 8.72  ? 396 HOH A O   1 
HETATM 1250 O O   . HOH C 3 .   ? 16.005  9.006   2.690   1.00 34.71 ? 397 HOH A O   1 
HETATM 1251 O O   . HOH C 3 .   ? -7.205  -12.035 -5.285  1.00 19.72 ? 398 HOH A O   1 
HETATM 1252 O O   . HOH C 3 .   ? 9.141   6.489   -12.477 1.00 28.00 ? 399 HOH A O   1 
HETATM 1253 O O   . HOH C 3 .   ? 3.289   3.534   -14.994 1.00 19.59 ? 400 HOH A O   1 
HETATM 1254 O O   . HOH C 3 .   ? 9.081   9.409   -12.075 1.00 34.28 ? 401 HOH A O   1 
HETATM 1255 O O   . HOH C 3 .   ? -2.890  12.007  13.024  1.00 16.54 ? 402 HOH A O   1 
HETATM 1256 O O   . HOH C 3 .   ? 4.487   -2.707  -18.112 1.00 38.61 ? 403 HOH A O   1 
HETATM 1257 O O   . HOH C 3 .   ? 7.678   -8.455  16.870  1.00 28.77 ? 404 HOH A O   1 
HETATM 1258 O O   . HOH C 3 .   ? -15.220 -7.104  9.304   1.00 15.50 ? 405 HOH A O   1 
HETATM 1259 O O   . HOH C 3 .   ? 1.682   -13.156 -14.452 1.00 15.70 ? 406 HOH A O   1 
HETATM 1260 O O   . HOH C 3 .   ? 12.683  -1.793  13.159  1.00 22.37 ? 407 HOH A O   1 
HETATM 1261 O O   . HOH C 3 .   ? 13.352  -2.679  -4.285  0.50 15.47 ? 408 HOH A O   1 
HETATM 1262 O O   . HOH C 3 .   ? -13.936 9.294   1.036   1.00 11.74 ? 409 HOH A O   1 
HETATM 1263 O O   . HOH C 3 .   ? -2.574  -16.062 -6.998  1.00 16.74 ? 410 HOH A O   1 
HETATM 1264 O O   . HOH C 3 .   ? 10.829  9.417   -10.051 1.00 26.82 ? 411 HOH A O   1 
HETATM 1265 O O   . HOH C 3 .   ? 11.833  5.418   -9.220  1.00 19.85 ? 412 HOH A O   1 
HETATM 1266 O O   . HOH C 3 .   ? 1.939   14.891  -4.928  1.00 26.27 ? 413 HOH A O   1 
HETATM 1267 O O   . HOH C 3 .   ? -14.679 -3.932  8.381   1.00 11.11 ? 414 HOH A O   1 
HETATM 1268 O O   . HOH C 3 .   ? -4.723  -10.640 3.476   1.00 11.72 ? 415 HOH A O   1 
HETATM 1269 O O   . HOH C 3 .   ? -1.547  -6.624  -12.854 1.00 15.47 ? 416 HOH A O   1 
HETATM 1270 O O   . HOH C 3 .   ? -2.550  11.220  -9.308  1.00 13.75 ? 417 HOH A O   1 
HETATM 1271 O O   . HOH C 3 .   ? 6.569   7.376   14.857  1.00 10.92 ? 418 HOH A O   1 
HETATM 1272 O O   . HOH C 3 .   ? -0.805  -3.416  -19.058 1.00 18.93 ? 419 HOH A O   1 
HETATM 1273 O O   . HOH C 3 .   ? -5.174  3.201   17.928  1.00 13.95 ? 420 HOH A O   1 
HETATM 1274 O O   . HOH C 3 .   ? 7.447   -9.154  -0.156  1.00 20.43 ? 421 HOH A O   1 
HETATM 1275 O O   . HOH C 3 .   ? 9.245   10.962  -1.935  1.00 24.72 ? 422 HOH A O   1 
HETATM 1276 O O   . HOH C 3 .   ? 11.845  11.639  5.866   1.00 20.38 ? 423 HOH A O   1 
HETATM 1277 O O   . HOH C 3 .   ? -13.129 9.319   3.801   1.00 21.97 ? 424 HOH A O   1 
HETATM 1278 O O   . HOH C 3 .   ? -2.376  -10.138 12.081  1.00 17.94 ? 425 HOH A O   1 
HETATM 1279 O O   . HOH C 3 .   ? -8.480  -2.129  -7.966  1.00 11.45 ? 426 HOH A O   1 
HETATM 1280 O O   . HOH C 3 .   ? -9.924  13.362  -6.589  1.00 31.83 ? 427 HOH A O   1 
HETATM 1281 O O   . HOH C 3 .   ? -19.087 19.734  12.583  1.00 20.39 ? 428 HOH A O   1 
HETATM 1282 O O   . HOH C 3 .   ? 11.838  5.390   14.528  1.00 32.91 ? 429 HOH A O   1 
HETATM 1283 O O   . HOH C 3 .   ? 6.501   -11.908 12.319  1.00 21.13 ? 430 HOH A O   1 
HETATM 1284 O O   . HOH C 3 .   ? -20.108 10.848  5.319   1.00 20.74 ? 431 HOH A O   1 
HETATM 1285 O O   . HOH C 3 .   ? -11.267 -0.767  14.376  1.00 29.45 ? 432 HOH A O   1 
HETATM 1286 O O   . HOH C 3 .   ? 11.968  -0.158  18.419  1.00 28.56 ? 433 HOH A O   1 
HETATM 1287 O O   . HOH C 3 .   ? 6.105   12.815  -3.979  1.00 20.78 ? 434 HOH A O   1 
HETATM 1288 O O   . HOH C 3 .   ? -14.860 -0.207  -0.092  1.00 31.98 ? 435 HOH A O   1 
HETATM 1289 O O   . HOH C 3 .   ? 10.184  8.146   -13.911 1.00 31.01 ? 436 HOH A O   1 
HETATM 1290 O O   . HOH C 3 .   ? 3.175   -15.280 8.917   1.00 32.25 ? 437 HOH A O   1 
HETATM 1291 O O   . HOH C 3 .   ? -13.869 2.370   1.057   1.00 28.61 ? 438 HOH A O   1 
HETATM 1292 O O   . HOH C 3 .   ? -4.960  -9.083  9.981   1.00 6.41  ? 439 HOH A O   1 
HETATM 1293 O O   . HOH C 3 .   ? 9.894   -13.153 5.791   1.00 26.48 ? 440 HOH A O   1 
HETATM 1294 O O   . HOH C 3 .   ? 0.818   -7.819  15.441  1.00 11.26 ? 441 HOH A O   1 
HETATM 1295 O O   . HOH C 3 .   ? 4.402   14.478  -11.082 1.00 28.25 ? 442 HOH A O   1 
HETATM 1296 O O   . HOH C 3 .   ? -8.856  9.836   16.786  1.00 27.65 ? 443 HOH A O   1 
HETATM 1297 O O   . HOH C 3 .   ? -11.922 -9.967  11.798  1.00 27.91 ? 444 HOH A O   1 
HETATM 1298 O O   . HOH C 3 .   ? -11.323 2.233   12.680  1.00 20.21 ? 445 HOH A O   1 
HETATM 1299 O O   . HOH C 3 .   ? -9.270  11.304  -8.451  1.00 29.52 ? 446 HOH A O   1 
HETATM 1300 O O   . HOH C 3 .   ? -6.694  -0.218  15.975  1.00 16.10 ? 447 HOH A O   1 
HETATM 1301 O O   . HOH C 3 .   ? -8.977  -2.427  16.219  1.00 37.09 ? 448 HOH A O   1 
HETATM 1302 O O   . HOH C 3 .   ? 5.109   -9.291  16.937  1.00 23.42 ? 449 HOH A O   1 
HETATM 1303 O O   . HOH C 3 .   ? -10.666 11.728  5.811   1.00 19.75 ? 450 HOH A O   1 
HETATM 1304 O O   . HOH C 3 .   ? -18.762 9.122   -0.584  1.00 33.23 ? 451 HOH A O   1 
HETATM 1305 O O   . HOH C 3 .   ? -6.009  -4.594  -15.294 1.00 36.34 ? 452 HOH A O   1 
HETATM 1306 O O   . HOH C 3 .   ? -8.672  -14.735 -5.125  1.00 22.63 ? 453 HOH A O   1 
HETATM 1307 O O   . HOH C 3 .   ? -1.271  -9.384  14.942  1.00 22.71 ? 454 HOH A O   1 
HETATM 1308 O O   . HOH C 3 .   ? 13.270  8.736   -10.031 1.00 32.35 ? 455 HOH A O   1 
HETATM 1309 O O   . HOH C 3 .   ? -21.053 10.537  3.354   1.00 30.56 ? 456 HOH A O   1 
HETATM 1310 O O   . HOH C 3 .   ? 9.543   5.789   15.776  1.00 31.15 ? 457 HOH A O   1 
HETATM 1311 O O   . HOH C 3 .   ? 1.460   -5.773  18.689  1.00 19.91 ? 458 HOH A O   1 
HETATM 1312 O O   . HOH C 3 .   ? -6.819  12.830  13.708  1.00 31.59 ? 459 HOH A O   1 
HETATM 1313 O O   . HOH C 3 .   ? 9.695   4.918   18.493  1.00 28.48 ? 460 HOH A O   1 
HETATM 1314 O O   . HOH C 3 .   ? 9.875   -12.842 -2.149  1.00 24.28 ? 461 HOH A O   1 
HETATM 1315 O O   . HOH C 3 .   ? -11.581 6.704   -4.788  1.00 22.79 ? 462 HOH A O   1 
HETATM 1316 O O   . HOH C 3 .   ? -16.436 1.758   5.031   1.00 23.94 ? 463 HOH A O   1 
HETATM 1317 O O   . HOH C 3 .   ? 11.382  10.345  -0.699  1.00 33.62 ? 464 HOH A O   1 
HETATM 1318 O O   . HOH C 3 .   ? -5.923  -8.794  -14.561 1.00 33.60 ? 465 HOH A O   1 
HETATM 1319 O O   . HOH C 3 .   ? 2.107   -0.870  -18.989 1.00 33.93 ? 466 HOH A O   1 
HETATM 1320 O O   . HOH C 3 .   ? 7.135   -14.212 10.334  1.00 38.80 ? 467 HOH A O   1 
HETATM 1321 O O   . HOH C 3 .   ? 16.617  6.098   11.329  1.00 33.28 ? 468 HOH A O   1 
HETATM 1322 O O   . HOH C 3 .   ? -1.484  15.409  15.517  1.00 35.72 ? 469 HOH A O   1 
HETATM 1323 O O   . HOH C 3 .   ? -4.684  -7.553  14.079  1.00 18.66 ? 470 HOH A O   1 
HETATM 1324 O O   . HOH C 3 .   ? 9.025   16.261  8.853   1.00 33.50 ? 471 HOH A O   1 
HETATM 1325 O O   . HOH C 3 .   ? 3.335   4.056   -17.543 1.00 23.71 ? 472 HOH A O   1 
HETATM 1326 O O   . HOH C 3 .   ? 2.354   -8.755  17.815  1.00 17.33 ? 473 HOH A O   1 
HETATM 1327 O O   . HOH C 3 .   ? -13.613 8.604   -4.019  1.00 30.77 ? 474 HOH A O   1 
HETATM 1328 O O   . HOH C 3 .   ? -3.136  -7.955  15.791  1.00 28.69 ? 475 HOH A O   1 
HETATM 1329 O O   . HOH C 3 .   ? 3.595   17.164  1.593   1.00 17.60 ? 476 HOH A O   1 
HETATM 1330 O O   . HOH C 3 .   ? -16.242 2.200   2.766   1.00 26.43 ? 477 HOH A O   1 
HETATM 1331 O O   . HOH C 3 .   ? -10.939 11.947  10.680  1.00 28.10 ? 478 HOH A O   1 
HETATM 1332 O O   . HOH C 3 .   ? -13.271 -11.315 -9.466  1.00 22.36 ? 479 HOH A O   1 
HETATM 1333 O O   . HOH C 3 .   ? -16.267 -6.239  -10.001 1.00 38.63 ? 480 HOH A O   1 
HETATM 1334 O O   . HOH C 3 .   ? -9.182  1.003   14.505  1.00 5.30  ? 481 HOH A O   1 
HETATM 1335 O O   . HOH C 3 .   ? -2.600  9.226   16.727  1.00 19.66 ? 482 HOH A O   1 
HETATM 1336 O O   . HOH C 3 .   ? 6.732   -1.748  -18.873 1.00 46.28 ? 483 HOH A O   1 
HETATM 1337 O O   . HOH C 3 .   ? 4.503   14.356  -6.219  1.00 23.35 ? 484 HOH A O   1 
HETATM 1338 O O   . HOH C 3 .   ? -16.264 -4.885  -5.944  1.00 18.62 ? 485 HOH A O   1 
HETATM 1339 O O   . HOH C 3 .   ? -13.956 -1.876  -3.734  1.00 31.00 ? 486 HOH A O   1 
HETATM 1340 O O   . HOH C 3 .   ? -18.428 4.797   9.888   1.00 28.62 ? 487 HOH A O   1 
HETATM 1341 O O   . HOH C 3 .   ? -13.071 -1.740  -6.640  1.00 33.59 ? 488 HOH A O   1 
HETATM 1342 O O   . HOH C 3 .   ? 10.703  -6.928  18.486  1.00 32.26 ? 489 HOH A O   1 
HETATM 1343 O O   . HOH C 3 .   ? -18.014 2.461   11.455  1.00 31.08 ? 490 HOH A O   1 
HETATM 1344 O O   . HOH C 3 .   ? 0.109   -5.261  20.420  0.50 13.34 ? 491 HOH A O   1 
HETATM 1345 O O   . HOH C 3 .   ? -6.529  9.086   -9.809  1.00 26.63 ? 492 HOH A O   1 
HETATM 1346 O O   . HOH C 3 .   ? 11.767  -2.106  20.475  1.00 14.02 ? 493 HOH A O   1 
HETATM 1347 O O   . HOH C 3 .   ? -0.053  16.799  14.085  1.00 37.31 ? 494 HOH A O   1 
HETATM 1348 O O   . HOH C 3 .   ? 3.361   14.139  -8.601  1.00 17.24 ? 495 HOH A O   1 
HETATM 1349 O O   . HOH C 3 .   ? -13.274 11.118  -4.176  1.00 29.48 ? 496 HOH A O   1 
HETATM 1350 O O   . HOH C 3 .   ? -1.818  -12.515 11.938  1.00 23.32 ? 497 HOH A O   1 
HETATM 1351 O O   . HOH C 3 .   ? 9.505   -8.968  18.594  1.00 34.66 ? 498 HOH A O   1 
HETATM 1352 O O   . HOH C 3 .   ? -4.763  -12.916 7.434   1.00 21.10 ? 499 HOH A O   1 
HETATM 1353 O O   . HOH C 3 .   ? -10.141 2.992   16.501  1.00 27.10 ? 500 HOH A O   1 
HETATM 1354 O O   . HOH C 3 .   ? -1.685  -14.622 9.037   1.00 29.10 ? 501 HOH A O   1 
HETATM 1355 O O   . HOH C 3 .   ? -9.636  -3.977  17.790  1.00 32.05 ? 502 HOH A O   1 
HETATM 1356 O O   . HOH C 3 .   ? 15.280  5.719   13.647  1.00 31.41 ? 503 HOH A O   1 
HETATM 1357 O O   . HOH C 3 .   ? 7.455   16.244  -8.626  1.00 29.55 ? 504 HOH A O   1 
HETATM 1358 O O   . HOH C 3 .   ? 12.199  -4.438  18.800  1.00 35.40 ? 505 HOH A O   1 
HETATM 1359 O O   . HOH C 3 .   ? 3.340   18.244  4.332   1.00 30.20 ? 506 HOH A O   1 
HETATM 1360 O O   . HOH C 3 .   ? 10.093  15.128  -8.252  1.00 34.77 ? 507 HOH A O   1 
HETATM 1361 O O   . HOH C 3 .   ? 0.608   -7.107  21.677  1.00 19.16 ? 508 HOH A O   1 
HETATM 1362 O O   . HOH C 3 .   ? 3.010   -9.104  20.864  1.00 28.56 ? 509 HOH A O   1 
HETATM 1363 O O   . HOH C 3 .   ? 11.655  -7.525  21.124  1.00 32.51 ? 510 HOH A O   1 
HETATM 1364 O O   . HOH C 3 .   ? 14.891  -5.434  19.774  1.00 35.53 ? 511 HOH A O   1 
# 
